data_8XI3
#
_entry.id   8XI3
#
_cell.length_a   1.00
_cell.length_b   1.00
_cell.length_c   1.00
_cell.angle_alpha   90.00
_cell.angle_beta   90.00
_cell.angle_gamma   90.00
#
_symmetry.space_group_name_H-M   'P 1'
#
loop_
_entity.id
_entity.type
_entity.pdbx_description
1 polymer '14-3-3 protein gamma'
2 polymer 'NACHT, LRR and PYD domains-containing protein 5'
3 polymer 'Transducin-like enhancer protein 6'
4 polymer 'Oocyte-expressed protein homolog'
#
loop_
_entity_poly.entity_id
_entity_poly.type
_entity_poly.pdbx_seq_one_letter_code
_entity_poly.pdbx_strand_id
1 'polypeptide(L)'
;MVDREQLVQKARLAEQAERYDDMAAAMKNVTELNEPLSNEERNLLSVAYKNVVGARRSSWRVISSIEQKTSADGNEKKIE
MVRAYREKIEKELEAVCQDVLSLLDNYLIKNCSETQYESKVFYLKMKGDYYRYLAEVATGEKRATVVESSEKAYSEAHEI
SKEHMQPTHPIRLGLALNYSVFYYEIQNAPEQACHLAKTAFDDAIAELDTLNEDSYKDSTLIMQLLRDNLTLWTSDQQDD
DGGEGNN
;
F,D
2 'polypeptide(L)'
;MGPPEKDSKAILKARGLEEEQKSESTMSPSENVSRAILKDSGSEEVEQASERKMTSPENDSKSIQKDQGPEQEQTSETLQ
SKEEDEVTEADKDNGGDLQDYKAHVIAKFDTSVDLHYDSPEMKLLSDAFKPYQKTFQPHTIILHGRPGVGKSALARSIVL
GWAQGKLFQKMSFVIFFSVREIKWTEKSSLAQLIAKECPDSWDLVTKIMSQPERLLFVIDGLDDMDSVLQHDDMTLSRDW
KDEQPIYILMYSLLRKALLPQSFLIITTRNTGLEKLKSMVVSPLYILVEGLSASRRSQLVLENISNESDRIQVFHSLIEN
HQLFDQCQAPSVCSLVCEALQLQKKLGKRCTLPCQTLTGLYATLVFHQLTLKRPSQSALSQEEQITLVGLCMMAAEGVWT
MRSVFYDDDLKNYSLKESEILALFHMNILLQVGHNSEQCYVFSHLSLQDFFAALYYVLEGLEEWNQHFCFIENQRSIMEV
KRTDDTRLLGMKRFLFGLMNKDILKTLEVLFEYPVIPTVEQKLQHWVSLIAQQVNGTSPMDTLDAFYCLFESQDEEFVGG
ALKRFQEVWLLINQKMDLKVSSYCLKHCQNLKAIRVDIRDLLSVDNTLELCPVVTVQETQCKPLLMEWWGNFCSVLGSLR
NLKELDLGDSILSQRAMKILCLELRNQSCRIQKLTFKSAEVVSGLKHLWKLLFSNQNLKYLNLGNTPMKDDDMKLACEAL
KHPKCSVETLRLDSCELTIIGYEMISTLLISTTRLKCLSLAKNRVGVKSMISLGNALSSSMCLLQKLILDNCGLTPASCH
LLVSALFSNQNLTHLCLSNNSLGTEGVQQLCQFLRNPECALQRLILNHCNIVDDAYGFLAMRLANNTKLTHLSLTMNPVG
DGAMKLLCEALKEPTCYLQELELVDCQLTQNCCEDLACMITTTKHLKSLDLGNNALGDKGVITLCEGLKQSSSSLRRLGL
GACKLTSNCCEALSLAISCNPHLNSLNLVKNDFSTSGMLKLCSAFQCPVSNLGIIGLWKQEYYARVRRQLEEVEFVKPHV
VIDGDWYASDEDDRNWWKN
;
A
3 'polypeptide(L)'
;MWSHPQFEKSGDEVDAGSGHIFSLAENFFQAIERFSRTPDLLERNKMSIGVGAEGDSWPCHVSHEAPMGSAQTTENSAKE
EDKQVPESAALQHPKFKSTPGPQLPTRRRFL(SEP)ESDELQDPQPVWDAEPQFCQGFLIQGLWELFMDSRQKNQQEHGG
EDSSQESKDSGLCDFKPEPQPRHRN(SEP)LSDSADPFLIKSPSALLDYYQEDVSRPQPETQESSGRADKFLKPLSWGSE
VLESSCNQPSTALWQLERFTVPQALQKVRVLKHQELLLVVAVSSFTRHVFTCSQSGIKVWNLVNQVAEDRDPESHLKCSV
QDNKVYLRTCLLSSNSRTLFAGGYNLPGVIVWDLAAPSLYEKCQLPCEGLSCQALANTKENMALAGFTDGTVRIWDLRTQ
EIVRNLKGPTNSARNLVVKDDNIWTGGLDACLRCWDLRMAKVSLEHLFQSQIMSLAHSPTEDWLLLGLANGQHCLFNSRK
RDQVLTVDTKDNTILGLKFSPNGKWWASVGMGNFITVHSMPTGAKLFQVPEVGPVRCFDMTENGRLIITGSRDCASVYHI
KY
;
B
4 'polypeptide(L)'
;MASHTADADAKPDSDSQKLLNVLPVSLRLRTRPWWFPIQEVSNPLVLYMEAWVAERVIGTDQAEISEIEWMCQALLTVDS
VNSGNLAEITIFGQPSAQTRMKNILLNMAAWHKENELQRAVKVKEVEEFLKIRASSILSKLSKKGLKLAGFPLPLEGRET
QMESLEWSHPQFEK
;
C
#
# COMPACT_ATOMS: atom_id res chain seq x y z
N VAL A 2 -23.07 -45.88 42.81
CA VAL A 2 -22.04 -44.89 42.53
C VAL A 2 -21.61 -45.13 41.08
N ASP A 3 -20.49 -45.84 40.90
CA ASP A 3 -20.05 -46.48 39.65
C ASP A 3 -20.33 -45.59 38.43
N ARG A 4 -20.98 -46.10 37.37
CA ARG A 4 -20.84 -45.53 36.04
C ARG A 4 -21.49 -44.16 35.93
N GLU A 5 -22.59 -43.92 36.66
CA GLU A 5 -23.20 -42.61 36.62
C GLU A 5 -22.26 -41.54 37.17
N GLN A 6 -21.66 -41.83 38.33
CA GLN A 6 -20.69 -40.92 38.91
C GLN A 6 -19.50 -40.72 37.98
N LEU A 7 -19.02 -41.80 37.36
CA LEU A 7 -17.91 -41.64 36.41
C LEU A 7 -18.32 -40.77 35.22
N VAL A 8 -19.58 -40.88 34.79
CA VAL A 8 -20.05 -40.09 33.65
C VAL A 8 -20.05 -38.61 34.01
N GLN A 9 -20.60 -38.26 35.16
CA GLN A 9 -20.58 -36.83 35.51
C GLN A 9 -19.18 -36.36 35.85
N LYS A 10 -18.31 -37.26 36.32
CA LYS A 10 -16.90 -36.90 36.48
C LYS A 10 -16.26 -36.56 35.16
N ALA A 11 -16.56 -37.34 34.11
CA ALA A 11 -16.06 -37.02 32.79
C ALA A 11 -16.62 -35.70 32.29
N ARG A 12 -17.89 -35.42 32.59
CA ARG A 12 -18.46 -34.13 32.21
C ARG A 12 -17.70 -32.99 32.88
N LEU A 13 -17.41 -33.14 34.18
CA LEU A 13 -16.66 -32.11 34.90
C LEU A 13 -15.27 -31.93 34.31
N ALA A 14 -14.60 -33.04 33.99
CA ALA A 14 -13.26 -32.95 33.40
C ALA A 14 -13.31 -32.25 32.05
N GLU A 15 -14.33 -32.54 31.25
CA GLU A 15 -14.47 -31.85 29.97
C GLU A 15 -14.68 -30.36 30.17
N GLN A 16 -15.49 -29.98 31.15
CA GLN A 16 -15.75 -28.56 31.37
C GLN A 16 -14.49 -27.86 31.89
N ALA A 17 -13.68 -28.56 32.67
CA ALA A 17 -12.46 -27.99 33.22
C ALA A 17 -11.26 -28.12 32.30
N GLU A 18 -11.41 -28.79 31.16
CA GLU A 18 -10.36 -28.92 30.15
C GLU A 18 -9.17 -29.74 30.68
N ARG A 19 -9.47 -30.92 31.20
CA ARG A 19 -8.46 -31.90 31.61
C ARG A 19 -8.82 -33.23 30.97
N TYR A 20 -8.38 -33.44 29.74
CA TYR A 20 -8.84 -34.57 28.94
C TYR A 20 -8.27 -35.90 29.39
N ASP A 21 -7.12 -35.90 30.08
CA ASP A 21 -6.61 -37.15 30.61
C ASP A 21 -7.55 -37.76 31.64
N ASP A 22 -8.15 -36.91 32.48
CA ASP A 22 -9.14 -37.38 33.44
C ASP A 22 -10.36 -37.96 32.73
N MET A 23 -10.83 -37.30 31.68
CA MET A 23 -11.92 -37.85 30.88
C MET A 23 -11.57 -39.22 30.33
N ALA A 24 -10.37 -39.35 29.77
CA ALA A 24 -9.96 -40.61 29.17
C ALA A 24 -9.92 -41.71 30.22
N ALA A 25 -9.35 -41.43 31.39
CA ALA A 25 -9.30 -42.45 32.44
C ALA A 25 -10.71 -42.84 32.88
N ALA A 26 -11.57 -41.85 33.08
CA ALA A 26 -12.92 -42.11 33.57
C ALA A 26 -13.71 -42.96 32.58
N MET A 27 -13.61 -42.65 31.29
CA MET A 27 -14.44 -43.38 30.35
C MET A 27 -13.82 -44.70 29.93
N LYS A 28 -12.49 -44.85 30.03
CA LYS A 28 -11.93 -46.19 29.97
C LYS A 28 -12.50 -47.05 31.09
N ASN A 29 -12.59 -46.47 32.29
CA ASN A 29 -13.19 -47.18 33.41
C ASN A 29 -14.64 -47.54 33.12
N VAL A 30 -15.41 -46.60 32.56
CA VAL A 30 -16.82 -46.85 32.25
C VAL A 30 -16.95 -48.00 31.26
N THR A 31 -16.18 -47.95 30.17
CA THR A 31 -16.27 -48.96 29.13
C THR A 31 -15.88 -50.33 29.67
N GLU A 32 -14.82 -50.40 30.47
CA GLU A 32 -14.44 -51.69 31.04
C GLU A 32 -15.47 -52.18 32.05
N LEU A 33 -16.15 -51.26 32.73
CA LEU A 33 -17.11 -51.66 33.76
C LEU A 33 -18.38 -52.22 33.14
N ASN A 34 -18.91 -51.57 32.11
CA ASN A 34 -20.18 -52.01 31.53
C ASN A 34 -20.03 -52.25 30.03
N GLU A 35 -20.74 -53.27 29.55
CA GLU A 35 -20.68 -53.60 28.13
C GLU A 35 -21.42 -52.59 27.25
N PRO A 36 -22.69 -52.26 27.50
CA PRO A 36 -23.37 -51.30 26.62
C PRO A 36 -22.87 -49.88 26.85
N LEU A 37 -23.10 -49.04 25.85
CA LEU A 37 -22.74 -47.63 25.92
C LEU A 37 -23.83 -46.80 25.27
N SER A 38 -23.94 -45.54 25.71
CA SER A 38 -24.97 -44.65 25.22
C SER A 38 -24.38 -43.67 24.21
N ASN A 39 -25.25 -42.87 23.58
CA ASN A 39 -24.85 -41.92 22.55
C ASN A 39 -23.94 -40.83 23.09
N GLU A 40 -24.35 -40.15 24.15
CA GLU A 40 -23.53 -39.09 24.73
C GLU A 40 -22.23 -39.66 25.29
N GLU A 41 -22.30 -40.84 25.90
CA GLU A 41 -21.09 -41.47 26.44
C GLU A 41 -20.10 -41.79 25.33
N ARG A 42 -20.59 -42.32 24.20
CA ARG A 42 -19.68 -42.59 23.10
C ARG A 42 -19.12 -41.30 22.51
N ASN A 43 -19.93 -40.25 22.45
CA ASN A 43 -19.44 -38.98 21.93
C ASN A 43 -18.31 -38.41 22.80
N LEU A 44 -18.50 -38.43 24.11
CA LEU A 44 -17.46 -37.90 25.00
C LEU A 44 -16.22 -38.79 25.00
N LEU A 45 -16.43 -40.11 24.89
CA LEU A 45 -15.30 -41.02 24.77
C LEU A 45 -14.48 -40.72 23.52
N SER A 46 -15.16 -40.42 22.42
CA SER A 46 -14.45 -39.98 21.22
C SER A 46 -13.69 -38.69 21.48
N VAL A 47 -14.34 -37.72 22.11
CA VAL A 47 -13.77 -36.37 22.23
C VAL A 47 -12.49 -36.39 23.06
N ALA A 48 -12.51 -37.11 24.19
CA ALA A 48 -11.36 -37.08 25.09
C ALA A 48 -10.10 -37.62 24.41
N TYR A 49 -10.18 -38.82 23.85
CA TYR A 49 -9.04 -39.40 23.18
C TYR A 49 -8.65 -38.61 21.94
N LYS A 50 -9.63 -38.01 21.26
CA LYS A 50 -9.31 -37.17 20.11
C LYS A 50 -8.42 -36.01 20.54
N ASN A 51 -8.77 -35.34 21.64
CA ASN A 51 -7.96 -34.22 22.09
C ASN A 51 -6.57 -34.66 22.52
N VAL A 52 -6.48 -35.78 23.24
CA VAL A 52 -5.17 -36.27 23.69
C VAL A 52 -4.27 -36.56 22.51
N VAL A 53 -4.78 -37.34 21.56
CA VAL A 53 -3.97 -37.74 20.41
C VAL A 53 -3.64 -36.53 19.55
N GLY A 54 -4.55 -35.56 19.45
CA GLY A 54 -4.25 -34.36 18.69
C GLY A 54 -3.09 -33.58 19.28
N ALA A 55 -3.07 -33.45 20.61
CA ALA A 55 -1.95 -32.76 21.25
C ALA A 55 -0.64 -33.48 20.97
N ARG A 56 -0.62 -34.81 21.16
CA ARG A 56 0.62 -35.54 20.91
C ARG A 56 1.05 -35.44 19.45
N ARG A 57 0.09 -35.51 18.52
CA ARG A 57 0.42 -35.43 17.11
C ARG A 57 1.02 -34.09 16.74
N SER A 58 0.44 -33.00 17.27
CA SER A 58 1.00 -31.69 16.97
C SER A 58 2.43 -31.57 17.50
N SER A 59 2.67 -32.05 18.72
CA SER A 59 4.02 -32.01 19.26
C SER A 59 4.98 -32.81 18.39
N TRP A 60 4.57 -34.01 17.98
CA TRP A 60 5.43 -34.84 17.15
C TRP A 60 5.73 -34.18 15.82
N ARG A 61 4.73 -33.55 15.21
CA ARG A 61 4.94 -32.90 13.93
C ARG A 61 5.95 -31.77 14.04
N VAL A 62 5.82 -30.94 15.08
CA VAL A 62 6.78 -29.85 15.24
C VAL A 62 8.18 -30.38 15.47
N ILE A 63 8.32 -31.41 16.31
CA ILE A 63 9.65 -31.94 16.61
C ILE A 63 10.25 -32.58 15.37
N SER A 64 9.45 -33.29 14.58
CA SER A 64 9.97 -33.91 13.36
C SER A 64 10.39 -32.86 12.35
N SER A 65 9.65 -31.76 12.25
CA SER A 65 10.06 -30.67 11.36
C SER A 65 11.40 -30.10 11.81
N ILE A 66 11.57 -29.90 13.12
CA ILE A 66 12.85 -29.38 13.62
C ILE A 66 13.98 -30.35 13.32
N GLU A 67 13.74 -31.65 13.52
CA GLU A 67 14.75 -32.65 13.22
C GLU A 67 15.15 -32.62 11.75
N GLN A 68 14.17 -32.57 10.86
CA GLN A 68 14.46 -32.55 9.43
C GLN A 68 15.24 -31.30 9.05
N LYS A 69 14.88 -30.15 9.64
CA LYS A 69 15.60 -28.92 9.35
C LYS A 69 17.04 -29.00 9.84
N THR A 70 17.26 -29.56 11.03
CA THR A 70 18.58 -29.61 11.63
C THR A 70 19.49 -30.67 11.00
N SER A 71 18.91 -31.74 10.44
CA SER A 71 19.72 -32.86 9.96
C SER A 71 20.70 -32.44 8.86
N ALA A 72 20.47 -31.30 8.21
CA ALA A 72 21.40 -30.82 7.19
C ALA A 72 22.78 -30.56 7.77
N ASP A 73 22.84 -29.95 8.96
CA ASP A 73 24.14 -29.63 9.56
C ASP A 73 24.90 -30.88 9.95
N GLY A 74 24.21 -31.90 10.47
CA GLY A 74 24.88 -33.14 10.79
C GLY A 74 25.71 -33.13 12.06
N ASN A 75 25.41 -32.24 13.00
CA ASN A 75 26.10 -32.25 14.28
C ASN A 75 25.76 -33.53 15.03
N GLU A 76 26.79 -34.24 15.49
CA GLU A 76 26.59 -35.56 16.07
C GLU A 76 26.02 -35.52 17.49
N LYS A 77 26.03 -34.37 18.15
CA LYS A 77 25.53 -34.28 19.53
C LYS A 77 24.11 -33.77 19.62
N LYS A 78 23.74 -32.77 18.84
CA LYS A 78 22.36 -32.26 18.85
C LYS A 78 21.40 -33.27 18.23
N ILE A 79 21.84 -33.94 17.17
CA ILE A 79 20.98 -34.91 16.49
C ILE A 79 20.59 -36.03 17.43
N GLU A 80 21.52 -36.50 18.26
CA GLU A 80 21.22 -37.59 19.18
C GLU A 80 20.09 -37.22 20.13
N MET A 81 20.19 -36.03 20.74
CA MET A 81 19.15 -35.62 21.69
C MET A 81 17.82 -35.37 20.99
N VAL A 82 17.84 -34.78 19.78
CA VAL A 82 16.59 -34.53 19.08
C VAL A 82 15.92 -35.85 18.72
N ARG A 83 16.70 -36.82 18.24
CA ARG A 83 16.15 -38.12 17.92
C ARG A 83 15.58 -38.81 19.15
N ALA A 84 16.31 -38.76 20.27
CA ALA A 84 15.81 -39.41 21.48
C ALA A 84 14.49 -38.79 21.93
N TYR A 85 14.39 -37.46 21.86
CA TYR A 85 13.15 -36.78 22.25
C TYR A 85 12.01 -37.16 21.32
N ARG A 86 12.28 -37.24 20.02
CA ARG A 86 11.24 -37.62 19.07
C ARG A 86 10.78 -39.06 19.31
N GLU A 87 11.71 -39.96 19.64
CA GLU A 87 11.31 -41.33 19.97
C GLU A 87 10.49 -41.37 21.24
N LYS A 88 10.80 -40.53 22.21
CA LYS A 88 9.99 -40.47 23.43
C LYS A 88 8.54 -40.07 23.10
N ILE A 89 8.39 -39.02 22.29
CA ILE A 89 7.05 -38.60 21.88
C ILE A 89 6.35 -39.71 21.12
N GLU A 90 7.08 -40.40 20.24
CA GLU A 90 6.48 -41.48 19.45
C GLU A 90 6.00 -42.61 20.34
N LYS A 91 6.79 -42.97 21.36
CA LYS A 91 6.35 -44.02 22.27
C LYS A 91 5.08 -43.61 23.01
N GLU A 92 5.01 -42.35 23.45
CA GLU A 92 3.78 -41.88 24.10
C GLU A 92 2.57 -42.03 23.17
N LEU A 93 2.72 -41.53 21.94
CA LEU A 93 1.60 -41.57 20.99
C LEU A 93 1.19 -43.00 20.68
N GLU A 94 2.17 -43.88 20.48
CA GLU A 94 1.88 -45.28 20.16
C GLU A 94 1.17 -45.96 21.33
N ALA A 95 1.59 -45.68 22.56
CA ALA A 95 0.92 -46.27 23.71
C ALA A 95 -0.53 -45.82 23.78
N VAL A 96 -0.80 -44.53 23.55
CA VAL A 96 -2.17 -44.04 23.59
C VAL A 96 -3.01 -44.73 22.52
N CYS A 97 -2.48 -44.81 21.29
CA CYS A 97 -3.23 -45.41 20.20
C CYS A 97 -3.51 -46.87 20.45
N GLN A 98 -2.52 -47.61 20.97
CA GLN A 98 -2.73 -49.02 21.27
C GLN A 98 -3.76 -49.20 22.37
N ASP A 99 -3.76 -48.33 23.38
CA ASP A 99 -4.77 -48.43 24.43
C ASP A 99 -6.16 -48.25 23.83
N VAL A 100 -6.33 -47.25 22.97
CA VAL A 100 -7.63 -47.01 22.35
C VAL A 100 -8.05 -48.22 21.53
N LEU A 101 -7.14 -48.76 20.72
CA LEU A 101 -7.49 -49.87 19.84
C LEU A 101 -7.83 -51.13 20.63
N SER A 102 -7.07 -51.40 21.70
CA SER A 102 -7.38 -52.56 22.53
C SER A 102 -8.73 -52.41 23.18
N LEU A 103 -9.05 -51.21 23.67
CA LEU A 103 -10.37 -50.97 24.24
C LEU A 103 -11.47 -51.23 23.22
N LEU A 104 -11.31 -50.67 22.01
CA LEU A 104 -12.31 -50.87 20.96
C LEU A 104 -12.51 -52.34 20.67
N ASP A 105 -11.42 -53.06 20.42
CA ASP A 105 -11.51 -54.47 20.06
C ASP A 105 -12.17 -55.27 21.17
N ASN A 106 -11.71 -55.10 22.41
CA ASN A 106 -12.18 -55.95 23.49
C ASN A 106 -13.60 -55.62 23.96
N TYR A 107 -14.07 -54.39 23.77
CA TYR A 107 -15.39 -54.15 24.35
C TYR A 107 -16.39 -53.54 23.38
N LEU A 108 -15.97 -52.66 22.47
CA LEU A 108 -16.95 -51.90 21.70
C LEU A 108 -17.44 -52.69 20.50
N ILE A 109 -16.54 -53.29 19.72
CA ILE A 109 -16.94 -54.08 18.57
C ILE A 109 -17.68 -55.35 19.01
N LYS A 110 -17.15 -56.03 20.02
CA LYS A 110 -17.68 -57.35 20.38
C LYS A 110 -19.12 -57.26 20.87
N ASN A 111 -19.44 -56.26 21.68
CA ASN A 111 -20.77 -56.18 22.27
C ASN A 111 -21.83 -55.63 21.33
N CYS A 112 -21.45 -55.12 20.16
CA CYS A 112 -22.43 -54.63 19.21
C CYS A 112 -23.18 -55.81 18.60
N SER A 113 -24.51 -55.70 18.55
CA SER A 113 -25.33 -56.74 17.97
C SER A 113 -25.59 -56.42 16.49
N GLU A 114 -26.38 -57.27 15.83
CA GLU A 114 -26.66 -57.08 14.41
C GLU A 114 -27.52 -55.84 14.17
N THR A 115 -28.53 -55.61 15.01
CA THR A 115 -29.48 -54.53 14.76
C THR A 115 -28.78 -53.17 14.81
N GLN A 116 -27.87 -52.97 15.77
CA GLN A 116 -27.19 -51.68 15.87
C GLN A 116 -26.32 -51.45 14.66
N TYR A 117 -26.47 -50.28 14.04
CA TYR A 117 -25.71 -49.92 12.86
C TYR A 117 -24.90 -48.65 13.06
N GLU A 118 -25.49 -47.65 13.73
CA GLU A 118 -24.75 -46.43 14.04
C GLU A 118 -23.54 -46.73 14.90
N SER A 119 -23.72 -47.58 15.92
CA SER A 119 -22.60 -47.94 16.79
C SER A 119 -21.51 -48.65 16.02
N LYS A 120 -21.89 -49.60 15.15
CA LYS A 120 -20.89 -50.34 14.38
C LYS A 120 -20.10 -49.41 13.47
N VAL A 121 -20.81 -48.52 12.76
CA VAL A 121 -20.14 -47.60 11.86
C VAL A 121 -19.22 -46.67 12.64
N PHE A 122 -19.69 -46.13 13.76
CA PHE A 122 -18.89 -45.22 14.56
C PHE A 122 -17.63 -45.89 15.07
N TYR A 123 -17.76 -47.09 15.60
CA TYR A 123 -16.60 -47.75 16.20
C TYR A 123 -15.61 -48.19 15.12
N LEU A 124 -16.10 -48.65 13.96
CA LEU A 124 -15.18 -49.01 12.90
C LEU A 124 -14.47 -47.77 12.35
N LYS A 125 -15.17 -46.65 12.26
CA LYS A 125 -14.51 -45.41 11.85
C LYS A 125 -13.43 -45.01 12.84
N MET A 126 -13.70 -45.15 14.14
CA MET A 126 -12.69 -44.85 15.14
C MET A 126 -11.49 -45.77 15.00
N LYS A 127 -11.74 -47.06 14.77
CA LYS A 127 -10.64 -48.01 14.61
C LYS A 127 -9.77 -47.63 13.41
N GLY A 128 -10.41 -47.28 12.29
CA GLY A 128 -9.66 -46.84 11.13
C GLY A 128 -8.85 -45.60 11.40
N ASP A 129 -9.45 -44.63 12.11
CA ASP A 129 -8.74 -43.39 12.42
C ASP A 129 -7.51 -43.66 13.27
N TYR A 130 -7.63 -44.51 14.28
CA TYR A 130 -6.49 -44.73 15.16
C TYR A 130 -5.41 -45.58 14.49
N TYR A 131 -5.81 -46.52 13.64
CA TYR A 131 -4.80 -47.22 12.84
C TYR A 131 -4.08 -46.27 11.90
N ARG A 132 -4.79 -45.32 11.32
CA ARG A 132 -4.14 -44.31 10.49
C ARG A 132 -3.17 -43.46 11.31
N TYR A 133 -3.57 -43.09 12.52
CA TYR A 133 -2.68 -42.32 13.40
C TYR A 133 -1.42 -43.09 13.70
N LEU A 134 -1.54 -44.40 13.95
CA LEU A 134 -0.35 -45.23 14.12
C LEU A 134 0.48 -45.27 12.84
N ALA A 135 -0.20 -45.30 11.68
CA ALA A 135 0.50 -45.46 10.42
C ALA A 135 1.33 -44.25 10.07
N GLU A 136 0.85 -43.05 10.36
CA GLU A 136 1.57 -41.85 9.89
C GLU A 136 2.89 -41.61 10.61
N VAL A 137 3.36 -42.52 11.46
CA VAL A 137 4.63 -42.35 12.15
C VAL A 137 5.51 -43.57 11.96
N ALA A 138 4.98 -44.61 11.33
CA ALA A 138 5.69 -45.88 11.17
C ALA A 138 6.40 -45.93 9.82
N THR A 139 7.34 -46.86 9.72
CA THR A 139 8.11 -47.08 8.50
C THR A 139 8.35 -48.56 8.30
N GLY A 140 8.16 -49.03 7.06
CA GLY A 140 8.46 -50.40 6.72
C GLY A 140 7.28 -51.34 6.79
N GLU A 141 7.55 -52.61 7.08
CA GLU A 141 6.48 -53.59 7.20
C GLU A 141 5.52 -53.24 8.33
N LYS A 142 6.05 -52.62 9.40
CA LYS A 142 5.18 -52.12 10.46
C LYS A 142 4.20 -51.09 9.93
N ARG A 143 4.66 -50.22 9.02
CA ARG A 143 3.75 -49.29 8.39
C ARG A 143 2.76 -50.00 7.49
N ALA A 144 3.21 -51.02 6.76
CA ALA A 144 2.32 -51.72 5.83
C ALA A 144 1.18 -52.42 6.58
N THR A 145 1.50 -53.05 7.71
CA THR A 145 0.48 -53.77 8.47
C THR A 145 -0.62 -52.84 8.96
N VAL A 146 -0.23 -51.72 9.57
CA VAL A 146 -1.24 -50.79 10.06
C VAL A 146 -2.00 -50.16 8.90
N VAL A 147 -1.33 -49.90 7.77
CA VAL A 147 -2.04 -49.31 6.63
C VAL A 147 -3.11 -50.27 6.12
N GLU A 148 -2.79 -51.55 5.97
CA GLU A 148 -3.78 -52.49 5.47
C GLU A 148 -4.91 -52.69 6.47
N SER A 149 -4.59 -52.73 7.77
CA SER A 149 -5.66 -52.87 8.77
C SER A 149 -6.58 -51.66 8.75
N SER A 150 -6.01 -50.45 8.64
CA SER A 150 -6.82 -49.25 8.57
C SER A 150 -7.72 -49.25 7.35
N GLU A 151 -7.18 -49.65 6.19
CA GLU A 151 -7.98 -49.68 4.97
C GLU A 151 -9.12 -50.69 5.11
N LYS A 152 -8.83 -51.86 5.69
CA LYS A 152 -9.86 -52.87 5.86
C LYS A 152 -10.99 -52.36 6.75
N ALA A 153 -10.65 -51.77 7.90
CA ALA A 153 -11.69 -51.25 8.78
C ALA A 153 -12.48 -50.13 8.12
N TYR A 154 -11.80 -49.23 7.42
CA TYR A 154 -12.47 -48.12 6.76
C TYR A 154 -13.46 -48.63 5.72
N SER A 155 -13.05 -49.59 4.90
CA SER A 155 -13.95 -50.11 3.86
C SER A 155 -15.13 -50.86 4.47
N GLU A 156 -14.87 -51.65 5.52
CA GLU A 156 -15.95 -52.38 6.16
C GLU A 156 -16.99 -51.43 6.73
N ALA A 157 -16.55 -50.32 7.31
CA ALA A 157 -17.50 -49.32 7.79
C ALA A 157 -18.21 -48.61 6.65
N HIS A 158 -17.46 -48.30 5.58
CA HIS A 158 -18.02 -47.52 4.47
C HIS A 158 -19.15 -48.27 3.78
N GLU A 159 -19.00 -49.58 3.62
CA GLU A 159 -20.04 -50.35 2.95
C GLU A 159 -21.37 -50.22 3.69
N ILE A 160 -21.36 -50.48 5.00
CA ILE A 160 -22.58 -50.41 5.80
C ILE A 160 -23.13 -48.99 5.80
N SER A 161 -22.25 -47.99 5.95
CA SER A 161 -22.72 -46.62 5.96
C SER A 161 -23.43 -46.27 4.66
N LYS A 162 -22.83 -46.62 3.52
CA LYS A 162 -23.40 -46.25 2.23
C LYS A 162 -24.66 -47.04 1.88
N GLU A 163 -24.82 -48.25 2.40
CA GLU A 163 -26.01 -49.02 2.07
C GLU A 163 -27.06 -49.02 3.18
N HIS A 164 -26.84 -48.26 4.26
CA HIS A 164 -27.97 -48.11 5.19
C HIS A 164 -28.27 -46.67 5.57
N MET A 165 -27.26 -45.80 5.65
CA MET A 165 -27.45 -44.46 6.19
C MET A 165 -27.79 -43.48 5.08
N GLN A 166 -28.57 -42.47 5.43
CA GLN A 166 -28.85 -41.40 4.48
C GLN A 166 -27.59 -40.57 4.26
N PRO A 167 -27.38 -40.07 3.04
CA PRO A 167 -26.15 -39.33 2.75
C PRO A 167 -25.94 -38.11 3.62
N THR A 168 -27.00 -37.52 4.16
CA THR A 168 -26.88 -36.31 4.96
C THR A 168 -26.53 -36.59 6.42
N HIS A 169 -26.41 -37.85 6.81
CA HIS A 169 -26.08 -38.17 8.20
C HIS A 169 -24.67 -37.66 8.52
N PRO A 170 -24.49 -36.99 9.66
CA PRO A 170 -23.14 -36.51 10.01
C PRO A 170 -22.12 -37.61 10.15
N ILE A 171 -22.50 -38.77 10.66
CA ILE A 171 -21.54 -39.87 10.80
C ILE A 171 -21.08 -40.34 9.43
N ARG A 172 -22.02 -40.51 8.50
CA ARG A 172 -21.65 -40.93 7.14
C ARG A 172 -20.79 -39.90 6.46
N LEU A 173 -21.13 -38.62 6.60
CA LEU A 173 -20.32 -37.57 5.99
C LEU A 173 -18.91 -37.54 6.56
N GLY A 174 -18.80 -37.67 7.89
CA GLY A 174 -17.47 -37.69 8.49
C GLY A 174 -16.65 -38.88 8.07
N LEU A 175 -17.30 -40.05 7.95
CA LEU A 175 -16.59 -41.22 7.46
C LEU A 175 -16.10 -41.02 6.05
N ALA A 176 -16.93 -40.41 5.19
CA ALA A 176 -16.49 -40.14 3.82
C ALA A 176 -15.30 -39.20 3.81
N LEU A 177 -15.34 -38.15 4.63
CA LEU A 177 -14.23 -37.20 4.68
C LEU A 177 -12.94 -37.88 5.14
N ASN A 178 -13.03 -38.68 6.21
CA ASN A 178 -11.85 -39.35 6.72
C ASN A 178 -11.30 -40.36 5.72
N TYR A 179 -12.18 -41.08 5.04
CA TYR A 179 -11.74 -42.06 4.06
C TYR A 179 -11.03 -41.38 2.89
N SER A 180 -11.58 -40.26 2.40
CA SER A 180 -10.93 -39.53 1.34
C SER A 180 -9.57 -39.00 1.77
N VAL A 181 -9.48 -38.49 3.00
CA VAL A 181 -8.18 -38.01 3.50
C VAL A 181 -7.19 -39.15 3.60
N PHE A 182 -7.64 -40.32 4.07
CA PHE A 182 -6.76 -41.48 4.14
C PHE A 182 -6.22 -41.84 2.76
N TYR A 183 -7.11 -41.91 1.76
CA TYR A 183 -6.67 -42.22 0.41
C TYR A 183 -5.64 -41.20 -0.08
N TYR A 184 -5.94 -39.91 0.10
CA TYR A 184 -5.06 -38.89 -0.45
C TYR A 184 -3.71 -38.83 0.26
N GLU A 185 -3.67 -39.10 1.56
CA GLU A 185 -2.47 -38.85 2.34
C GLU A 185 -1.64 -40.09 2.60
N ILE A 186 -2.25 -41.19 2.99
CA ILE A 186 -1.47 -42.34 3.42
C ILE A 186 -0.79 -43.01 2.23
N GLN A 187 -1.56 -43.56 1.30
CA GLN A 187 -0.90 -44.28 0.22
C GLN A 187 -0.87 -43.51 -1.10
N ASN A 188 -2.03 -43.31 -1.72
CA ASN A 188 -2.07 -42.65 -3.03
C ASN A 188 -3.52 -42.41 -3.48
N ALA A 189 -3.83 -41.18 -3.90
CA ALA A 189 -5.14 -40.93 -4.49
C ALA A 189 -5.16 -39.62 -5.25
N PRO A 190 -4.49 -39.55 -6.40
CA PRO A 190 -4.65 -38.35 -7.24
C PRO A 190 -6.08 -38.15 -7.72
N GLU A 191 -6.81 -39.24 -7.93
CA GLU A 191 -8.19 -39.14 -8.44
C GLU A 191 -9.18 -39.86 -7.53
N GLN A 192 -8.71 -40.86 -6.80
CA GLN A 192 -9.63 -41.67 -5.99
C GLN A 192 -10.26 -40.84 -4.88
N ALA A 193 -9.44 -40.11 -4.14
CA ALA A 193 -9.96 -39.28 -3.06
C ALA A 193 -10.86 -38.18 -3.60
N CYS A 194 -10.45 -37.54 -4.70
CA CYS A 194 -11.29 -36.50 -5.29
C CYS A 194 -12.64 -37.05 -5.70
N HIS A 195 -12.65 -38.24 -6.32
CA HIS A 195 -13.91 -38.85 -6.71
C HIS A 195 -14.80 -39.13 -5.50
N LEU A 196 -14.21 -39.73 -4.46
CA LEU A 196 -15.02 -40.08 -3.28
C LEU A 196 -15.60 -38.83 -2.62
N ALA A 197 -14.78 -37.79 -2.47
CA ALA A 197 -15.27 -36.54 -1.90
C ALA A 197 -16.35 -35.92 -2.77
N LYS A 198 -16.18 -35.99 -4.09
CA LYS A 198 -17.16 -35.40 -4.99
C LYS A 198 -18.52 -36.08 -4.87
N THR A 199 -18.52 -37.43 -4.87
CA THR A 199 -19.79 -38.13 -4.72
C THR A 199 -20.42 -37.87 -3.36
N ALA A 200 -19.61 -37.86 -2.30
CA ALA A 200 -20.18 -37.61 -0.97
C ALA A 200 -20.80 -36.23 -0.89
N PHE A 201 -20.10 -35.21 -1.41
CA PHE A 201 -20.63 -33.85 -1.38
C PHE A 201 -21.90 -33.73 -2.22
N ASP A 202 -21.92 -34.34 -3.40
CA ASP A 202 -23.09 -34.27 -4.26
C ASP A 202 -24.29 -34.95 -3.61
N ASP A 203 -24.08 -36.13 -3.03
CA ASP A 203 -25.17 -36.83 -2.37
C ASP A 203 -25.70 -36.02 -1.19
N ALA A 204 -24.80 -35.41 -0.41
CA ALA A 204 -25.24 -34.59 0.71
C ALA A 204 -26.02 -33.37 0.24
N ILE A 205 -25.55 -32.70 -0.81
CA ILE A 205 -26.17 -31.46 -1.24
C ILE A 205 -27.47 -31.70 -1.99
N ALA A 206 -27.66 -32.90 -2.54
CA ALA A 206 -28.88 -33.18 -3.28
C ALA A 206 -30.11 -33.13 -2.37
N GLU A 207 -30.00 -33.68 -1.17
CA GLU A 207 -31.17 -33.82 -0.30
C GLU A 207 -30.97 -33.11 1.04
N LEU A 208 -30.40 -31.91 0.99
CA LEU A 208 -30.11 -31.17 2.22
C LEU A 208 -31.35 -30.96 3.07
N ASP A 209 -32.53 -30.88 2.45
CA ASP A 209 -33.76 -30.69 3.23
C ASP A 209 -33.98 -31.83 4.22
N THR A 210 -33.36 -32.99 3.97
CA THR A 210 -33.51 -34.10 4.88
C THR A 210 -32.80 -33.85 6.22
N LEU A 211 -31.70 -33.09 6.21
CA LEU A 211 -30.96 -32.92 7.45
C LEU A 211 -31.69 -32.01 8.43
N ASN A 212 -32.70 -31.28 7.96
CA ASN A 212 -33.49 -30.38 8.80
C ASN A 212 -32.63 -29.44 9.60
N GLU A 213 -32.96 -29.22 10.87
CA GLU A 213 -32.21 -28.33 11.73
C GLU A 213 -31.46 -29.06 12.84
N ASP A 214 -31.82 -30.31 13.12
CA ASP A 214 -31.24 -31.03 14.24
C ASP A 214 -29.73 -31.19 14.09
N SER A 215 -29.26 -31.49 12.88
CA SER A 215 -27.84 -31.69 12.62
C SER A 215 -27.30 -30.65 11.63
N TYR A 216 -27.96 -29.49 11.58
CA TYR A 216 -27.55 -28.44 10.64
C TYR A 216 -26.09 -28.06 10.84
N LYS A 217 -25.69 -27.80 12.07
CA LYS A 217 -24.36 -27.27 12.34
C LYS A 217 -23.26 -28.23 11.92
N ASP A 218 -23.25 -29.45 12.47
CA ASP A 218 -22.17 -30.36 12.17
C ASP A 218 -22.22 -30.85 10.73
N SER A 219 -23.43 -31.04 10.19
CA SER A 219 -23.52 -31.44 8.79
C SER A 219 -22.94 -30.38 7.86
N THR A 220 -23.29 -29.11 8.09
CA THR A 220 -22.75 -28.04 7.25
C THR A 220 -21.25 -27.89 7.45
N LEU A 221 -20.77 -28.07 8.68
CA LEU A 221 -19.33 -27.98 8.92
C LEU A 221 -18.58 -29.06 8.15
N ILE A 222 -19.09 -30.30 8.19
CA ILE A 222 -18.42 -31.39 7.50
C ILE A 222 -18.47 -31.17 5.99
N MET A 223 -19.60 -30.68 5.48
CA MET A 223 -19.69 -30.39 4.05
C MET A 223 -18.72 -29.30 3.65
N GLN A 224 -18.55 -28.28 4.49
CA GLN A 224 -17.59 -27.22 4.22
C GLN A 224 -16.17 -27.77 4.17
N LEU A 225 -15.82 -28.64 5.11
CA LEU A 225 -14.49 -29.25 5.09
C LEU A 225 -14.29 -30.08 3.84
N LEU A 226 -15.31 -30.84 3.43
CA LEU A 226 -15.21 -31.64 2.22
C LEU A 226 -14.98 -30.75 1.01
N ARG A 227 -15.72 -29.66 0.91
CA ARG A 227 -15.54 -28.76 -0.23
C ARG A 227 -14.16 -28.13 -0.22
N ASP A 228 -13.66 -27.76 0.95
CA ASP A 228 -12.32 -27.17 1.03
C ASP A 228 -11.25 -28.16 0.57
N ASN A 229 -11.33 -29.40 1.06
CA ASN A 229 -10.36 -30.41 0.63
C ASN A 229 -10.45 -30.66 -0.87
N LEU A 230 -11.67 -30.74 -1.39
CA LEU A 230 -11.84 -30.98 -2.83
C LEU A 230 -11.26 -29.84 -3.65
N THR A 231 -11.50 -28.59 -3.24
CA THR A 231 -10.95 -27.47 -3.99
C THR A 231 -9.43 -27.46 -3.94
N LEU A 232 -8.86 -27.73 -2.76
CA LEU A 232 -7.40 -27.75 -2.66
C LEU A 232 -6.80 -28.84 -3.53
N TRP A 233 -7.38 -30.04 -3.52
CA TRP A 233 -6.85 -31.13 -4.33
C TRP A 233 -7.01 -30.85 -5.82
N THR A 234 -8.14 -30.27 -6.22
CA THR A 234 -8.34 -29.92 -7.62
C THR A 234 -7.33 -28.89 -8.07
N SER A 235 -7.06 -27.88 -7.23
CA SER A 235 -6.02 -26.91 -7.55
C SER A 235 -4.64 -27.57 -7.65
N ASP A 236 -4.32 -28.49 -6.76
CA ASP A 236 -3.06 -29.21 -6.82
C ASP A 236 -3.22 -30.51 -7.60
N MET B 1 28.60 -25.29 31.42
CA MET B 1 29.17 -26.59 31.09
C MET B 1 28.28 -27.37 30.13
N VAL B 2 28.76 -28.54 29.70
CA VAL B 2 28.09 -29.28 28.62
C VAL B 2 26.69 -29.70 29.05
N ASP B 3 26.54 -30.19 30.28
CA ASP B 3 25.22 -30.57 30.75
C ASP B 3 24.28 -29.37 30.81
N ARG B 4 24.80 -28.23 31.26
CA ARG B 4 23.99 -27.01 31.29
C ARG B 4 23.50 -26.64 29.90
N GLU B 5 24.39 -26.69 28.91
CA GLU B 5 24.01 -26.32 27.55
C GLU B 5 22.98 -27.29 26.97
N GLN B 6 23.21 -28.60 27.16
CA GLN B 6 22.26 -29.56 26.59
C GLN B 6 20.90 -29.47 27.28
N LEU B 7 20.89 -29.22 28.60
CA LEU B 7 19.62 -29.06 29.29
C LEU B 7 18.89 -27.81 28.84
N VAL B 8 19.63 -26.71 28.60
CA VAL B 8 18.99 -25.50 28.09
C VAL B 8 18.40 -25.77 26.70
N GLN B 9 19.14 -26.48 25.85
CA GLN B 9 18.62 -26.79 24.53
C GLN B 9 17.38 -27.67 24.61
N LYS B 10 17.37 -28.64 25.52
CA LYS B 10 16.21 -29.49 25.70
C LYS B 10 15.01 -28.68 26.18
N ALA B 11 15.23 -27.73 27.09
CA ALA B 11 14.15 -26.88 27.54
C ALA B 11 13.58 -26.05 26.40
N ARG B 12 14.45 -25.51 25.55
CA ARG B 12 13.97 -24.74 24.41
C ARG B 12 13.19 -25.62 23.44
N LEU B 13 13.64 -26.85 23.24
CA LEU B 13 12.90 -27.79 22.39
C LEU B 13 11.52 -28.07 22.96
N ALA B 14 11.44 -28.32 24.27
CA ALA B 14 10.14 -28.57 24.89
C ALA B 14 9.24 -27.34 24.79
N GLU B 15 9.82 -26.14 24.84
CA GLU B 15 9.03 -24.94 24.59
C GLU B 15 8.47 -24.95 23.17
N GLN B 16 9.29 -25.36 22.21
CA GLN B 16 8.81 -25.44 20.84
C GLN B 16 7.67 -26.44 20.71
N ALA B 17 7.77 -27.57 21.41
CA ALA B 17 6.78 -28.63 21.34
C ALA B 17 5.63 -28.44 22.32
N GLU B 18 5.62 -27.32 23.05
CA GLU B 18 4.54 -27.00 23.99
C GLU B 18 4.38 -28.06 25.08
N ARG B 19 5.50 -28.66 25.48
CA ARG B 19 5.52 -29.59 26.60
C ARG B 19 6.10 -28.86 27.80
N TYR B 20 5.25 -28.06 28.45
CA TYR B 20 5.72 -27.17 29.50
C TYR B 20 6.15 -27.92 30.76
N ASP B 21 5.56 -29.08 31.04
CA ASP B 21 6.05 -29.88 32.16
C ASP B 21 7.50 -30.30 31.94
N ASP B 22 7.82 -30.79 30.74
CA ASP B 22 9.19 -31.17 30.43
C ASP B 22 10.11 -29.98 30.46
N MET B 23 9.67 -28.84 29.91
CA MET B 23 10.54 -27.67 29.88
C MET B 23 10.80 -27.15 31.29
N ALA B 24 9.79 -27.17 32.15
CA ALA B 24 9.97 -26.77 33.54
C ALA B 24 10.91 -27.71 34.28
N ALA B 25 10.80 -29.01 34.03
CA ALA B 25 11.72 -29.95 34.65
C ALA B 25 13.16 -29.69 34.18
N ALA B 26 13.33 -29.40 32.89
CA ALA B 26 14.68 -29.10 32.39
C ALA B 26 15.24 -27.83 33.04
N MET B 27 14.42 -26.78 33.15
CA MET B 27 14.90 -25.56 33.78
C MET B 27 15.22 -25.77 35.25
N LYS B 28 14.43 -26.58 35.95
CA LYS B 28 14.74 -26.90 37.34
C LYS B 28 16.07 -27.63 37.44
N ASN B 29 16.30 -28.58 36.54
CA ASN B 29 17.59 -29.28 36.56
C ASN B 29 18.74 -28.33 36.27
N VAL B 30 18.52 -27.35 35.39
CA VAL B 30 19.56 -26.36 35.11
C VAL B 30 19.88 -25.56 36.37
N THR B 31 18.84 -25.04 37.02
CA THR B 31 19.07 -24.16 38.17
C THR B 31 19.48 -24.93 39.42
N GLU B 32 19.39 -26.26 39.42
CA GLU B 32 19.92 -27.02 40.54
C GLU B 32 21.44 -27.07 40.56
N LEU B 33 22.10 -26.57 39.52
CA LEU B 33 23.55 -26.66 39.41
C LEU B 33 24.28 -25.67 40.31
N ASN B 34 23.56 -24.79 41.01
CA ASN B 34 24.17 -23.77 41.87
C ASN B 34 25.13 -22.88 41.09
N GLU B 35 24.62 -22.36 39.97
CA GLU B 35 25.39 -21.49 39.09
C GLU B 35 24.47 -20.31 38.77
N PRO B 36 25.00 -19.09 38.69
CA PRO B 36 24.14 -17.94 38.40
C PRO B 36 23.45 -18.08 37.06
N LEU B 37 22.22 -17.59 37.01
CA LEU B 37 21.35 -17.75 35.84
C LEU B 37 21.40 -16.48 35.01
N SER B 38 21.46 -16.63 33.69
CA SER B 38 21.48 -15.48 32.81
C SER B 38 20.05 -15.09 32.44
N ASN B 39 19.94 -14.02 31.64
CA ASN B 39 18.63 -13.46 31.32
C ASN B 39 17.76 -14.47 30.56
N GLU B 40 18.35 -15.17 29.59
CA GLU B 40 17.56 -16.09 28.78
C GLU B 40 17.02 -17.24 29.61
N GLU B 41 17.86 -17.86 30.42
CA GLU B 41 17.39 -18.96 31.26
C GLU B 41 16.38 -18.47 32.29
N ARG B 42 16.57 -17.25 32.81
CA ARG B 42 15.61 -16.68 33.74
C ARG B 42 14.24 -16.55 33.09
N ASN B 43 14.21 -16.01 31.87
CA ASN B 43 12.94 -15.87 31.15
C ASN B 43 12.32 -17.23 30.86
N LEU B 44 13.15 -18.20 30.48
CA LEU B 44 12.62 -19.54 30.18
C LEU B 44 11.98 -20.16 31.43
N LEU B 45 12.65 -20.07 32.57
CA LEU B 45 12.09 -20.62 33.80
C LEU B 45 10.78 -19.92 34.16
N SER B 46 10.76 -18.59 34.04
CA SER B 46 9.56 -17.84 34.34
C SER B 46 8.41 -18.28 33.46
N VAL B 47 8.65 -18.39 32.15
CA VAL B 47 7.59 -18.76 31.23
C VAL B 47 7.07 -20.17 31.53
N ALA B 48 7.98 -21.12 31.73
CA ALA B 48 7.58 -22.49 32.00
C ALA B 48 6.67 -22.56 33.21
N TYR B 49 7.12 -21.99 34.33
CA TYR B 49 6.33 -22.15 35.54
C TYR B 49 5.06 -21.31 35.50
N LYS B 50 5.09 -20.17 34.80
CA LYS B 50 3.87 -19.39 34.66
C LYS B 50 2.80 -20.17 33.92
N ASN B 51 3.17 -20.83 32.81
CA ASN B 51 2.18 -21.62 32.07
C ASN B 51 1.69 -22.79 32.89
N VAL B 52 2.60 -23.50 33.57
CA VAL B 52 2.19 -24.67 34.34
C VAL B 52 1.22 -24.27 35.45
N VAL B 53 1.48 -23.17 36.13
CA VAL B 53 0.59 -22.72 37.19
C VAL B 53 -0.73 -22.21 36.62
N GLY B 54 -0.67 -21.48 35.50
CA GLY B 54 -1.88 -20.90 34.94
C GLY B 54 -2.88 -21.93 34.48
N ALA B 55 -2.42 -23.06 33.95
CA ALA B 55 -3.35 -24.13 33.58
C ALA B 55 -4.19 -24.56 34.78
N ARG B 56 -3.54 -24.89 35.89
CA ARG B 56 -4.25 -25.33 37.08
C ARG B 56 -5.10 -24.20 37.66
N ARG B 57 -4.65 -22.96 37.55
CA ARG B 57 -5.45 -21.84 38.05
C ARG B 57 -6.76 -21.73 37.31
N SER B 58 -6.72 -21.83 35.98
CA SER B 58 -7.96 -21.78 35.20
C SER B 58 -8.87 -22.97 35.55
N SER B 59 -8.28 -24.17 35.67
CA SER B 59 -9.08 -25.33 36.00
C SER B 59 -9.78 -25.16 37.35
N TRP B 60 -9.03 -24.67 38.35
CA TRP B 60 -9.61 -24.49 39.68
C TRP B 60 -10.71 -23.44 39.66
N ARG B 61 -10.49 -22.35 38.93
CA ARG B 61 -11.53 -21.32 38.86
C ARG B 61 -12.82 -21.87 38.29
N VAL B 62 -12.72 -22.61 37.18
CA VAL B 62 -13.93 -23.17 36.56
C VAL B 62 -14.61 -24.16 37.52
N ILE B 63 -13.82 -25.01 38.16
CA ILE B 63 -14.40 -26.02 39.05
C ILE B 63 -15.12 -25.35 40.21
N SER B 64 -14.51 -24.33 40.82
CA SER B 64 -15.14 -23.64 41.94
C SER B 64 -16.41 -22.93 41.49
N SER B 65 -16.39 -22.31 40.31
CA SER B 65 -17.58 -21.62 39.82
C SER B 65 -18.73 -22.60 39.62
N ILE B 66 -18.43 -23.79 39.10
CA ILE B 66 -19.49 -24.80 38.96
C ILE B 66 -19.92 -25.32 40.33
N GLU B 67 -18.98 -25.45 41.26
CA GLU B 67 -19.28 -26.05 42.55
C GLU B 67 -20.20 -25.16 43.37
N GLN B 68 -20.06 -23.84 43.28
CA GLN B 68 -20.95 -22.98 44.05
C GLN B 68 -22.40 -23.12 43.57
N LYS B 69 -22.61 -23.21 42.26
CA LYS B 69 -23.96 -23.46 41.75
C LYS B 69 -24.47 -24.83 42.16
N THR B 70 -23.60 -25.85 42.13
CA THR B 70 -24.04 -27.18 42.51
C THR B 70 -24.41 -27.22 43.99
N SER B 71 -23.66 -26.49 44.82
CA SER B 71 -24.01 -26.38 46.24
C SER B 71 -25.35 -25.68 46.42
N ALA B 72 -25.59 -24.61 45.65
CA ALA B 72 -26.92 -24.00 45.68
C ALA B 72 -28.00 -24.97 45.24
N ASP B 73 -27.68 -25.91 44.34
CA ASP B 73 -28.64 -26.92 43.93
C ASP B 73 -28.95 -27.88 45.09
N GLY B 74 -27.95 -28.58 45.59
CA GLY B 74 -28.11 -29.35 46.80
C GLY B 74 -28.28 -30.86 46.68
N ASN B 75 -27.47 -31.51 45.85
CA ASN B 75 -27.41 -32.96 45.77
C ASN B 75 -26.14 -33.42 46.47
N GLU B 76 -26.29 -34.26 47.51
CA GLU B 76 -25.17 -34.56 48.40
C GLU B 76 -24.06 -35.30 47.68
N LYS B 77 -24.39 -36.26 46.81
CA LYS B 77 -23.36 -37.00 46.11
C LYS B 77 -22.58 -36.09 45.16
N LYS B 78 -23.30 -35.21 44.46
CA LYS B 78 -22.63 -34.25 43.59
C LYS B 78 -21.73 -33.32 44.39
N ILE B 79 -22.20 -32.88 45.56
CA ILE B 79 -21.38 -32.05 46.44
C ILE B 79 -20.08 -32.78 46.78
N GLU B 80 -20.20 -34.03 47.22
CA GLU B 80 -19.01 -34.78 47.64
C GLU B 80 -18.04 -34.95 46.48
N MET B 81 -18.55 -35.30 45.30
CA MET B 81 -17.66 -35.55 44.17
C MET B 81 -16.96 -34.26 43.72
N VAL B 82 -17.72 -33.17 43.59
CA VAL B 82 -17.11 -31.93 43.13
C VAL B 82 -16.12 -31.41 44.15
N ARG B 83 -16.40 -31.59 45.44
CA ARG B 83 -15.45 -31.18 46.46
C ARG B 83 -14.17 -31.99 46.39
N ALA B 84 -14.29 -33.32 46.18
CA ALA B 84 -13.09 -34.13 46.05
C ALA B 84 -12.26 -33.73 44.84
N TYR B 85 -12.93 -33.45 43.72
CA TYR B 85 -12.20 -33.03 42.52
C TYR B 85 -11.49 -31.70 42.75
N ARG B 86 -12.19 -30.74 43.40
CA ARG B 86 -11.55 -29.46 43.68
C ARG B 86 -10.37 -29.62 44.61
N GLU B 87 -10.49 -30.51 45.61
CA GLU B 87 -9.36 -30.71 46.52
C GLU B 87 -8.17 -31.33 45.79
N LYS B 88 -8.44 -32.22 44.83
CA LYS B 88 -7.34 -32.79 44.05
C LYS B 88 -6.63 -31.71 43.24
N ILE B 89 -7.41 -30.85 42.57
CA ILE B 89 -6.80 -29.78 41.79
C ILE B 89 -6.00 -28.85 42.70
N GLU B 90 -6.56 -28.53 43.87
CA GLU B 90 -5.87 -27.66 44.81
C GLU B 90 -4.56 -28.28 45.28
N LYS B 91 -4.56 -29.59 45.53
CA LYS B 91 -3.33 -30.24 45.96
C LYS B 91 -2.27 -30.17 44.88
N GLU B 92 -2.66 -30.41 43.62
CA GLU B 92 -1.68 -30.31 42.54
C GLU B 92 -1.10 -28.91 42.44
N LEU B 93 -1.97 -27.89 42.49
CA LEU B 93 -1.52 -26.51 42.40
C LEU B 93 -0.60 -26.16 43.57
N GLU B 94 -0.95 -26.61 44.78
CA GLU B 94 -0.15 -26.32 45.95
C GLU B 94 1.22 -26.95 45.85
N ALA B 95 1.28 -28.20 45.37
CA ALA B 95 2.58 -28.85 45.21
C ALA B 95 3.44 -28.08 44.21
N VAL B 96 2.86 -27.66 43.09
CA VAL B 96 3.64 -26.91 42.10
C VAL B 96 4.17 -25.62 42.70
N CYS B 97 3.30 -24.85 43.35
CA CYS B 97 3.71 -23.56 43.92
C CYS B 97 4.76 -23.75 44.99
N GLN B 98 4.60 -24.77 45.84
CA GLN B 98 5.57 -25.00 46.90
C GLN B 98 6.93 -25.38 46.33
N ASP B 99 6.94 -26.19 45.26
CA ASP B 99 8.21 -26.51 44.62
C ASP B 99 8.88 -25.27 44.06
N VAL B 100 8.11 -24.41 43.39
CA VAL B 100 8.69 -23.18 42.84
C VAL B 100 9.27 -22.32 43.95
N LEU B 101 8.52 -22.15 45.04
CA LEU B 101 8.97 -21.30 46.14
C LEU B 101 10.23 -21.85 46.80
N SER B 102 10.26 -23.16 47.04
CA SER B 102 11.43 -23.76 47.67
C SER B 102 12.66 -23.63 46.79
N LEU B 103 12.49 -23.87 45.48
CA LEU B 103 13.62 -23.69 44.57
C LEU B 103 14.08 -22.23 44.54
N LEU B 104 13.12 -21.30 44.57
CA LEU B 104 13.47 -19.87 44.57
C LEU B 104 14.25 -19.50 45.81
N ASP B 105 13.83 -19.98 46.98
CA ASP B 105 14.50 -19.62 48.22
C ASP B 105 15.85 -20.28 48.35
N ASN B 106 15.99 -21.51 47.84
CA ASN B 106 17.18 -22.29 48.15
C ASN B 106 18.42 -21.78 47.43
N TYR B 107 18.31 -21.45 46.14
CA TYR B 107 19.50 -21.17 45.35
C TYR B 107 19.58 -19.72 44.87
N LEU B 108 18.61 -19.25 44.09
CA LEU B 108 18.86 -18.09 43.25
C LEU B 108 18.44 -16.78 43.92
N ILE B 109 17.69 -16.84 45.02
CA ILE B 109 17.42 -15.62 45.77
C ILE B 109 18.58 -15.27 46.70
N LYS B 110 19.47 -16.22 46.96
CA LYS B 110 20.62 -16.00 47.82
C LYS B 110 21.94 -15.97 47.08
N ASN B 111 22.04 -16.56 45.90
CA ASN B 111 23.29 -16.49 45.14
C ASN B 111 23.53 -15.11 44.53
N CYS B 112 22.53 -14.22 44.56
CA CYS B 112 22.70 -12.89 44.00
C CYS B 112 23.53 -12.01 44.92
N SER B 113 24.20 -11.03 44.33
CA SER B 113 25.06 -10.11 45.06
C SER B 113 24.35 -8.79 45.33
N GLU B 114 25.02 -7.93 46.09
CA GLU B 114 24.42 -6.65 46.48
C GLU B 114 24.38 -5.68 45.31
N THR B 115 25.44 -5.66 44.48
CA THR B 115 25.46 -4.75 43.34
C THR B 115 24.43 -5.13 42.29
N GLN B 116 23.89 -6.34 42.35
CA GLN B 116 22.86 -6.79 41.40
C GLN B 116 21.50 -6.44 41.96
N TYR B 117 20.78 -5.56 41.27
CA TYR B 117 19.45 -5.14 41.70
C TYR B 117 18.33 -5.68 40.83
N GLU B 118 18.54 -5.78 39.53
CA GLU B 118 17.50 -6.31 38.64
C GLU B 118 17.14 -7.74 39.01
N SER B 119 18.14 -8.58 39.25
CA SER B 119 17.88 -9.97 39.63
C SER B 119 17.15 -10.05 40.95
N LYS B 120 17.55 -9.23 41.92
CA LYS B 120 16.89 -9.24 43.22
C LYS B 120 15.42 -8.85 43.10
N VAL B 121 15.15 -7.78 42.35
CA VAL B 121 13.76 -7.35 42.18
C VAL B 121 12.96 -8.41 41.44
N PHE B 122 13.56 -9.01 40.42
CA PHE B 122 12.88 -10.06 39.67
C PHE B 122 12.49 -11.22 40.57
N TYR B 123 13.42 -11.70 41.39
CA TYR B 123 13.14 -12.87 42.20
C TYR B 123 12.20 -12.55 43.36
N LEU B 124 12.27 -11.33 43.91
CA LEU B 124 11.32 -10.96 44.95
C LEU B 124 9.91 -10.83 44.36
N LYS B 125 9.80 -10.29 43.15
CA LYS B 125 8.50 -10.23 42.49
C LYS B 125 7.96 -11.62 42.23
N MET B 126 8.82 -12.56 41.81
CA MET B 126 8.37 -13.93 41.62
C MET B 126 7.90 -14.55 42.93
N LYS B 127 8.60 -14.28 44.03
CA LYS B 127 8.16 -14.73 45.34
C LYS B 127 6.76 -14.20 45.65
N GLY B 128 6.56 -12.90 45.43
CA GLY B 128 5.25 -12.33 45.70
C GLY B 128 4.16 -12.96 44.86
N ASP B 129 4.43 -13.18 43.57
CA ASP B 129 3.44 -13.78 42.68
C ASP B 129 3.09 -15.18 43.13
N TYR B 130 4.10 -15.99 43.45
CA TYR B 130 3.83 -17.39 43.77
C TYR B 130 3.35 -17.57 45.20
N TYR B 131 3.40 -16.53 46.03
CA TYR B 131 2.67 -16.58 47.28
C TYR B 131 1.23 -16.11 47.11
N ARG B 132 1.01 -15.14 46.23
CA ARG B 132 -0.37 -14.73 45.92
C ARG B 132 -1.16 -15.86 45.28
N TYR B 133 -0.49 -16.67 44.46
CA TYR B 133 -1.18 -17.80 43.84
C TYR B 133 -1.67 -18.79 44.90
N LEU B 134 -0.85 -19.06 45.91
CA LEU B 134 -1.30 -19.89 47.02
C LEU B 134 -2.39 -19.21 47.83
N ALA B 135 -2.29 -17.88 48.01
CA ALA B 135 -3.28 -17.15 48.77
C ALA B 135 -4.65 -17.21 48.11
N GLU B 136 -4.69 -17.25 46.78
CA GLU B 136 -5.97 -17.25 46.07
C GLU B 136 -6.83 -18.46 46.43
N VAL B 137 -6.20 -19.59 46.78
CA VAL B 137 -6.92 -20.82 47.05
C VAL B 137 -6.76 -21.26 48.51
N ALA B 138 -6.54 -20.32 49.41
CA ALA B 138 -6.28 -20.64 50.81
C ALA B 138 -7.43 -20.16 51.69
N THR B 139 -7.60 -20.83 52.82
CA THR B 139 -8.62 -20.48 53.81
C THR B 139 -8.03 -20.62 55.20
N GLY B 140 -8.62 -19.90 56.15
CA GLY B 140 -8.16 -19.99 57.52
C GLY B 140 -6.90 -19.19 57.77
N GLU B 141 -6.15 -19.60 58.80
CA GLU B 141 -4.95 -18.88 59.19
C GLU B 141 -3.82 -19.04 58.18
N LYS B 142 -3.79 -20.14 57.44
CA LYS B 142 -2.76 -20.29 56.42
C LYS B 142 -2.93 -19.25 55.32
N ARG B 143 -4.17 -18.83 55.07
CA ARG B 143 -4.40 -17.72 54.15
C ARG B 143 -3.73 -16.45 54.67
N ALA B 144 -3.89 -16.16 55.95
CA ALA B 144 -3.25 -14.97 56.52
C ALA B 144 -1.73 -15.07 56.44
N THR B 145 -1.18 -16.26 56.74
CA THR B 145 0.26 -16.43 56.68
C THR B 145 0.80 -16.20 55.27
N VAL B 146 0.17 -16.81 54.27
CA VAL B 146 0.66 -16.63 52.91
C VAL B 146 0.47 -15.18 52.46
N VAL B 147 -0.61 -14.53 52.93
CA VAL B 147 -0.83 -13.13 52.59
C VAL B 147 0.28 -12.26 53.14
N GLU B 148 0.67 -12.46 54.40
CA GLU B 148 1.68 -11.58 54.95
C GLU B 148 3.06 -11.88 54.37
N SER B 149 3.33 -13.14 54.01
CA SER B 149 4.59 -13.43 53.30
C SER B 149 4.63 -12.75 51.94
N SER B 150 3.52 -12.80 51.19
CA SER B 150 3.47 -12.13 49.90
C SER B 150 3.65 -10.63 50.06
N GLU B 151 3.02 -10.05 51.08
CA GLU B 151 3.18 -8.63 51.35
C GLU B 151 4.63 -8.30 51.66
N LYS B 152 5.29 -9.13 52.47
CA LYS B 152 6.69 -8.89 52.79
C LYS B 152 7.55 -8.88 51.55
N ALA B 153 7.44 -9.92 50.71
CA ALA B 153 8.28 -10.01 49.53
C ALA B 153 8.01 -8.85 48.57
N TYR B 154 6.73 -8.56 48.34
CA TYR B 154 6.38 -7.48 47.42
C TYR B 154 6.90 -6.14 47.93
N SER B 155 6.76 -5.87 49.23
CA SER B 155 7.23 -4.61 49.78
C SER B 155 8.74 -4.48 49.68
N GLU B 156 9.47 -5.57 49.95
CA GLU B 156 10.92 -5.52 49.82
C GLU B 156 11.31 -5.22 48.39
N ALA B 157 10.66 -5.87 47.42
CA ALA B 157 10.97 -5.61 46.03
C ALA B 157 10.69 -4.16 45.66
N HIS B 158 9.55 -3.63 46.11
CA HIS B 158 9.20 -2.25 45.79
C HIS B 158 10.22 -1.28 46.36
N GLU B 159 10.62 -1.50 47.62
CA GLU B 159 11.58 -0.60 48.24
C GLU B 159 12.92 -0.66 47.54
N ILE B 160 13.36 -1.86 47.16
CA ILE B 160 14.65 -1.97 46.47
C ILE B 160 14.60 -1.28 45.11
N SER B 161 13.50 -1.46 44.37
CA SER B 161 13.41 -0.93 43.02
C SER B 161 13.05 0.55 42.98
N LYS B 162 12.58 1.13 44.08
CA LYS B 162 12.18 2.53 44.06
C LYS B 162 13.35 3.46 43.80
N GLU B 163 14.53 3.16 44.34
CA GLU B 163 15.67 4.06 44.28
C GLU B 163 16.83 3.51 43.45
N HIS B 164 16.55 2.59 42.53
CA HIS B 164 17.63 2.04 41.73
C HIS B 164 17.31 1.89 40.24
N MET B 165 16.07 2.09 39.82
CA MET B 165 15.70 1.89 38.41
C MET B 165 14.90 3.07 37.90
N GLN B 166 14.97 3.27 36.59
CA GLN B 166 14.20 4.30 35.93
C GLN B 166 12.72 3.93 36.03
N PRO B 167 11.83 4.90 36.25
CA PRO B 167 10.40 4.56 36.37
C PRO B 167 9.81 3.95 35.11
N THR B 168 10.46 4.08 33.97
CA THR B 168 9.99 3.46 32.74
C THR B 168 10.55 2.06 32.54
N HIS B 169 11.24 1.51 33.54
CA HIS B 169 11.78 0.17 33.39
C HIS B 169 10.67 -0.87 33.38
N PRO B 170 10.74 -1.86 32.49
CA PRO B 170 9.69 -2.89 32.44
C PRO B 170 9.53 -3.65 33.75
N ILE B 171 10.63 -3.94 34.44
CA ILE B 171 10.53 -4.67 35.70
C ILE B 171 9.79 -3.83 36.74
N ARG B 172 10.14 -2.55 36.85
CA ARG B 172 9.46 -1.68 37.80
C ARG B 172 7.98 -1.56 37.48
N LEU B 173 7.64 -1.39 36.20
CA LEU B 173 6.24 -1.26 35.83
C LEU B 173 5.48 -2.55 36.13
N GLY B 174 6.07 -3.71 35.83
CA GLY B 174 5.41 -4.97 36.13
C GLY B 174 5.21 -5.18 37.62
N LEU B 175 6.21 -4.79 38.41
CA LEU B 175 6.06 -4.90 39.86
C LEU B 175 4.94 -4.01 40.37
N ALA B 176 4.84 -2.79 39.84
CA ALA B 176 3.75 -1.90 40.24
C ALA B 176 2.40 -2.49 39.88
N LEU B 177 2.30 -3.06 38.68
CA LEU B 177 1.03 -3.65 38.25
C LEU B 177 0.63 -4.83 39.14
N ASN B 178 1.59 -5.70 39.45
CA ASN B 178 1.28 -6.85 40.29
C ASN B 178 0.94 -6.42 41.71
N TYR B 179 1.62 -5.40 42.24
CA TYR B 179 1.23 -4.81 43.52
C TYR B 179 -0.21 -4.32 43.50
N SER B 180 -0.58 -3.57 42.47
CA SER B 180 -1.95 -3.04 42.42
C SER B 180 -2.95 -4.17 42.35
N VAL B 181 -2.67 -5.20 41.56
CA VAL B 181 -3.57 -6.35 41.45
C VAL B 181 -3.70 -7.05 42.79
N PHE B 182 -2.59 -7.25 43.49
CA PHE B 182 -2.64 -7.90 44.79
C PHE B 182 -3.48 -7.11 45.77
N TYR B 183 -3.31 -5.79 45.80
CA TYR B 183 -4.12 -4.95 46.69
C TYR B 183 -5.59 -5.07 46.34
N TYR B 184 -5.93 -5.02 45.05
CA TYR B 184 -7.33 -5.02 44.66
C TYR B 184 -8.00 -6.35 44.94
N GLU B 185 -7.32 -7.46 44.68
CA GLU B 185 -7.96 -8.77 44.75
C GLU B 185 -7.80 -9.44 46.11
N ILE B 186 -6.58 -9.50 46.65
CA ILE B 186 -6.35 -10.22 47.89
C ILE B 186 -6.65 -9.37 49.10
N GLN B 187 -6.07 -8.17 49.18
CA GLN B 187 -6.27 -7.30 50.33
C GLN B 187 -7.57 -6.50 50.26
N ASN B 188 -8.22 -6.46 49.09
CA ASN B 188 -9.47 -5.74 48.91
C ASN B 188 -9.33 -4.27 49.32
N ALA B 189 -8.39 -3.58 48.69
CA ALA B 189 -8.12 -2.16 48.94
C ALA B 189 -8.14 -1.43 47.60
N PRO B 190 -9.32 -1.21 47.02
CA PRO B 190 -9.39 -0.55 45.72
C PRO B 190 -8.79 0.84 45.70
N GLU B 191 -8.92 1.61 46.78
CA GLU B 191 -8.35 2.95 46.79
C GLU B 191 -6.83 2.90 46.73
N GLN B 192 -6.21 1.99 47.50
CA GLN B 192 -4.76 1.84 47.44
C GLN B 192 -4.32 1.37 46.07
N ALA B 193 -5.04 0.40 45.49
CA ALA B 193 -4.68 -0.10 44.17
C ALA B 193 -4.74 1.01 43.12
N CYS B 194 -5.82 1.79 43.14
CA CYS B 194 -5.97 2.88 42.17
C CYS B 194 -4.89 3.93 42.36
N HIS B 195 -4.59 4.29 43.61
CA HIS B 195 -3.56 5.29 43.85
C HIS B 195 -2.21 4.82 43.34
N LEU B 196 -1.85 3.58 43.63
CA LEU B 196 -0.57 3.05 43.18
C LEU B 196 -0.48 2.99 41.66
N ALA B 197 -1.54 2.50 41.01
CA ALA B 197 -1.53 2.42 39.54
C ALA B 197 -1.43 3.80 38.93
N LYS B 198 -2.19 4.77 39.45
CA LYS B 198 -2.12 6.12 38.91
C LYS B 198 -0.74 6.72 39.08
N THR B 199 -0.12 6.52 40.24
CA THR B 199 1.23 7.05 40.45
C THR B 199 2.23 6.44 39.49
N ALA B 200 2.19 5.11 39.32
CA ALA B 200 3.13 4.47 38.41
C ALA B 200 2.93 4.93 36.98
N PHE B 201 1.67 5.03 36.54
CA PHE B 201 1.40 5.48 35.18
C PHE B 201 1.88 6.91 34.96
N ASP B 202 1.63 7.80 35.93
CA ASP B 202 2.06 9.18 35.79
C ASP B 202 3.59 9.28 35.74
N ASP B 203 4.27 8.52 36.59
CA ASP B 203 5.74 8.52 36.56
C ASP B 203 6.25 8.03 35.22
N ALA B 204 5.65 6.98 34.67
CA ALA B 204 6.08 6.48 33.37
C ALA B 204 5.83 7.50 32.27
N ILE B 205 4.67 8.16 32.29
CA ILE B 205 4.36 9.15 31.27
C ILE B 205 5.32 10.32 31.33
N ALA B 206 5.74 10.69 32.54
CA ALA B 206 6.63 11.84 32.71
C ALA B 206 7.90 11.70 31.87
N GLU B 207 8.45 10.48 31.78
CA GLU B 207 9.68 10.23 31.04
C GLU B 207 9.47 9.27 29.89
N LEU B 208 8.30 9.29 29.26
CA LEU B 208 8.04 8.37 28.16
C LEU B 208 8.92 8.70 26.96
N ASP B 209 9.20 9.98 26.73
CA ASP B 209 10.00 10.38 25.58
C ASP B 209 11.44 9.88 25.70
N THR B 210 12.02 9.98 26.89
CA THR B 210 13.38 9.51 27.12
C THR B 210 13.55 8.01 26.91
N LEU B 211 12.45 7.25 27.02
CA LEU B 211 12.50 5.79 26.99
C LEU B 211 13.35 5.28 25.84
N ASN B 212 14.25 4.35 26.15
CA ASN B 212 15.18 3.83 25.16
C ASN B 212 14.42 2.94 24.19
N GLU B 213 15.01 2.72 23.02
CA GLU B 213 14.27 2.09 21.92
C GLU B 213 14.00 0.60 22.17
N ASP B 214 14.94 -0.12 22.78
CA ASP B 214 14.78 -1.56 22.90
C ASP B 214 13.69 -1.91 23.89
N SER B 215 13.65 -1.22 25.02
CA SER B 215 12.63 -1.44 26.03
C SER B 215 11.34 -0.69 25.74
N TYR B 216 11.29 0.07 24.64
CA TYR B 216 10.12 0.87 24.32
C TYR B 216 8.88 0.00 24.18
N LYS B 217 8.98 -1.10 23.43
CA LYS B 217 7.84 -1.98 23.22
C LYS B 217 7.33 -2.60 24.52
N ASP B 218 8.24 -3.14 25.33
CA ASP B 218 7.81 -3.77 26.58
C ASP B 218 7.19 -2.77 27.54
N SER B 219 7.82 -1.59 27.67
CA SER B 219 7.27 -0.58 28.56
C SER B 219 5.91 -0.10 28.08
N THR B 220 5.76 0.08 26.77
CA THR B 220 4.46 0.48 26.23
C THR B 220 3.42 -0.59 26.49
N LEU B 221 3.78 -1.86 26.32
CA LEU B 221 2.85 -2.95 26.58
C LEU B 221 2.38 -2.96 28.03
N ILE B 222 3.32 -2.82 28.96
CA ILE B 222 2.94 -2.85 30.37
C ILE B 222 2.13 -1.62 30.74
N MET B 223 2.48 -0.46 30.18
CA MET B 223 1.73 0.75 30.44
C MET B 223 0.30 0.65 29.92
N GLN B 224 0.12 -0.02 28.77
CA GLN B 224 -1.22 -0.21 28.25
C GLN B 224 -1.99 -1.25 29.06
N LEU B 225 -1.30 -2.23 29.63
CA LEU B 225 -1.95 -3.09 30.62
C LEU B 225 -2.43 -2.26 31.80
N LEU B 226 -1.62 -1.31 32.25
CA LEU B 226 -2.09 -0.33 33.20
C LEU B 226 -3.05 0.63 32.51
N ARG B 227 -3.75 1.42 33.31
CA ARG B 227 -4.75 2.40 32.87
C ARG B 227 -6.00 1.68 32.38
N ASP B 228 -5.90 0.38 32.16
CA ASP B 228 -7.06 -0.45 31.87
C ASP B 228 -7.66 -0.98 33.16
N ASN B 229 -6.81 -1.51 34.04
CA ASN B 229 -7.26 -1.78 35.40
C ASN B 229 -7.74 -0.50 36.06
N LEU B 230 -7.06 0.62 35.79
CA LEU B 230 -7.49 1.91 36.34
C LEU B 230 -8.87 2.28 35.83
N THR B 231 -9.09 2.19 34.51
CA THR B 231 -10.41 2.52 33.97
C THR B 231 -11.48 1.60 34.52
N LEU B 232 -11.21 0.30 34.58
CA LEU B 232 -12.19 -0.65 35.08
C LEU B 232 -12.55 -0.39 36.54
N TRP B 233 -11.54 -0.11 37.37
CA TRP B 233 -11.80 0.11 38.78
C TRP B 233 -12.49 1.43 39.04
N THR B 234 -12.12 2.47 38.29
CA THR B 234 -12.80 3.75 38.44
C THR B 234 -14.25 3.67 37.99
N SER B 235 -14.52 2.96 36.90
CA SER B 235 -15.88 2.80 36.41
C SER B 235 -16.71 1.98 37.41
N ASP C 97 59.18 23.03 -5.84
CA ASP C 97 59.07 21.98 -6.86
C ASP C 97 57.72 22.06 -7.56
N LEU C 98 57.02 23.17 -7.36
CA LEU C 98 55.70 23.35 -7.97
C LEU C 98 55.81 23.43 -9.49
N GLN C 99 56.84 24.11 -9.99
CA GLN C 99 57.00 24.25 -11.43
C GLN C 99 57.21 22.89 -12.09
N ASP C 100 57.98 22.01 -11.45
CA ASP C 100 58.18 20.67 -12.00
C ASP C 100 56.86 19.90 -12.08
N TYR C 101 56.04 19.99 -11.04
CA TYR C 101 54.75 19.30 -11.07
C TYR C 101 53.84 19.87 -12.15
N LYS C 102 53.83 21.20 -12.30
CA LYS C 102 53.02 21.82 -13.33
C LYS C 102 53.47 21.37 -14.72
N ALA C 103 54.78 21.37 -14.97
CA ALA C 103 55.28 20.92 -16.26
C ALA C 103 54.97 19.45 -16.49
N HIS C 104 55.08 18.63 -15.45
CA HIS C 104 54.76 17.22 -15.57
C HIS C 104 53.29 17.01 -15.92
N VAL C 105 52.39 17.75 -15.27
CA VAL C 105 50.97 17.55 -15.57
C VAL C 105 50.65 18.05 -16.98
N ILE C 106 51.27 19.15 -17.41
CA ILE C 106 51.06 19.61 -18.78
C ILE C 106 51.55 18.56 -19.78
N ALA C 107 52.72 17.98 -19.53
CA ALA C 107 53.24 16.97 -20.44
C ALA C 107 52.40 15.71 -20.43
N LYS C 108 51.92 15.29 -19.26
CA LYS C 108 51.14 14.06 -19.18
C LYS C 108 49.76 14.24 -19.80
N PHE C 109 49.22 15.45 -19.75
CA PHE C 109 47.94 15.72 -20.40
C PHE C 109 48.12 16.11 -21.85
N ASP C 110 48.88 15.30 -22.59
CA ASP C 110 49.04 15.48 -24.03
C ASP C 110 48.01 14.67 -24.81
N THR C 111 46.74 14.84 -24.44
CA THR C 111 45.63 14.23 -25.14
C THR C 111 44.94 15.19 -26.09
N SER C 112 44.93 16.48 -25.77
CA SER C 112 44.33 17.49 -26.61
C SER C 112 45.06 18.80 -26.38
N VAL C 113 45.22 19.59 -27.45
CA VAL C 113 45.84 20.90 -27.36
C VAL C 113 44.98 21.91 -28.09
N ASP C 114 43.72 21.54 -28.35
CA ASP C 114 42.82 22.38 -29.12
C ASP C 114 41.62 22.88 -28.32
N LEU C 115 41.20 22.16 -27.28
CA LEU C 115 40.05 22.54 -26.48
C LEU C 115 40.42 23.47 -25.32
N HIS C 116 41.68 23.89 -25.23
CA HIS C 116 42.13 24.80 -24.17
C HIS C 116 41.76 26.24 -24.51
N TYR C 117 40.45 26.47 -24.67
CA TYR C 117 39.90 27.78 -24.97
C TYR C 117 38.97 28.20 -23.84
N ASP C 118 39.27 29.33 -23.22
CA ASP C 118 38.42 29.85 -22.15
C ASP C 118 37.08 30.30 -22.72
N SER C 119 36.00 29.90 -22.07
CA SER C 119 34.65 30.03 -22.58
C SER C 119 33.70 30.45 -21.47
N PRO C 120 32.53 30.98 -21.82
CA PRO C 120 31.57 31.39 -20.78
C PRO C 120 31.16 30.27 -19.84
N GLU C 121 31.12 29.03 -20.32
CA GLU C 121 30.86 27.91 -19.41
C GLU C 121 31.99 27.77 -18.39
N MET C 122 33.23 27.95 -18.83
CA MET C 122 34.36 27.94 -17.89
C MET C 122 34.25 29.09 -16.90
N LYS C 123 33.82 30.26 -17.37
CA LYS C 123 33.61 31.39 -16.46
C LYS C 123 32.55 31.05 -15.41
N LEU C 124 31.45 30.42 -15.84
CA LEU C 124 30.40 30.04 -14.90
C LEU C 124 30.92 29.04 -13.89
N LEU C 125 31.71 28.06 -14.34
CA LEU C 125 32.25 27.07 -13.42
C LEU C 125 33.22 27.72 -12.44
N SER C 126 34.02 28.67 -12.90
CA SER C 126 35.00 29.31 -12.03
C SER C 126 34.31 30.19 -10.98
N ASP C 127 33.39 31.06 -11.41
CA ASP C 127 32.77 31.99 -10.46
C ASP C 127 31.67 31.34 -9.65
N ALA C 128 31.21 30.15 -10.03
CA ALA C 128 30.23 29.44 -9.21
C ALA C 128 30.82 28.87 -7.93
N PHE C 129 32.15 28.89 -7.80
CA PHE C 129 32.77 28.41 -6.58
C PHE C 129 32.74 29.44 -5.46
N LYS C 130 32.41 30.69 -5.78
CA LYS C 130 32.33 31.73 -4.77
C LYS C 130 31.10 31.52 -3.90
N PRO C 131 31.11 32.08 -2.66
CA PRO C 131 29.98 31.85 -1.75
C PRO C 131 28.63 32.23 -2.33
N TYR C 132 27.77 31.25 -2.53
CA TYR C 132 26.46 31.47 -3.12
C TYR C 132 25.50 32.08 -2.11
N GLN C 133 24.39 32.59 -2.62
CA GLN C 133 23.36 33.25 -1.81
C GLN C 133 24.03 34.40 -1.07
N LYS C 134 23.76 34.57 0.23
CA LYS C 134 24.42 35.63 0.99
C LYS C 134 25.87 35.25 1.29
N THR C 135 26.07 34.16 2.04
CA THR C 135 27.40 33.65 2.30
C THR C 135 27.28 32.17 2.66
N PHE C 136 27.59 31.30 1.69
CA PHE C 136 27.57 29.86 1.94
C PHE C 136 28.91 29.20 1.68
N GLN C 137 29.56 29.48 0.55
CA GLN C 137 30.84 28.87 0.18
C GLN C 137 30.71 27.35 0.10
N PRO C 138 30.10 26.82 -0.96
CA PRO C 138 30.01 25.37 -1.09
C PRO C 138 31.38 24.74 -1.27
N HIS C 139 31.51 23.49 -0.81
CA HIS C 139 32.76 22.76 -0.88
C HIS C 139 32.77 21.62 -1.89
N THR C 140 31.61 21.07 -2.23
CA THR C 140 31.52 19.96 -3.17
C THR C 140 30.69 20.36 -4.38
N ILE C 141 31.20 20.06 -5.56
CA ILE C 141 30.49 20.30 -6.80
C ILE C 141 30.38 18.98 -7.55
N ILE C 142 29.17 18.61 -7.94
CA ILE C 142 28.91 17.36 -8.64
C ILE C 142 28.35 17.68 -10.02
N LEU C 143 28.98 17.12 -11.05
CA LEU C 143 28.61 17.37 -12.43
C LEU C 143 27.79 16.20 -12.96
N HIS C 144 26.58 16.50 -13.41
CA HIS C 144 25.70 15.49 -13.99
C HIS C 144 26.01 15.33 -15.46
N GLY C 145 25.13 14.66 -16.18
CA GLY C 145 25.25 14.53 -17.63
C GLY C 145 24.87 13.13 -18.08
N ARG C 146 24.54 13.02 -19.36
CA ARG C 146 24.21 11.75 -19.95
C ARG C 146 25.48 10.99 -20.33
N PRO C 147 25.39 9.68 -20.50
CA PRO C 147 26.59 8.89 -20.77
C PRO C 147 27.13 9.09 -22.18
N GLY C 148 27.99 10.09 -22.35
CA GLY C 148 28.61 10.30 -23.65
C GLY C 148 28.75 11.75 -24.05
N VAL C 149 28.44 12.67 -23.14
CA VAL C 149 28.75 14.08 -23.33
C VAL C 149 30.17 14.29 -22.82
N GLY C 150 30.74 15.46 -23.09
CA GLY C 150 32.12 15.73 -22.72
C GLY C 150 32.31 16.11 -21.27
N LYS C 151 32.25 15.13 -20.36
CA LYS C 151 32.49 15.38 -18.95
C LYS C 151 33.95 15.16 -18.58
N SER C 152 34.50 13.99 -18.94
CA SER C 152 35.90 13.73 -18.64
C SER C 152 36.80 14.72 -19.36
N ALA C 153 36.45 15.11 -20.58
CA ALA C 153 37.19 16.15 -21.28
C ALA C 153 37.14 17.46 -20.50
N LEU C 154 35.98 17.78 -19.92
CA LEU C 154 35.86 19.00 -19.14
C LEU C 154 36.74 18.96 -17.90
N ALA C 155 36.75 17.83 -17.19
CA ALA C 155 37.59 17.72 -16.00
C ALA C 155 39.06 17.82 -16.34
N ARG C 156 39.49 17.14 -17.41
CA ARG C 156 40.88 17.22 -17.83
C ARG C 156 41.23 18.64 -18.24
N SER C 157 40.30 19.34 -18.90
CA SER C 157 40.53 20.73 -19.26
C SER C 157 40.70 21.59 -18.02
N ILE C 158 39.90 21.36 -16.99
CA ILE C 158 40.02 22.14 -15.76
C ILE C 158 41.38 21.95 -15.13
N VAL C 159 41.80 20.69 -14.95
CA VAL C 159 43.07 20.45 -14.28
C VAL C 159 44.23 20.94 -15.12
N LEU C 160 44.13 20.81 -16.45
CA LEU C 160 45.18 21.34 -17.32
C LEU C 160 45.26 22.86 -17.23
N GLY C 161 44.12 23.54 -17.28
CA GLY C 161 44.11 24.98 -17.26
C GLY C 161 44.50 25.57 -15.92
N TRP C 162 44.43 24.77 -14.84
CA TRP C 162 44.96 25.25 -13.57
C TRP C 162 46.45 25.58 -13.68
N ALA C 163 47.22 24.69 -14.28
CA ALA C 163 48.66 24.91 -14.41
C ALA C 163 48.99 25.68 -15.67
N GLN C 164 48.23 26.74 -15.90
CA GLN C 164 48.53 27.70 -16.96
C GLN C 164 48.15 29.13 -16.58
N GLY C 165 47.69 29.36 -15.36
CA GLY C 165 47.06 30.62 -15.03
C GLY C 165 45.63 30.67 -15.55
N LYS C 166 45.07 31.88 -15.49
CA LYS C 166 43.75 32.19 -16.04
C LYS C 166 42.68 31.17 -15.65
N LEU C 167 42.86 30.51 -14.51
CA LEU C 167 41.90 29.55 -14.00
C LEU C 167 41.98 29.59 -12.48
N PHE C 168 41.49 28.53 -11.83
CA PHE C 168 41.44 28.45 -10.38
C PHE C 168 42.77 28.84 -9.76
N GLN C 169 42.76 29.95 -9.01
CA GLN C 169 43.90 30.39 -8.23
C GLN C 169 43.63 30.11 -6.76
N LYS C 170 44.50 30.63 -5.90
CA LYS C 170 44.43 30.43 -4.44
C LYS C 170 44.30 28.96 -4.07
N MET C 171 44.76 28.07 -4.95
CA MET C 171 44.77 26.64 -4.69
C MET C 171 46.20 26.13 -4.79
N SER C 172 46.51 25.11 -4.00
CA SER C 172 47.86 24.54 -3.99
C SER C 172 47.96 23.36 -4.94
N PHE C 173 47.09 22.36 -4.77
CA PHE C 173 47.09 21.17 -5.61
C PHE C 173 45.73 20.97 -6.25
N VAL C 174 45.77 20.38 -7.45
CA VAL C 174 44.57 20.01 -8.19
C VAL C 174 44.61 18.53 -8.49
N ILE C 175 45.13 17.74 -7.56
CA ILE C 175 45.36 16.31 -7.73
C ILE C 175 44.19 15.65 -8.45
N PHE C 176 44.49 14.95 -9.54
CA PHE C 176 43.48 14.36 -10.41
C PHE C 176 43.79 12.88 -10.54
N PHE C 177 42.79 12.03 -10.32
CA PHE C 177 42.94 10.61 -10.57
C PHE C 177 41.62 10.03 -11.04
N SER C 178 41.63 9.45 -12.24
CA SER C 178 40.44 8.81 -12.77
C SER C 178 40.18 7.51 -12.04
N VAL C 179 38.92 7.28 -11.68
CA VAL C 179 38.57 6.08 -10.92
C VAL C 179 38.43 4.87 -11.83
N ARG C 180 38.39 5.07 -13.15
CA ARG C 180 38.25 3.94 -14.06
C ARG C 180 39.42 2.97 -13.94
N GLU C 181 40.64 3.50 -13.81
CA GLU C 181 41.83 2.66 -13.79
C GLU C 181 41.92 1.82 -12.53
N ILE C 182 41.66 2.42 -11.37
CA ILE C 182 41.79 1.67 -10.12
C ILE C 182 40.69 0.61 -10.03
N LYS C 183 40.92 -0.40 -9.20
CA LYS C 183 40.05 -1.56 -9.10
C LYS C 183 39.27 -1.62 -7.79
N TRP C 184 39.27 -0.54 -7.00
CA TRP C 184 38.61 -0.47 -5.70
C TRP C 184 38.80 -1.72 -4.85
N THR C 185 39.95 -2.38 -4.99
CA THR C 185 40.28 -3.55 -4.17
C THR C 185 41.73 -3.53 -3.76
N GLU C 186 42.31 -2.33 -3.59
CA GLU C 186 43.72 -2.17 -3.32
C GLU C 186 43.89 -1.57 -1.93
N LYS C 187 44.77 -2.17 -1.12
CA LYS C 187 45.01 -1.71 0.24
C LYS C 187 45.82 -0.43 0.30
N SER C 188 46.20 0.13 -0.84
CA SER C 188 47.06 1.31 -0.85
C SER C 188 46.41 2.49 -0.14
N SER C 189 47.19 3.17 0.70
CA SER C 189 46.74 4.36 1.39
C SER C 189 46.76 5.57 0.44
N LEU C 190 46.31 6.72 0.95
CA LEU C 190 46.22 7.91 0.11
C LEU C 190 47.60 8.45 -0.24
N ALA C 191 48.48 8.55 0.76
CA ALA C 191 49.81 9.10 0.50
C ALA C 191 50.60 8.23 -0.46
N GLN C 192 50.59 6.92 -0.25
CA GLN C 192 51.29 6.02 -1.16
C GLN C 192 50.57 5.91 -2.50
N LEU C 193 49.27 6.18 -2.55
CA LEU C 193 48.58 6.26 -3.83
C LEU C 193 49.10 7.45 -4.65
N ILE C 194 49.24 8.61 -4.01
CA ILE C 194 49.82 9.75 -4.69
C ILE C 194 51.27 9.46 -5.08
N ALA C 195 52.00 8.76 -4.21
CA ALA C 195 53.38 8.42 -4.52
C ALA C 195 53.48 7.52 -5.75
N LYS C 196 52.60 6.52 -5.84
CA LYS C 196 52.66 5.59 -6.97
C LYS C 196 52.12 6.22 -8.25
N GLU C 197 51.23 7.20 -8.14
CA GLU C 197 50.78 7.91 -9.33
C GLU C 197 51.74 9.04 -9.72
N CYS C 198 52.69 9.39 -8.86
CA CYS C 198 53.70 10.39 -9.18
C CYS C 198 54.98 9.69 -9.58
N PRO C 199 55.49 9.91 -10.80
CA PRO C 199 56.61 9.09 -11.29
C PRO C 199 57.92 9.32 -10.57
N ASP C 200 58.36 10.58 -10.47
CA ASP C 200 59.70 10.86 -9.95
C ASP C 200 59.76 12.00 -8.95
N SER C 201 58.65 12.65 -8.62
CA SER C 201 58.65 13.72 -7.63
C SER C 201 58.16 13.12 -6.31
N TRP C 202 59.10 12.51 -5.58
CA TRP C 202 58.76 11.84 -4.33
C TRP C 202 58.21 12.86 -3.33
N ASP C 203 59.05 13.80 -2.90
CA ASP C 203 58.67 14.92 -2.05
C ASP C 203 57.71 14.52 -0.94
N LEU C 204 57.97 13.40 -0.28
CA LEU C 204 57.00 12.85 0.68
C LEU C 204 56.73 13.84 1.81
N VAL C 205 57.76 14.12 2.62
CA VAL C 205 57.58 14.97 3.78
C VAL C 205 57.20 16.39 3.37
N THR C 206 57.85 16.90 2.31
CA THR C 206 57.58 18.27 1.87
C THR C 206 56.13 18.45 1.45
N LYS C 207 55.63 17.54 0.61
CA LYS C 207 54.24 17.65 0.18
C LYS C 207 53.28 17.37 1.31
N ILE C 208 53.66 16.51 2.26
CA ILE C 208 52.79 16.24 3.40
C ILE C 208 52.63 17.50 4.25
N MET C 209 53.73 18.20 4.51
CA MET C 209 53.72 19.30 5.46
C MET C 209 53.54 20.67 4.83
N SER C 210 53.55 20.78 3.50
CA SER C 210 53.56 22.10 2.88
C SER C 210 52.15 22.67 2.73
N GLN C 211 51.21 21.88 2.23
CA GLN C 211 49.88 22.38 1.85
C GLN C 211 48.75 21.55 2.43
N PRO C 212 48.62 21.51 3.77
CA PRO C 212 47.39 20.95 4.35
C PRO C 212 46.31 22.00 4.52
N GLU C 213 46.13 22.88 3.53
CA GLU C 213 45.17 23.98 3.66
C GLU C 213 44.13 24.01 2.56
N ARG C 214 44.55 23.97 1.30
CA ARG C 214 43.67 24.21 0.16
C ARG C 214 44.06 23.28 -0.97
N LEU C 215 43.36 22.16 -1.08
CA LEU C 215 43.52 21.25 -2.21
C LEU C 215 42.29 21.34 -3.10
N LEU C 216 42.36 20.64 -4.23
CA LEU C 216 41.22 20.56 -5.14
C LEU C 216 41.25 19.19 -5.79
N PHE C 217 40.53 18.25 -5.19
CA PHE C 217 40.48 16.89 -5.72
C PHE C 217 39.52 16.84 -6.89
N VAL C 218 40.00 16.39 -8.04
CA VAL C 218 39.14 16.24 -9.21
C VAL C 218 38.98 14.75 -9.52
N ILE C 219 37.89 14.17 -9.07
CA ILE C 219 37.60 12.75 -9.31
C ILE C 219 36.76 12.64 -10.57
N ASP C 220 37.15 11.74 -11.46
CA ASP C 220 36.54 11.64 -12.78
C ASP C 220 35.82 10.31 -12.93
N GLY C 221 34.59 10.36 -13.41
CA GLY C 221 33.85 9.17 -13.77
C GLY C 221 33.51 8.23 -12.63
N LEU C 222 33.12 8.77 -11.48
CA LEU C 222 32.72 7.94 -10.36
C LEU C 222 31.32 7.35 -10.54
N ASP C 223 30.73 7.49 -11.73
CA ASP C 223 29.40 6.94 -11.98
C ASP C 223 29.23 5.45 -11.81
N ASP C 224 30.34 4.71 -11.88
CA ASP C 224 30.26 3.27 -11.56
C ASP C 224 30.57 3.18 -10.06
N MET C 225 30.99 2.01 -9.59
CA MET C 225 31.41 1.83 -8.19
C MET C 225 30.09 1.67 -7.45
N ASP C 226 28.97 1.90 -8.12
CA ASP C 226 27.68 1.89 -7.43
C ASP C 226 27.38 0.50 -6.88
N SER C 227 27.72 -0.55 -7.64
CA SER C 227 27.48 -1.91 -7.16
C SER C 227 28.45 -2.27 -6.03
N VAL C 228 29.72 -1.87 -6.17
CA VAL C 228 30.73 -2.28 -5.20
C VAL C 228 30.65 -1.44 -3.93
N LEU C 229 29.95 -0.31 -3.97
CA LEU C 229 29.82 0.53 -2.79
C LEU C 229 29.08 -0.23 -1.70
N GLN C 230 29.83 -0.63 -0.67
CA GLN C 230 29.25 -1.44 0.40
C GLN C 230 28.22 -0.66 1.21
N HIS C 231 28.49 0.63 1.45
CA HIS C 231 27.60 1.55 2.15
C HIS C 231 26.99 0.95 3.42
N ASP C 232 27.79 0.21 4.18
CA ASP C 232 27.37 -0.39 5.45
C ASP C 232 28.38 0.03 6.52
N ASP C 233 28.16 1.21 7.09
CA ASP C 233 29.05 1.84 8.08
C ASP C 233 30.52 1.61 7.77
N MET C 234 30.95 2.00 6.57
CA MET C 234 32.34 1.88 6.21
C MET C 234 33.21 2.72 7.14
N THR C 235 34.42 2.21 7.42
CA THR C 235 35.35 2.92 8.29
C THR C 235 35.67 4.30 7.72
N LEU C 236 35.62 5.31 8.58
CA LEU C 236 35.92 6.68 8.16
C LEU C 236 37.33 7.06 8.64
N SER C 237 38.27 6.89 7.71
CA SER C 237 39.65 7.29 7.96
C SER C 237 39.75 8.78 8.21
N ARG C 238 40.49 9.16 9.25
CA ARG C 238 40.58 10.55 9.64
C ARG C 238 41.84 11.23 9.08
N ASP C 239 42.90 10.47 8.83
CA ASP C 239 44.14 11.01 8.31
C ASP C 239 44.74 10.07 7.28
N TRP C 240 45.78 10.54 6.60
CA TRP C 240 46.44 9.72 5.61
C TRP C 240 47.22 8.59 6.29
N LYS C 241 47.95 7.83 5.48
CA LYS C 241 48.73 6.67 5.93
C LYS C 241 47.85 5.59 6.54
N ASP C 242 46.61 5.46 6.08
CA ASP C 242 45.69 4.43 6.55
C ASP C 242 45.61 3.34 5.49
N GLU C 243 46.06 2.15 5.85
CA GLU C 243 46.05 1.01 4.92
C GLU C 243 44.65 0.42 4.89
N GLN C 244 43.87 0.83 3.90
CA GLN C 244 42.50 0.36 3.73
C GLN C 244 42.23 0.22 2.24
N PRO C 245 41.17 -0.50 1.86
CA PRO C 245 40.77 -0.51 0.45
C PRO C 245 40.47 0.89 -0.06
N ILE C 246 40.90 1.15 -1.30
CA ILE C 246 40.84 2.49 -1.86
C ILE C 246 39.39 2.94 -1.99
N TYR C 247 38.46 2.01 -2.13
CA TYR C 247 37.06 2.40 -2.12
C TYR C 247 36.63 2.87 -0.73
N ILE C 248 37.17 2.25 0.33
CA ILE C 248 36.90 2.74 1.68
C ILE C 248 37.47 4.15 1.85
N LEU C 249 38.69 4.37 1.38
CA LEU C 249 39.25 5.72 1.46
C LEU C 249 38.43 6.72 0.64
N MET C 250 37.92 6.31 -0.52
CA MET C 250 37.10 7.20 -1.33
C MET C 250 35.80 7.55 -0.61
N TYR C 251 35.17 6.57 0.02
CA TYR C 251 33.96 6.85 0.78
C TYR C 251 34.25 7.80 1.93
N SER C 252 35.35 7.57 2.65
CA SER C 252 35.70 8.45 3.75
C SER C 252 35.98 9.86 3.28
N LEU C 253 36.65 10.02 2.14
CA LEU C 253 36.87 11.34 1.58
C LEU C 253 35.56 11.99 1.17
N LEU C 254 34.63 11.20 0.63
CA LEU C 254 33.34 11.74 0.23
C LEU C 254 32.57 12.26 1.44
N ARG C 255 32.59 11.52 2.53
CA ARG C 255 31.84 11.91 3.73
C ARG C 255 32.53 13.00 4.54
N LYS C 256 33.53 13.67 3.97
CA LYS C 256 34.26 14.74 4.64
C LYS C 256 34.87 14.27 5.96
N ALA C 257 35.35 13.04 5.96
CA ALA C 257 36.09 12.50 7.10
C ALA C 257 37.59 12.53 6.87
N LEU C 258 38.03 12.37 5.63
CA LEU C 258 39.44 12.47 5.27
C LEU C 258 39.71 13.88 4.74
N LEU C 259 40.63 14.57 5.39
CA LEU C 259 41.05 15.93 5.02
C LEU C 259 39.84 16.85 4.82
N PRO C 260 39.13 17.20 5.89
CA PRO C 260 38.07 18.20 5.75
C PRO C 260 38.64 19.55 5.36
N GLN C 261 37.77 20.42 4.87
CA GLN C 261 38.04 21.77 4.39
C GLN C 261 38.69 21.75 3.00
N SER C 262 38.99 20.58 2.44
CA SER C 262 39.59 20.50 1.11
C SER C 262 38.48 20.46 0.06
N PHE C 263 38.57 21.33 -0.93
CA PHE C 263 37.58 21.36 -1.99
C PHE C 263 37.71 20.14 -2.88
N LEU C 264 36.61 19.74 -3.53
CA LEU C 264 36.64 18.63 -4.46
C LEU C 264 35.56 18.78 -5.51
N ILE C 265 35.81 18.18 -6.68
CA ILE C 265 34.88 18.19 -7.81
C ILE C 265 34.71 16.77 -8.30
N ILE C 266 33.46 16.35 -8.50
CA ILE C 266 33.15 15.00 -8.93
C ILE C 266 32.37 15.04 -10.23
N THR C 267 32.47 13.96 -10.99
CA THR C 267 31.78 13.81 -12.26
C THR C 267 31.11 12.45 -12.33
N THR C 268 29.80 12.44 -12.57
CA THR C 268 29.03 11.21 -12.63
C THR C 268 27.97 11.33 -13.72
N ARG C 269 27.22 10.26 -13.90
CA ARG C 269 26.10 10.21 -14.83
C ARG C 269 24.79 10.22 -14.04
N ASN C 270 23.68 10.37 -14.74
CA ASN C 270 22.40 10.41 -14.05
C ASN C 270 21.88 9.02 -13.70
N THR C 271 22.75 8.16 -13.19
CA THR C 271 22.35 6.88 -12.60
C THR C 271 23.10 6.54 -11.33
N GLY C 272 24.29 7.08 -11.11
CA GLY C 272 25.06 6.84 -9.91
C GLY C 272 24.72 7.73 -8.75
N LEU C 273 23.84 8.71 -8.95
CA LEU C 273 23.39 9.57 -7.88
C LEU C 273 22.59 8.83 -6.82
N GLU C 274 22.06 7.65 -7.16
CA GLU C 274 21.08 6.98 -6.32
C GLU C 274 21.62 6.75 -4.91
N LYS C 275 22.89 6.39 -4.78
CA LYS C 275 23.52 6.25 -3.47
C LYS C 275 24.52 7.34 -3.16
N LEU C 276 24.95 8.11 -4.16
CA LEU C 276 25.92 9.17 -3.91
C LEU C 276 25.29 10.40 -3.28
N LYS C 277 24.04 10.71 -3.62
CA LYS C 277 23.45 11.97 -3.19
C LYS C 277 23.23 12.03 -1.68
N SER C 278 23.20 10.89 -1.00
CA SER C 278 23.00 10.86 0.44
C SER C 278 24.29 10.71 1.22
N MET C 279 25.44 10.75 0.56
CA MET C 279 26.72 10.62 1.23
C MET C 279 27.53 11.91 1.26
N VAL C 280 27.17 12.89 0.45
CA VAL C 280 27.87 14.17 0.43
C VAL C 280 27.10 15.16 1.29
N VAL C 281 27.78 16.23 1.68
CA VAL C 281 27.21 17.25 2.55
C VAL C 281 27.13 18.56 1.79
N SER C 282 25.91 19.07 1.64
CA SER C 282 25.65 20.34 0.97
C SER C 282 26.36 20.47 -0.38
N PRO C 283 26.01 19.65 -1.36
CA PRO C 283 26.66 19.74 -2.66
C PRO C 283 26.03 20.80 -3.54
N LEU C 284 26.73 21.13 -4.61
CA LEU C 284 26.21 22.00 -5.67
C LEU C 284 26.18 21.21 -6.96
N TYR C 285 25.01 21.13 -7.58
CA TYR C 285 24.81 20.29 -8.76
C TYR C 285 24.88 21.12 -10.03
N ILE C 286 25.82 20.78 -10.90
CA ILE C 286 25.94 21.38 -12.22
C ILE C 286 25.52 20.33 -13.23
N LEU C 287 24.50 20.63 -14.01
CA LEU C 287 24.02 19.75 -15.07
C LEU C 287 24.60 20.23 -16.39
N VAL C 288 25.25 19.33 -17.11
CA VAL C 288 25.84 19.65 -18.41
C VAL C 288 25.00 18.98 -19.50
N GLU C 289 24.64 19.76 -20.52
CA GLU C 289 23.78 19.28 -21.59
C GLU C 289 24.62 18.83 -22.79
N GLY C 290 23.95 18.22 -23.75
CA GLY C 290 24.62 17.63 -24.89
C GLY C 290 24.88 18.60 -26.02
N LEU C 291 24.50 18.24 -27.23
CA LEU C 291 24.86 19.05 -28.39
C LEU C 291 23.98 20.29 -28.52
N SER C 292 22.70 20.08 -28.83
CA SER C 292 21.72 21.15 -28.97
C SER C 292 20.40 20.49 -29.38
N ALA C 293 19.36 21.30 -29.47
CA ALA C 293 18.10 20.83 -30.00
C ALA C 293 17.95 21.12 -31.48
N SER C 294 18.59 22.18 -31.98
CA SER C 294 18.54 22.50 -33.40
C SER C 294 19.65 21.81 -34.18
N ARG C 295 20.83 21.68 -33.58
CA ARG C 295 21.93 20.99 -34.26
C ARG C 295 21.57 19.55 -34.53
N ARG C 296 20.94 18.88 -33.56
CA ARG C 296 20.53 17.49 -33.77
C ARG C 296 19.53 17.39 -34.90
N SER C 297 18.56 18.29 -34.95
CA SER C 297 17.56 18.25 -36.01
C SER C 297 18.21 18.47 -37.37
N GLN C 298 19.12 19.43 -37.48
CA GLN C 298 19.79 19.67 -38.75
C GLN C 298 20.61 18.46 -39.18
N LEU C 299 21.36 17.88 -38.24
CA LEU C 299 22.20 16.73 -38.60
C LEU C 299 21.35 15.52 -38.99
N VAL C 300 20.18 15.36 -38.38
CA VAL C 300 19.31 14.26 -38.77
C VAL C 300 18.71 14.51 -40.15
N LEU C 301 18.28 15.75 -40.41
CA LEU C 301 17.67 16.05 -41.70
C LEU C 301 18.67 15.99 -42.84
N GLU C 302 19.95 16.25 -42.58
CA GLU C 302 20.94 16.21 -43.65
C GLU C 302 21.05 14.82 -44.27
N ASN C 303 20.77 13.78 -43.50
CA ASN C 303 20.97 12.40 -43.95
C ASN C 303 19.65 11.70 -44.23
N ILE C 304 18.67 12.41 -44.77
CA ILE C 304 17.39 11.83 -45.14
C ILE C 304 17.46 11.39 -46.60
N SER C 305 16.80 10.28 -46.92
CA SER C 305 16.91 9.68 -48.25
C SER C 305 16.38 10.58 -49.36
N ASN C 306 15.29 11.31 -49.11
CA ASN C 306 14.70 12.24 -50.07
C ASN C 306 14.28 11.50 -51.35
N GLU C 307 13.42 10.50 -51.16
CA GLU C 307 12.86 9.76 -52.28
C GLU C 307 11.37 9.51 -52.18
N SER C 308 10.76 9.66 -51.01
CA SER C 308 9.36 9.34 -50.78
C SER C 308 8.84 10.26 -49.69
N ASP C 309 7.71 9.91 -49.09
CA ASP C 309 7.19 10.66 -47.96
C ASP C 309 8.22 10.40 -46.86
N ARG C 310 9.07 11.39 -46.62
CA ARG C 310 10.17 11.27 -45.67
C ARG C 310 9.93 12.14 -44.46
N ILE C 311 9.04 13.13 -44.57
CA ILE C 311 8.79 14.04 -43.45
C ILE C 311 8.16 13.27 -42.29
N GLN C 312 7.36 12.25 -42.59
CA GLN C 312 6.77 11.44 -41.52
C GLN C 312 7.86 10.73 -40.72
N VAL C 313 8.85 10.14 -41.42
CA VAL C 313 9.93 9.45 -40.72
C VAL C 313 10.78 10.45 -39.95
N PHE C 314 11.03 11.62 -40.55
CA PHE C 314 11.82 12.63 -39.86
C PHE C 314 11.16 13.07 -38.57
N HIS C 315 9.84 13.29 -38.60
CA HIS C 315 9.14 13.71 -37.39
C HIS C 315 9.04 12.58 -36.39
N SER C 316 8.80 11.35 -36.85
CA SER C 316 8.80 10.21 -35.94
C SER C 316 10.16 9.98 -35.31
N LEU C 317 11.22 10.48 -35.92
CA LEU C 317 12.55 10.38 -35.30
C LEU C 317 12.78 11.52 -34.31
N ILE C 318 12.47 12.76 -34.70
CA ILE C 318 12.82 13.89 -33.84
C ILE C 318 11.78 14.18 -32.77
N GLU C 319 10.66 13.48 -32.75
CA GLU C 319 9.69 13.65 -31.68
C GLU C 319 9.73 12.53 -30.66
N ASN C 320 10.49 11.47 -30.91
CA ASN C 320 10.68 10.39 -29.95
C ASN C 320 11.74 10.83 -28.95
N HIS C 321 11.32 11.03 -27.70
CA HIS C 321 12.23 11.61 -26.72
C HIS C 321 13.33 10.64 -26.32
N GLN C 322 13.01 9.34 -26.23
CA GLN C 322 14.01 8.36 -25.86
C GLN C 322 15.16 8.33 -26.87
N LEU C 323 14.86 8.54 -28.15
CA LEU C 323 15.88 8.59 -29.19
C LEU C 323 16.57 9.95 -29.23
N PHE C 324 15.79 11.03 -29.18
CA PHE C 324 16.34 12.36 -29.37
C PHE C 324 17.24 12.77 -28.22
N ASP C 325 16.80 12.54 -26.99
CA ASP C 325 17.61 12.92 -25.84
C ASP C 325 18.89 12.09 -25.76
N GLN C 326 18.79 10.80 -26.06
CA GLN C 326 19.99 9.95 -26.10
C GLN C 326 20.94 10.39 -27.20
N CYS C 327 20.42 11.04 -28.24
CA CYS C 327 21.20 11.58 -29.35
C CYS C 327 21.97 12.82 -28.98
N GLN C 328 22.01 13.19 -27.70
CA GLN C 328 22.82 14.33 -27.28
C GLN C 328 24.31 14.05 -27.45
N ALA C 329 24.71 12.80 -27.27
CA ALA C 329 26.10 12.43 -27.45
C ALA C 329 26.47 12.50 -28.93
N PRO C 330 27.56 13.19 -29.28
CA PRO C 330 27.97 13.23 -30.70
C PRO C 330 28.26 11.85 -31.27
N SER C 331 28.73 10.91 -30.46
CA SER C 331 28.94 9.55 -30.95
C SER C 331 27.63 8.92 -31.40
N VAL C 332 26.58 9.07 -30.59
CA VAL C 332 25.28 8.50 -30.94
C VAL C 332 24.71 9.21 -32.16
N CYS C 333 24.87 10.54 -32.23
CA CYS C 333 24.38 11.25 -33.41
C CYS C 333 25.09 10.77 -34.67
N SER C 334 26.41 10.55 -34.58
CA SER C 334 27.15 10.03 -35.73
C SER C 334 26.68 8.64 -36.11
N LEU C 335 26.42 7.77 -35.13
CA LEU C 335 25.92 6.44 -35.45
C LEU C 335 24.56 6.50 -36.13
N VAL C 336 23.68 7.37 -35.66
CA VAL C 336 22.36 7.49 -36.27
C VAL C 336 22.49 7.98 -37.71
N CYS C 337 23.33 9.00 -37.94
CA CYS C 337 23.51 9.50 -39.30
C CYS C 337 24.11 8.43 -40.21
N GLU C 338 25.06 7.65 -39.68
CA GLU C 338 25.66 6.59 -40.48
C GLU C 338 24.64 5.52 -40.84
N ALA C 339 23.78 5.15 -39.89
CA ALA C 339 22.74 4.17 -40.18
C ALA C 339 21.76 4.69 -41.22
N LEU C 340 21.40 5.98 -41.13
CA LEU C 340 20.51 6.56 -42.13
C LEU C 340 21.15 6.54 -43.51
N GLN C 341 22.44 6.87 -43.59
CA GLN C 341 23.14 6.82 -44.87
C GLN C 341 23.21 5.39 -45.41
N LEU C 342 23.44 4.41 -44.54
CA LEU C 342 23.48 3.03 -44.98
C LEU C 342 22.13 2.58 -45.54
N GLN C 343 21.04 2.96 -44.86
CA GLN C 343 19.72 2.62 -45.38
C GLN C 343 19.41 3.34 -46.68
N LYS C 344 19.91 4.56 -46.85
CA LYS C 344 19.81 5.22 -48.14
C LYS C 344 20.53 4.43 -49.22
N LYS C 345 21.74 3.97 -48.93
CA LYS C 345 22.50 3.21 -49.91
C LYS C 345 21.80 1.91 -50.27
N LEU C 346 21.29 1.19 -49.28
CA LEU C 346 20.57 -0.06 -49.52
C LEU C 346 19.09 0.27 -49.64
N GLY C 347 18.69 0.72 -50.83
CA GLY C 347 17.32 1.14 -51.03
C GLY C 347 16.32 0.01 -50.88
N LYS C 348 16.63 -1.14 -51.48
CA LYS C 348 15.73 -2.28 -51.47
C LYS C 348 16.26 -3.50 -50.72
N ARG C 349 17.58 -3.64 -50.63
CA ARG C 349 18.15 -4.80 -49.95
C ARG C 349 17.80 -4.80 -48.47
N CYS C 350 17.82 -3.63 -47.84
CA CYS C 350 17.51 -3.49 -46.42
C CYS C 350 16.03 -3.17 -46.28
N THR C 351 15.30 -4.04 -45.58
CA THR C 351 13.88 -3.85 -45.33
C THR C 351 13.58 -3.62 -43.85
N LEU C 352 14.59 -3.29 -43.07
CA LEU C 352 14.41 -3.04 -41.64
C LEU C 352 13.73 -1.69 -41.41
N PRO C 353 13.06 -1.54 -40.27
CA PRO C 353 12.40 -0.26 -39.98
C PRO C 353 13.40 0.89 -39.89
N CYS C 354 12.96 2.07 -40.29
CA CYS C 354 13.81 3.25 -40.35
C CYS C 354 13.59 4.19 -39.17
N GLN C 355 13.11 3.67 -38.05
CA GLN C 355 12.97 4.45 -36.82
C GLN C 355 13.12 3.49 -35.64
N THR C 356 12.67 3.92 -34.46
CA THR C 356 12.63 3.14 -33.24
C THR C 356 14.01 2.87 -32.64
N LEU C 357 15.06 3.32 -33.30
CA LEU C 357 16.44 3.16 -32.83
C LEU C 357 16.80 1.70 -32.56
N THR C 358 16.07 0.76 -33.16
CA THR C 358 16.47 -0.64 -33.14
C THR C 358 16.46 -1.14 -34.57
N GLY C 359 15.56 -0.57 -35.38
CA GLY C 359 15.61 -0.86 -36.80
C GLY C 359 16.87 -0.32 -37.45
N LEU C 360 17.21 0.93 -37.16
CA LEU C 360 18.44 1.51 -37.71
C LEU C 360 19.67 1.15 -36.90
N TYR C 361 19.50 0.77 -35.64
CA TYR C 361 20.61 0.36 -34.82
C TYR C 361 21.08 -1.06 -35.13
N ALA C 362 20.23 -1.86 -35.76
CA ALA C 362 20.58 -3.23 -36.12
C ALA C 362 21.16 -3.36 -37.52
N THR C 363 20.85 -2.41 -38.42
CA THR C 363 21.47 -2.46 -39.74
C THR C 363 22.97 -2.35 -39.65
N LEU C 364 23.48 -1.46 -38.80
CA LEU C 364 24.92 -1.32 -38.65
C LEU C 364 25.54 -2.63 -38.18
N VAL C 365 25.02 -3.21 -37.10
CA VAL C 365 25.61 -4.41 -36.55
C VAL C 365 25.52 -5.57 -37.54
N PHE C 366 24.40 -5.71 -38.25
CA PHE C 366 24.23 -6.85 -39.12
C PHE C 366 25.03 -6.70 -40.41
N HIS C 367 24.81 -5.59 -41.13
CA HIS C 367 25.52 -5.40 -42.39
C HIS C 367 27.02 -5.32 -42.18
N GLN C 368 27.47 -4.57 -41.18
CA GLN C 368 28.89 -4.39 -40.93
C GLN C 368 29.35 -5.54 -40.03
N LEU C 369 29.36 -6.74 -40.61
CA LEU C 369 29.86 -7.92 -39.91
C LEU C 369 31.14 -8.45 -40.56
N THR C 370 31.11 -8.79 -41.84
CA THR C 370 32.27 -9.33 -42.52
C THR C 370 32.30 -8.77 -43.94
N LEU C 371 33.23 -9.29 -44.75
CA LEU C 371 33.32 -8.92 -46.15
C LEU C 371 33.24 -10.18 -47.00
N LYS C 372 33.73 -11.30 -46.47
CA LYS C 372 33.67 -12.57 -47.16
C LYS C 372 32.23 -13.11 -47.13
N ARG C 373 32.05 -14.30 -47.71
CA ARG C 373 30.75 -14.95 -47.83
C ARG C 373 29.75 -13.99 -48.45
N PRO C 374 29.85 -13.72 -49.75
CA PRO C 374 28.91 -12.76 -50.38
C PRO C 374 27.47 -13.17 -50.26
N SER C 375 27.18 -14.47 -50.26
CA SER C 375 25.82 -14.95 -50.12
C SER C 375 25.43 -15.00 -48.64
N GLN C 376 24.17 -15.34 -48.39
CA GLN C 376 23.65 -15.42 -47.03
C GLN C 376 24.06 -16.77 -46.45
N SER C 377 25.13 -16.76 -45.66
CA SER C 377 25.70 -17.96 -45.08
C SER C 377 26.01 -17.74 -43.61
N ALA C 378 26.06 -18.84 -42.87
CA ALA C 378 26.32 -18.78 -41.45
C ALA C 378 27.72 -18.25 -41.17
N LEU C 379 27.87 -17.65 -39.98
CA LEU C 379 29.15 -17.05 -39.61
C LEU C 379 30.25 -18.10 -39.53
N SER C 380 30.15 -18.98 -38.54
CA SER C 380 31.15 -20.03 -38.31
C SER C 380 30.69 -20.91 -37.15
N GLN C 381 31.51 -21.89 -36.79
CA GLN C 381 31.26 -22.69 -35.61
C GLN C 381 31.89 -22.11 -34.36
N GLU C 382 32.56 -20.97 -34.46
CA GLU C 382 33.22 -20.35 -33.32
C GLU C 382 32.80 -18.89 -33.15
N GLU C 383 32.59 -18.19 -34.26
CA GLU C 383 32.15 -16.81 -34.19
C GLU C 383 30.82 -16.68 -33.49
N GLN C 384 29.96 -17.70 -33.62
CA GLN C 384 28.71 -17.71 -32.86
C GLN C 384 29.00 -17.74 -31.36
N ILE C 385 29.97 -18.54 -30.94
CA ILE C 385 30.33 -18.59 -29.52
C ILE C 385 30.88 -17.24 -29.07
N THR C 386 31.70 -16.59 -29.90
CA THR C 386 32.21 -15.28 -29.55
C THR C 386 31.07 -14.27 -29.38
N LEU C 387 30.13 -14.28 -30.31
CA LEU C 387 29.01 -13.34 -30.24
C LEU C 387 28.17 -13.59 -29.00
N VAL C 388 27.87 -14.86 -28.71
CA VAL C 388 27.06 -15.18 -27.54
C VAL C 388 27.78 -14.75 -26.26
N GLY C 389 29.09 -15.01 -26.19
CA GLY C 389 29.84 -14.60 -25.01
C GLY C 389 29.84 -13.09 -24.82
N LEU C 390 30.03 -12.35 -25.90
CA LEU C 390 29.99 -10.89 -25.80
C LEU C 390 28.62 -10.42 -25.33
N CYS C 391 27.56 -10.96 -25.91
CA CYS C 391 26.21 -10.54 -25.54
C CYS C 391 25.92 -10.86 -24.08
N MET C 392 26.32 -12.04 -23.61
CA MET C 392 25.99 -12.42 -22.25
C MET C 392 26.84 -11.65 -21.25
N MET C 393 28.08 -11.32 -21.60
CA MET C 393 28.88 -10.47 -20.73
C MET C 393 28.26 -9.09 -20.61
N ALA C 394 27.79 -8.53 -21.73
CA ALA C 394 27.11 -7.23 -21.67
C ALA C 394 25.87 -7.31 -20.79
N ALA C 395 25.10 -8.38 -20.92
CA ALA C 395 23.89 -8.53 -20.12
C ALA C 395 24.22 -8.64 -18.64
N GLU C 396 25.26 -9.40 -18.31
CA GLU C 396 25.67 -9.52 -16.91
C GLU C 396 26.11 -8.17 -16.34
N GLY C 397 26.86 -7.41 -17.14
CA GLY C 397 27.25 -6.08 -16.70
C GLY C 397 26.06 -5.17 -16.46
N VAL C 398 25.07 -5.25 -17.35
CA VAL C 398 23.86 -4.44 -17.16
C VAL C 398 23.14 -4.84 -15.88
N TRP C 399 23.02 -6.14 -15.64
CA TRP C 399 22.29 -6.62 -14.47
C TRP C 399 23.04 -6.40 -13.17
N THR C 400 24.36 -6.21 -13.21
CA THR C 400 25.16 -6.01 -12.00
C THR C 400 25.67 -4.58 -11.87
N MET C 401 25.08 -3.64 -12.61
CA MET C 401 25.46 -2.22 -12.54
C MET C 401 26.96 -2.03 -12.76
N ARG C 402 27.50 -2.75 -13.74
CA ARG C 402 28.92 -2.68 -14.07
C ARG C 402 29.09 -2.27 -15.52
N SER C 403 30.02 -1.35 -15.77
CA SER C 403 30.28 -0.87 -17.12
C SER C 403 31.75 -0.96 -17.51
N VAL C 404 32.62 -1.45 -16.63
CA VAL C 404 34.03 -1.64 -16.92
C VAL C 404 34.37 -3.11 -16.68
N PHE C 405 34.95 -3.75 -17.69
CA PHE C 405 35.24 -5.18 -17.64
C PHE C 405 36.74 -5.40 -17.68
N TYR C 406 37.25 -6.20 -16.76
CA TYR C 406 38.68 -6.48 -16.65
C TYR C 406 38.98 -7.82 -17.31
N ASP C 407 40.24 -8.24 -17.19
CA ASP C 407 40.66 -9.51 -17.77
C ASP C 407 39.96 -10.68 -17.11
N ASP C 408 39.64 -10.57 -15.82
CA ASP C 408 38.87 -11.61 -15.16
C ASP C 408 37.44 -11.65 -15.66
N ASP C 409 36.88 -10.50 -16.01
CA ASP C 409 35.56 -10.47 -16.63
C ASP C 409 35.58 -11.11 -18.01
N LEU C 410 36.74 -11.19 -18.64
CA LEU C 410 36.95 -12.02 -19.81
C LEU C 410 37.56 -13.34 -19.36
N LYS C 411 37.83 -14.23 -20.32
CA LYS C 411 38.54 -15.49 -20.07
C LYS C 411 37.70 -16.43 -19.22
N ASN C 412 36.57 -15.95 -18.71
CA ASN C 412 35.56 -16.82 -18.12
C ASN C 412 34.37 -16.99 -19.04
N TYR C 413 34.22 -16.07 -20.01
CA TYR C 413 33.25 -16.21 -21.08
C TYR C 413 33.91 -16.64 -22.38
N SER C 414 35.16 -17.09 -22.31
CA SER C 414 35.93 -17.53 -23.47
C SER C 414 35.95 -16.45 -24.54
N LEU C 415 36.34 -15.25 -24.14
CA LEU C 415 36.27 -14.06 -24.97
C LEU C 415 37.65 -13.44 -25.10
N LYS C 416 37.94 -12.88 -26.27
CA LYS C 416 39.22 -12.23 -26.51
C LYS C 416 39.05 -11.08 -27.50
N GLU C 417 39.70 -9.96 -27.19
CA GLU C 417 39.44 -8.72 -27.93
C GLU C 417 39.84 -8.84 -29.40
N SER C 418 40.87 -9.64 -29.69
CA SER C 418 41.22 -9.89 -31.08
C SER C 418 40.08 -10.62 -31.79
N GLU C 419 39.48 -11.59 -31.11
CA GLU C 419 38.33 -12.28 -31.69
C GLU C 419 37.16 -11.34 -31.91
N ILE C 420 36.88 -10.44 -30.96
CA ILE C 420 35.79 -9.49 -31.15
C ILE C 420 36.06 -8.61 -32.36
N LEU C 421 37.29 -8.10 -32.46
CA LEU C 421 37.63 -7.21 -33.58
C LEU C 421 37.54 -7.95 -34.91
N ALA C 422 37.97 -9.21 -34.94
CA ALA C 422 37.86 -9.99 -36.17
C ALA C 422 36.40 -10.25 -36.53
N LEU C 423 35.57 -10.56 -35.54
CA LEU C 423 34.16 -10.83 -35.80
C LEU C 423 33.47 -9.60 -36.35
N PHE C 424 33.69 -8.44 -35.74
CA PHE C 424 33.09 -7.21 -36.21
C PHE C 424 34.05 -6.52 -37.17
N HIS C 425 33.75 -5.26 -37.50
CA HIS C 425 34.64 -4.45 -38.32
C HIS C 425 35.03 -3.15 -37.64
N MET C 426 34.47 -2.87 -36.46
CA MET C 426 34.83 -1.71 -35.68
C MET C 426 35.32 -2.17 -34.31
N ASN C 427 35.58 -1.21 -33.44
CA ASN C 427 36.04 -1.51 -32.09
C ASN C 427 34.84 -1.46 -31.14
N ILE C 428 34.26 -2.64 -30.90
CA ILE C 428 33.16 -2.72 -29.95
C ILE C 428 33.66 -2.50 -28.53
N LEU C 429 34.81 -3.07 -28.18
CA LEU C 429 35.40 -2.90 -26.87
C LEU C 429 36.64 -2.03 -27.00
N LEU C 430 36.72 -0.99 -26.17
CA LEU C 430 37.82 -0.04 -26.17
C LEU C 430 38.65 -0.24 -24.93
N GLN C 431 39.97 -0.24 -25.09
CA GLN C 431 40.90 -0.35 -23.98
C GLN C 431 41.31 1.04 -23.52
N VAL C 432 41.19 1.29 -22.21
CA VAL C 432 41.48 2.62 -21.67
C VAL C 432 42.48 2.52 -20.54
N GLY C 433 43.31 1.48 -20.55
CA GLY C 433 44.35 1.31 -19.57
C GLY C 433 45.70 1.83 -20.06
N HIS C 434 46.66 1.87 -19.14
CA HIS C 434 48.01 2.30 -19.47
C HIS C 434 49.08 1.42 -18.83
N ASN C 435 48.71 0.23 -18.38
CA ASN C 435 49.61 -0.64 -17.62
C ASN C 435 49.08 -2.07 -17.74
N SER C 436 49.53 -2.95 -16.83
CA SER C 436 49.15 -4.35 -16.89
C SER C 436 47.65 -4.54 -16.94
N GLU C 437 46.89 -3.71 -16.23
CA GLU C 437 45.44 -3.77 -16.30
C GLU C 437 44.93 -3.07 -17.55
N GLN C 438 43.90 -3.65 -18.18
CA GLN C 438 43.38 -3.15 -19.44
C GLN C 438 42.03 -2.46 -19.31
N CYS C 439 41.14 -2.96 -18.47
CA CYS C 439 39.86 -2.34 -18.13
C CYS C 439 39.11 -1.87 -19.40
N TYR C 440 38.71 -2.85 -20.19
CA TYR C 440 37.94 -2.56 -21.40
C TYR C 440 36.56 -2.02 -21.04
N VAL C 441 36.03 -1.18 -21.94
CA VAL C 441 34.68 -0.64 -21.81
C VAL C 441 34.00 -0.68 -23.17
N PHE C 442 32.67 -0.68 -23.13
CA PHE C 442 31.91 -0.55 -24.36
C PHE C 442 31.96 0.90 -24.85
N SER C 443 31.80 1.07 -26.15
CA SER C 443 31.70 2.41 -26.74
C SER C 443 30.25 2.85 -26.61
N HIS C 444 29.97 3.67 -25.59
CA HIS C 444 28.64 4.15 -25.23
C HIS C 444 27.79 3.04 -24.64
N LEU C 445 26.97 3.37 -23.64
CA LEU C 445 26.15 2.38 -22.97
C LEU C 445 25.04 1.83 -23.86
N SER C 446 24.73 2.52 -24.96
CA SER C 446 23.68 2.03 -25.86
C SER C 446 24.06 0.69 -26.46
N LEU C 447 25.32 0.52 -26.85
CA LEU C 447 25.76 -0.76 -27.37
C LEU C 447 25.65 -1.86 -26.34
N GLN C 448 26.02 -1.57 -25.09
CA GLN C 448 25.91 -2.58 -24.05
C GLN C 448 24.46 -2.98 -23.83
N ASP C 449 23.54 -2.01 -23.82
CA ASP C 449 22.13 -2.32 -23.68
C ASP C 449 21.63 -3.16 -24.86
N PHE C 450 22.06 -2.81 -26.07
CA PHE C 450 21.64 -3.54 -27.26
C PHE C 450 22.09 -5.00 -27.21
N PHE C 451 23.35 -5.23 -26.82
CA PHE C 451 23.84 -6.61 -26.74
C PHE C 451 23.18 -7.36 -25.59
N ALA C 452 22.90 -6.67 -24.49
CA ALA C 452 22.16 -7.31 -23.40
C ALA C 452 20.79 -7.78 -23.86
N ALA C 453 20.10 -6.95 -24.64
CA ALA C 453 18.83 -7.36 -25.20
C ALA C 453 18.99 -8.52 -26.17
N LEU C 454 20.02 -8.47 -27.02
CA LEU C 454 20.21 -9.50 -28.03
C LEU C 454 20.50 -10.87 -27.41
N TYR C 455 21.15 -10.88 -26.24
CA TYR C 455 21.38 -12.16 -25.58
C TYR C 455 20.08 -12.87 -25.27
N TYR C 456 19.05 -12.13 -24.85
CA TYR C 456 17.75 -12.76 -24.58
C TYR C 456 17.17 -13.36 -25.85
N VAL C 457 17.32 -12.67 -26.98
CA VAL C 457 16.78 -13.17 -28.24
C VAL C 457 17.47 -14.49 -28.62
N LEU C 458 18.79 -14.52 -28.53
CA LEU C 458 19.54 -15.73 -28.92
C LEU C 458 20.27 -16.28 -27.71
N GLU C 459 19.59 -17.15 -26.97
CA GLU C 459 20.19 -17.84 -25.84
C GLU C 459 19.74 -19.29 -25.70
N GLY C 460 18.59 -19.66 -26.24
CA GLY C 460 18.10 -21.02 -26.20
C GLY C 460 18.33 -21.82 -27.46
N LEU C 461 19.05 -21.27 -28.44
CA LEU C 461 19.31 -22.01 -29.66
C LEU C 461 20.14 -23.26 -29.39
N GLU C 462 21.22 -23.11 -28.64
CA GLU C 462 22.13 -24.21 -28.34
C GLU C 462 22.45 -24.19 -26.85
N GLU C 463 23.29 -25.13 -26.43
CA GLU C 463 23.75 -25.20 -25.04
C GLU C 463 25.08 -24.48 -24.95
N TRP C 464 25.02 -23.17 -24.72
CA TRP C 464 26.23 -22.36 -24.74
C TRP C 464 27.08 -22.53 -23.49
N ASN C 465 26.45 -22.80 -22.34
CA ASN C 465 27.18 -22.83 -21.07
C ASN C 465 28.27 -23.90 -21.06
N GLN C 466 28.16 -24.93 -21.88
CA GLN C 466 29.20 -25.95 -21.94
C GLN C 466 30.53 -25.39 -22.41
N HIS C 467 30.54 -24.22 -23.04
CA HIS C 467 31.76 -23.55 -23.47
C HIS C 467 32.27 -22.53 -22.47
N PHE C 468 31.63 -22.42 -21.31
CA PHE C 468 31.98 -21.41 -20.33
C PHE C 468 32.37 -22.07 -19.01
N CYS C 469 33.04 -21.30 -18.17
CA CYS C 469 33.59 -21.77 -16.89
C CYS C 469 33.10 -20.90 -15.75
N PHE C 470 31.79 -20.67 -15.71
CA PHE C 470 31.18 -19.85 -14.67
C PHE C 470 31.39 -20.46 -13.30
N ILE C 471 32.12 -19.74 -12.44
CA ILE C 471 32.22 -20.12 -11.04
C ILE C 471 31.75 -18.96 -10.17
N GLU C 472 32.51 -17.86 -10.21
CA GLU C 472 32.21 -16.65 -9.42
C GLU C 472 31.90 -16.98 -7.96
N ASN C 473 32.52 -18.05 -7.45
CA ASN C 473 32.22 -18.56 -6.12
C ASN C 473 30.72 -18.81 -5.96
N GLN C 474 30.19 -19.70 -6.81
CA GLN C 474 28.77 -20.01 -6.86
C GLN C 474 27.94 -18.75 -7.14
N ARG C 475 28.45 -17.93 -8.07
CA ARG C 475 27.78 -16.69 -8.48
C ARG C 475 27.49 -15.78 -7.29
N SER C 476 28.45 -15.67 -6.39
CA SER C 476 28.33 -14.87 -5.16
C SER C 476 27.10 -15.29 -4.38
N MET C 478 23.63 -16.25 -3.64
CA MET C 478 22.44 -15.75 -4.32
C MET C 478 22.71 -14.31 -4.73
N GLU C 479 22.79 -14.06 -6.03
CA GLU C 479 23.08 -12.72 -6.53
C GLU C 479 22.00 -11.74 -6.10
N VAL C 480 22.43 -10.58 -5.63
CA VAL C 480 21.52 -9.55 -5.16
C VAL C 480 21.60 -8.35 -6.11
N LYS C 481 20.54 -7.55 -6.12
CA LYS C 481 20.49 -6.39 -6.99
C LYS C 481 19.53 -5.37 -6.41
N ARG C 482 19.94 -4.11 -6.43
CA ARG C 482 19.11 -2.96 -6.09
C ARG C 482 18.92 -2.08 -7.32
N THR C 483 18.75 -2.74 -8.48
CA THR C 483 18.79 -2.04 -9.75
C THR C 483 17.55 -1.19 -9.98
N ASP C 484 16.42 -1.56 -9.39
CA ASP C 484 15.13 -0.87 -9.57
C ASP C 484 14.81 -0.95 -11.06
N ASP C 485 14.41 0.15 -11.71
CA ASP C 485 14.07 0.09 -13.13
C ASP C 485 14.52 1.31 -13.92
N THR C 486 15.32 2.19 -13.33
CA THR C 486 15.68 3.42 -14.03
C THR C 486 16.74 3.18 -15.10
N ARG C 487 17.66 2.24 -14.86
CA ARG C 487 18.74 1.98 -15.80
C ARG C 487 18.47 0.80 -16.70
N LEU C 488 17.33 0.12 -16.55
CA LEU C 488 16.95 -0.98 -17.42
C LEU C 488 15.98 -0.57 -18.52
N LEU C 489 15.65 0.72 -18.61
CA LEU C 489 14.70 1.17 -19.61
C LEU C 489 15.22 0.94 -21.02
N GLY C 490 16.50 1.23 -21.26
CA GLY C 490 17.05 1.00 -22.58
C GLY C 490 17.05 -0.46 -22.98
N MET C 491 17.42 -1.34 -22.05
CA MET C 491 17.40 -2.77 -22.35
C MET C 491 15.98 -3.26 -22.60
N LYS C 492 15.01 -2.78 -21.82
CA LYS C 492 13.62 -3.15 -22.05
C LYS C 492 13.16 -2.71 -23.43
N ARG C 493 13.48 -1.47 -23.81
CA ARG C 493 13.05 -0.96 -25.10
C ARG C 493 13.68 -1.75 -26.24
N PHE C 494 14.98 -2.06 -26.13
CA PHE C 494 15.63 -2.85 -27.17
C PHE C 494 15.06 -4.25 -27.24
N LEU C 495 14.80 -4.87 -26.09
CA LEU C 495 14.25 -6.21 -26.07
C LEU C 495 12.88 -6.25 -26.74
N PHE C 496 12.05 -5.24 -26.47
CA PHE C 496 10.76 -5.17 -27.17
C PHE C 496 10.97 -4.98 -28.67
N GLY C 497 11.91 -4.11 -29.05
CA GLY C 497 12.09 -3.83 -30.46
C GLY C 497 12.72 -4.96 -31.25
N LEU C 498 13.36 -5.90 -30.58
CA LEU C 498 14.00 -7.01 -31.29
C LEU C 498 13.03 -8.11 -31.70
N MET C 499 11.76 -8.03 -31.29
CA MET C 499 10.78 -9.02 -31.72
C MET C 499 10.28 -8.77 -33.13
N ASN C 500 10.65 -7.65 -33.75
CA ASN C 500 10.20 -7.33 -35.09
C ASN C 500 10.72 -8.36 -36.09
N LYS C 501 9.90 -8.67 -37.09
CA LYS C 501 10.36 -9.52 -38.18
C LYS C 501 11.42 -8.80 -39.00
N ASP C 502 12.07 -9.56 -39.89
CA ASP C 502 13.18 -9.10 -40.72
C ASP C 502 14.43 -8.92 -39.86
N ILE C 503 14.29 -9.07 -38.56
CA ILE C 503 15.42 -9.18 -37.65
C ILE C 503 15.60 -10.61 -37.18
N LEU C 504 14.51 -11.24 -36.76
CA LEU C 504 14.55 -12.65 -36.44
C LEU C 504 14.90 -13.48 -37.67
N LYS C 505 14.43 -13.05 -38.85
CA LYS C 505 14.79 -13.76 -40.07
C LYS C 505 16.28 -13.65 -40.36
N THR C 506 16.86 -12.46 -40.18
CA THR C 506 18.29 -12.31 -40.40
C THR C 506 19.09 -13.12 -39.40
N LEU C 507 18.65 -13.15 -38.14
CA LEU C 507 19.34 -13.99 -37.16
C LEU C 507 19.22 -15.47 -37.51
N GLU C 508 18.06 -15.88 -38.03
CA GLU C 508 17.90 -17.26 -38.48
C GLU C 508 18.84 -17.57 -39.62
N VAL C 509 19.01 -16.64 -40.55
CA VAL C 509 19.96 -16.84 -41.65
C VAL C 509 21.37 -16.98 -41.09
N LEU C 510 21.76 -16.12 -40.16
CA LEU C 510 23.11 -16.14 -39.61
C LEU C 510 23.39 -17.42 -38.83
N PHE C 511 22.42 -17.91 -38.07
CA PHE C 511 22.65 -19.05 -37.19
C PHE C 511 22.13 -20.37 -37.75
N GLU C 512 21.62 -20.38 -38.98
CA GLU C 512 21.14 -21.57 -39.68
C GLU C 512 20.12 -22.36 -38.84
N TYR C 513 19.51 -21.72 -37.85
CA TYR C 513 18.52 -22.35 -37.00
C TYR C 513 17.32 -21.43 -36.84
N PRO C 514 16.12 -22.00 -36.75
CA PRO C 514 14.93 -21.17 -36.53
C PRO C 514 14.96 -20.52 -35.16
N VAL C 515 14.67 -19.22 -35.12
CA VAL C 515 14.75 -18.43 -33.90
C VAL C 515 13.34 -18.10 -33.45
N ILE C 516 12.91 -18.71 -32.35
CA ILE C 516 11.62 -18.40 -31.74
C ILE C 516 11.84 -18.19 -30.25
N PRO C 517 12.21 -16.99 -29.82
CA PRO C 517 12.54 -16.77 -28.41
C PRO C 517 11.34 -16.97 -27.50
N THR C 518 11.62 -17.41 -26.27
CA THR C 518 10.56 -17.62 -25.29
C THR C 518 10.18 -16.34 -24.55
N VAL C 519 10.92 -15.25 -24.74
CA VAL C 519 10.56 -13.99 -24.10
C VAL C 519 9.33 -13.37 -24.72
N GLU C 520 9.01 -13.74 -25.96
CA GLU C 520 7.88 -13.13 -26.65
C GLU C 520 6.57 -13.41 -25.91
N GLN C 521 6.36 -14.66 -25.49
CA GLN C 521 5.15 -14.99 -24.77
C GLN C 521 5.12 -14.35 -23.40
N LYS C 522 6.28 -14.18 -22.77
CA LYS C 522 6.33 -13.48 -21.49
C LYS C 522 5.89 -12.03 -21.64
N LEU C 523 6.39 -11.35 -22.68
CA LEU C 523 5.98 -9.97 -22.91
C LEU C 523 4.49 -9.88 -23.23
N GLN C 524 3.99 -10.81 -24.05
CA GLN C 524 2.55 -10.81 -24.36
C GLN C 524 1.71 -11.04 -23.11
N HIS C 525 2.15 -11.96 -22.24
CA HIS C 525 1.44 -12.21 -21.00
C HIS C 525 1.44 -10.98 -20.10
N TRP C 526 2.57 -10.27 -20.03
CA TRP C 526 2.63 -9.05 -19.25
C TRP C 526 1.64 -8.01 -19.76
N VAL C 527 1.60 -7.82 -21.07
CA VAL C 527 0.67 -6.85 -21.64
C VAL C 527 -0.77 -7.27 -21.37
N SER C 528 -1.06 -8.57 -21.46
CA SER C 528 -2.40 -9.05 -21.15
C SER C 528 -2.77 -8.79 -19.70
N LEU C 529 -1.84 -9.04 -18.78
CA LEU C 529 -2.11 -8.79 -17.36
C LEU C 529 -2.38 -7.32 -17.11
N ILE C 530 -1.66 -6.44 -17.81
CA ILE C 530 -1.99 -5.02 -17.75
C ILE C 530 -3.40 -4.79 -18.24
N ALA C 531 -3.78 -5.45 -19.34
CA ALA C 531 -5.07 -5.20 -19.97
C ALA C 531 -6.23 -5.56 -19.04
N GLN C 532 -6.15 -6.71 -18.36
CA GLN C 532 -7.23 -7.15 -17.50
C GLN C 532 -6.93 -6.75 -16.05
N GLN C 533 -7.69 -5.78 -15.54
CA GLN C 533 -7.58 -5.37 -14.16
C GLN C 533 -8.98 -5.19 -13.57
N VAL C 534 -9.08 -5.43 -12.26
CA VAL C 534 -10.39 -5.51 -11.63
C VAL C 534 -11.06 -4.14 -11.55
N ASN C 535 -10.30 -3.12 -11.17
CA ASN C 535 -10.85 -1.78 -10.92
C ASN C 535 -10.41 -0.77 -11.98
N GLY C 536 -10.33 -1.20 -13.23
CA GLY C 536 -9.94 -0.32 -14.31
C GLY C 536 -8.45 -0.40 -14.62
N THR C 537 -8.08 0.21 -15.74
CA THR C 537 -6.71 0.17 -16.24
C THR C 537 -5.99 1.46 -15.90
N SER C 538 -4.72 1.33 -15.53
CA SER C 538 -3.92 2.51 -15.18
C SER C 538 -3.38 3.17 -16.44
N PRO C 539 -3.65 4.46 -16.65
CA PRO C 539 -3.19 5.12 -17.88
C PRO C 539 -1.69 5.13 -18.04
N MET C 540 -0.92 5.23 -16.94
CA MET C 540 0.53 5.24 -17.06
C MET C 540 1.04 3.92 -17.62
N ASP C 541 0.58 2.79 -17.08
CA ASP C 541 1.00 1.51 -17.60
C ASP C 541 0.47 1.27 -19.02
N THR C 542 -0.73 1.76 -19.32
CA THR C 542 -1.22 1.63 -20.69
C THR C 542 -0.32 2.36 -21.67
N LEU C 543 0.07 3.59 -21.35
CA LEU C 543 0.94 4.34 -22.25
C LEU C 543 2.33 3.70 -22.34
N ASP C 544 2.83 3.18 -21.23
CA ASP C 544 4.13 2.50 -21.27
C ASP C 544 4.08 1.28 -22.19
N ALA C 545 3.03 0.48 -22.07
CA ALA C 545 2.89 -0.69 -22.94
C ALA C 545 2.75 -0.27 -24.39
N PHE C 546 2.01 0.82 -24.65
CA PHE C 546 1.87 1.29 -26.03
C PHE C 546 3.21 1.71 -26.61
N TYR C 547 4.03 2.41 -25.82
CA TYR C 547 5.36 2.80 -26.30
C TYR C 547 6.21 1.56 -26.60
N CYS C 548 6.21 0.60 -25.67
CA CYS C 548 7.02 -0.60 -25.87
C CYS C 548 6.56 -1.38 -27.10
N LEU C 549 5.26 -1.43 -27.36
CA LEU C 549 4.76 -2.18 -28.51
C LEU C 549 5.03 -1.45 -29.81
N PHE C 550 4.86 -0.13 -29.84
CA PHE C 550 5.20 0.63 -31.04
C PHE C 550 6.68 0.52 -31.34
N GLU C 551 7.50 0.28 -30.32
CA GLU C 551 8.93 0.10 -30.54
C GLU C 551 9.21 -1.00 -31.56
N SER C 552 8.46 -2.10 -31.48
CA SER C 552 8.61 -3.19 -32.44
C SER C 552 7.55 -3.01 -33.52
N GLN C 553 7.98 -2.58 -34.70
CA GLN C 553 7.04 -2.34 -35.79
C GLN C 553 6.54 -3.64 -36.39
N ASP C 554 5.80 -4.41 -35.59
CA ASP C 554 5.27 -5.70 -36.02
C ASP C 554 3.76 -5.68 -35.95
N GLU C 555 3.14 -6.63 -36.65
CA GLU C 555 1.69 -6.76 -36.68
C GLU C 555 1.16 -7.94 -35.89
N GLU C 556 1.73 -9.13 -36.10
CA GLU C 556 1.26 -10.31 -35.37
C GLU C 556 1.52 -10.18 -33.88
N PHE C 557 2.70 -9.70 -33.51
CA PHE C 557 3.04 -9.55 -32.10
C PHE C 557 2.12 -8.56 -31.40
N VAL C 558 1.91 -7.39 -32.01
CA VAL C 558 1.03 -6.39 -31.44
C VAL C 558 -0.40 -6.89 -31.36
N GLY C 559 -0.87 -7.52 -32.43
CA GLY C 559 -2.23 -8.05 -32.42
C GLY C 559 -2.44 -9.09 -31.34
N GLY C 560 -1.48 -9.99 -31.17
CA GLY C 560 -1.57 -10.97 -30.10
C GLY C 560 -1.52 -10.33 -28.72
N ALA C 561 -0.76 -9.25 -28.58
CA ALA C 561 -0.68 -8.59 -27.27
C ALA C 561 -1.99 -7.91 -26.93
N LEU C 562 -2.55 -7.13 -27.85
CA LEU C 562 -3.76 -6.34 -27.58
C LEU C 562 -4.97 -7.15 -28.03
N LYS C 563 -5.50 -7.97 -27.11
CA LYS C 563 -6.68 -8.77 -27.40
C LYS C 563 -7.71 -8.77 -26.29
N ARG C 564 -7.38 -8.31 -25.09
CA ARG C 564 -8.27 -8.42 -23.95
C ARG C 564 -8.40 -7.09 -23.22
N PHE C 565 -8.43 -5.99 -23.97
CA PHE C 565 -8.52 -4.69 -23.31
C PHE C 565 -9.96 -4.33 -22.95
N GLN C 566 -10.81 -4.13 -23.95
CA GLN C 566 -12.23 -3.84 -23.81
C GLN C 566 -12.52 -2.49 -23.18
N GLU C 567 -11.49 -1.76 -22.72
CA GLU C 567 -11.65 -0.44 -22.14
C GLU C 567 -10.29 0.22 -21.98
N VAL C 568 -10.18 1.48 -22.42
CA VAL C 568 -8.89 2.16 -22.46
C VAL C 568 -9.02 3.55 -21.86
N TRP C 569 -8.06 3.91 -21.01
CA TRP C 569 -7.93 5.26 -20.48
C TRP C 569 -6.58 5.80 -20.94
N LEU C 570 -6.59 6.96 -21.59
CA LEU C 570 -5.41 7.53 -22.21
C LEU C 570 -5.20 8.95 -21.72
N LEU C 571 -3.96 9.26 -21.32
CA LEU C 571 -3.55 10.62 -21.02
C LEU C 571 -2.57 11.06 -22.10
N ILE C 572 -2.90 12.15 -22.80
CA ILE C 572 -2.11 12.61 -23.93
C ILE C 572 -1.54 13.97 -23.59
N ASN C 573 -0.22 14.07 -23.62
CA ASN C 573 0.45 15.34 -23.36
C ASN C 573 1.66 15.57 -24.26
N GLN C 574 1.97 14.66 -25.19
CA GLN C 574 3.02 14.85 -26.16
C GLN C 574 2.52 14.34 -27.51
N LYS C 575 3.14 14.84 -28.58
CA LYS C 575 2.75 14.40 -29.92
C LYS C 575 3.08 12.93 -30.13
N MET C 576 4.19 12.46 -29.57
CA MET C 576 4.53 11.05 -29.72
C MET C 576 3.50 10.16 -29.06
N ASP C 577 2.83 10.66 -28.01
CA ASP C 577 1.75 9.89 -27.40
C ASP C 577 0.61 9.69 -28.40
N LEU C 578 0.22 10.75 -29.11
CA LEU C 578 -0.77 10.61 -30.16
C LEU C 578 -0.33 9.61 -31.20
N LYS C 579 0.94 9.69 -31.61
CA LYS C 579 1.43 8.79 -32.65
C LYS C 579 1.35 7.33 -32.22
N VAL C 580 1.86 7.02 -31.04
CA VAL C 580 1.90 5.62 -30.61
C VAL C 580 0.49 5.11 -30.33
N SER C 581 -0.38 5.96 -29.77
CA SER C 581 -1.76 5.53 -29.52
C SER C 581 -2.48 5.26 -30.82
N SER C 582 -2.30 6.12 -31.82
CA SER C 582 -2.93 5.89 -33.12
C SER C 582 -2.42 4.60 -33.75
N TYR C 583 -1.12 4.34 -33.64
CA TYR C 583 -0.59 3.10 -34.19
C TYR C 583 -1.17 1.88 -33.48
N CYS C 584 -1.25 1.92 -32.15
CA CYS C 584 -1.62 0.73 -31.39
C CYS C 584 -3.11 0.50 -31.32
N LEU C 585 -3.95 1.52 -31.51
CA LEU C 585 -5.38 1.33 -31.39
C LEU C 585 -5.99 0.58 -32.56
N LYS C 586 -5.31 0.51 -33.70
CA LYS C 586 -5.88 -0.17 -34.85
C LYS C 586 -6.08 -1.65 -34.59
N HIS C 587 -5.26 -2.25 -33.73
CA HIS C 587 -5.32 -3.67 -33.47
C HIS C 587 -6.12 -4.02 -32.22
N CYS C 588 -6.75 -3.04 -31.59
CA CYS C 588 -7.63 -3.28 -30.44
C CYS C 588 -9.04 -3.55 -30.98
N GLN C 589 -9.29 -4.80 -31.35
CA GLN C 589 -10.55 -5.17 -31.95
C GLN C 589 -11.67 -5.40 -30.94
N ASN C 590 -11.33 -5.76 -29.70
CA ASN C 590 -12.33 -6.00 -28.68
C ASN C 590 -12.62 -4.76 -27.84
N LEU C 591 -12.05 -3.62 -28.20
CA LEU C 591 -12.26 -2.40 -27.43
C LEU C 591 -13.71 -1.96 -27.51
N LYS C 592 -14.26 -1.56 -26.36
CA LYS C 592 -15.65 -1.13 -26.26
C LYS C 592 -15.79 0.31 -25.77
N ALA C 593 -15.00 0.72 -24.78
CA ALA C 593 -15.09 2.06 -24.23
C ALA C 593 -13.71 2.70 -24.16
N ILE C 594 -13.64 3.97 -24.54
CA ILE C 594 -12.39 4.73 -24.50
C ILE C 594 -12.63 6.05 -23.79
N ARG C 595 -11.63 6.48 -23.02
CA ARG C 595 -11.62 7.79 -22.39
C ARG C 595 -10.25 8.41 -22.65
N VAL C 596 -10.23 9.66 -23.09
CA VAL C 596 -8.99 10.31 -23.48
C VAL C 596 -8.94 11.72 -22.89
N ASP C 597 -7.81 12.06 -22.28
CA ASP C 597 -7.62 13.36 -21.63
C ASP C 597 -6.48 14.12 -22.29
N ILE C 598 -6.80 15.25 -22.89
CA ILE C 598 -5.80 16.17 -23.45
C ILE C 598 -5.93 17.49 -22.67
N ARG C 599 -5.09 17.67 -21.65
CA ARG C 599 -5.23 18.83 -20.79
C ARG C 599 -4.72 20.10 -21.44
N ASP C 600 -3.63 20.02 -22.22
CA ASP C 600 -2.99 21.23 -22.70
C ASP C 600 -2.73 21.19 -24.20
N LEU C 601 -2.50 19.99 -24.74
CA LEU C 601 -1.84 19.87 -26.04
C LEU C 601 -2.62 20.57 -27.14
N LEU C 602 -3.93 20.41 -27.19
CA LEU C 602 -4.78 21.06 -28.19
C LEU C 602 -5.74 21.98 -27.46
N SER C 603 -5.29 23.20 -27.18
CA SER C 603 -6.17 24.20 -26.59
C SER C 603 -5.95 25.59 -27.15
N VAL C 604 -4.96 25.80 -28.01
CA VAL C 604 -4.66 27.11 -28.57
C VAL C 604 -4.43 26.94 -30.07
N ASP C 605 -4.91 27.90 -30.85
CA ASP C 605 -4.72 27.91 -32.30
C ASP C 605 -3.80 29.08 -32.64
N ASN C 606 -2.51 28.77 -32.77
CA ASN C 606 -1.51 29.78 -33.11
C ASN C 606 -0.39 29.11 -33.90
N THR C 607 -0.27 29.46 -35.17
CA THR C 607 0.81 28.94 -36.01
C THR C 607 2.02 29.88 -35.97
N LEU C 608 2.61 29.98 -34.78
CA LEU C 608 3.76 30.82 -34.53
C LEU C 608 5.01 30.03 -34.18
N GLU C 609 4.93 29.17 -33.16
CA GLU C 609 6.05 28.32 -32.77
C GLU C 609 5.96 26.95 -33.45
N LEU C 610 5.81 26.95 -34.76
CA LEU C 610 5.64 25.70 -35.52
C LEU C 610 6.98 25.17 -36.03
N CYS C 611 7.95 25.07 -35.13
CA CYS C 611 9.29 24.60 -35.44
C CYS C 611 9.90 25.33 -36.63
N PRO C 612 10.05 26.66 -36.55
CA PRO C 612 10.51 27.43 -37.71
C PRO C 612 12.00 27.36 -37.97
N VAL C 613 12.72 26.43 -37.34
CA VAL C 613 14.16 26.34 -37.55
C VAL C 613 14.48 25.84 -38.96
N VAL C 614 13.98 24.65 -39.30
CA VAL C 614 14.31 24.00 -40.56
C VAL C 614 13.01 23.57 -41.25
N THR C 615 11.94 24.31 -41.01
CA THR C 615 10.61 23.92 -41.47
C THR C 615 10.59 23.71 -42.98
N VAL C 616 9.99 22.60 -43.40
CA VAL C 616 9.84 22.29 -44.81
C VAL C 616 8.78 23.21 -45.44
N GLN C 617 8.71 23.17 -46.77
CA GLN C 617 7.82 24.05 -47.52
C GLN C 617 6.38 23.91 -47.03
N GLU C 618 5.73 25.05 -46.80
CA GLU C 618 4.38 25.05 -46.22
C GLU C 618 3.33 24.51 -47.19
N THR C 619 3.52 24.74 -48.50
CA THR C 619 2.48 24.39 -49.47
C THR C 619 2.21 22.89 -49.44
N GLN C 620 3.24 22.06 -49.56
CA GLN C 620 3.09 20.62 -49.54
C GLN C 620 3.30 20.05 -48.14
N CYS C 621 2.62 20.63 -47.16
CA CYS C 621 2.75 20.20 -45.77
C CYS C 621 1.47 20.58 -45.02
N LYS C 622 1.49 20.40 -43.70
CA LYS C 622 0.37 20.68 -42.83
C LYS C 622 0.90 20.75 -41.40
N PRO C 623 0.26 21.50 -40.51
CA PRO C 623 0.70 21.49 -39.10
C PRO C 623 0.72 20.08 -38.55
N LEU C 624 1.86 19.73 -37.94
CA LEU C 624 2.08 18.35 -37.51
C LEU C 624 1.07 17.94 -36.45
N LEU C 625 0.79 18.83 -35.49
CA LEU C 625 -0.15 18.50 -34.43
C LEU C 625 -1.54 18.24 -35.00
N MET C 626 -2.00 19.10 -35.91
CA MET C 626 -3.33 18.90 -36.50
C MET C 626 -3.37 17.63 -37.32
N GLU C 627 -2.31 17.34 -38.08
CA GLU C 627 -2.29 16.13 -38.88
C GLU C 627 -2.36 14.88 -38.01
N TRP C 628 -1.58 14.84 -36.92
CA TRP C 628 -1.61 13.67 -36.06
C TRP C 628 -2.93 13.56 -35.29
N TRP C 629 -3.52 14.70 -34.92
CA TRP C 629 -4.85 14.66 -34.30
C TRP C 629 -5.88 14.09 -35.26
N GLY C 630 -5.82 14.50 -36.53
CA GLY C 630 -6.72 13.94 -37.52
C GLY C 630 -6.53 12.45 -37.72
N ASN C 631 -5.28 12.00 -37.74
CA ASN C 631 -5.02 10.57 -37.85
C ASN C 631 -5.59 9.80 -36.66
N PHE C 632 -5.41 10.33 -35.45
CA PHE C 632 -5.95 9.68 -34.26
C PHE C 632 -7.47 9.61 -34.32
N CYS C 633 -8.11 10.71 -34.74
CA CYS C 633 -9.56 10.71 -34.84
C CYS C 633 -10.06 9.74 -35.90
N SER C 634 -9.36 9.63 -37.03
CA SER C 634 -9.74 8.65 -38.05
C SER C 634 -9.62 7.23 -37.53
N VAL C 635 -8.56 6.95 -36.77
CA VAL C 635 -8.42 5.63 -36.15
C VAL C 635 -9.58 5.37 -35.21
N LEU C 636 -9.97 6.38 -34.42
CA LEU C 636 -11.10 6.22 -33.52
C LEU C 636 -12.39 5.92 -34.29
N GLY C 637 -12.62 6.65 -35.38
CA GLY C 637 -13.84 6.48 -36.14
C GLY C 637 -13.89 5.20 -36.94
N SER C 638 -12.74 4.61 -37.26
CA SER C 638 -12.75 3.40 -38.08
C SER C 638 -13.06 2.13 -37.29
N LEU C 639 -12.98 2.17 -35.96
CA LEU C 639 -13.22 0.96 -35.18
C LEU C 639 -14.70 0.57 -35.23
N ARG C 640 -14.94 -0.72 -35.08
CA ARG C 640 -16.28 -1.28 -35.25
C ARG C 640 -17.00 -1.59 -33.94
N ASN C 641 -16.29 -2.06 -32.93
CA ASN C 641 -16.90 -2.40 -31.65
C ASN C 641 -16.91 -1.26 -30.65
N LEU C 642 -16.39 -0.09 -31.02
CA LEU C 642 -16.36 1.03 -30.10
C LEU C 642 -17.77 1.59 -29.92
N LYS C 643 -18.15 1.84 -28.66
CA LYS C 643 -19.48 2.34 -28.38
C LYS C 643 -19.46 3.60 -27.52
N GLU C 644 -18.52 3.68 -26.58
CA GLU C 644 -18.48 4.78 -25.62
C GLU C 644 -17.20 5.59 -25.78
N LEU C 645 -17.37 6.90 -25.90
CA LEU C 645 -16.26 7.84 -26.01
C LEU C 645 -16.38 8.89 -24.91
N ASP C 646 -15.33 9.06 -24.12
CA ASP C 646 -15.28 10.02 -23.03
C ASP C 646 -14.12 10.98 -23.26
N LEU C 647 -14.39 12.27 -23.17
CA LEU C 647 -13.37 13.28 -23.43
C LEU C 647 -12.65 13.75 -22.17
N GLY C 648 -13.02 13.23 -21.00
CA GLY C 648 -12.26 13.53 -19.79
C GLY C 648 -12.21 15.02 -19.49
N ASP C 649 -11.00 15.52 -19.23
CA ASP C 649 -10.77 16.91 -18.88
C ASP C 649 -10.16 17.70 -20.04
N SER C 650 -10.56 17.39 -21.26
CA SER C 650 -9.97 18.03 -22.42
C SER C 650 -10.36 19.50 -22.50
N ILE C 651 -9.49 20.30 -23.12
CA ILE C 651 -9.72 21.73 -23.32
C ILE C 651 -9.68 22.01 -24.81
N LEU C 652 -10.20 21.08 -25.61
CA LEU C 652 -10.18 21.17 -27.06
C LEU C 652 -10.61 22.55 -27.55
N SER C 653 -9.99 23.00 -28.64
CA SER C 653 -10.27 24.29 -29.23
C SER C 653 -11.19 24.10 -30.44
N GLN C 654 -11.42 25.20 -31.17
CA GLN C 654 -12.36 25.16 -32.28
C GLN C 654 -11.89 24.23 -33.39
N ARG C 655 -10.63 24.36 -33.81
CA ARG C 655 -10.13 23.52 -34.89
C ARG C 655 -10.11 22.05 -34.49
N ALA C 656 -9.67 21.75 -33.27
CA ALA C 656 -9.65 20.37 -32.82
C ALA C 656 -11.05 19.78 -32.77
N MET C 657 -12.01 20.55 -32.26
CA MET C 657 -13.38 20.06 -32.21
C MET C 657 -13.95 19.84 -33.60
N LYS C 658 -13.66 20.76 -34.52
CA LYS C 658 -14.14 20.60 -35.89
C LYS C 658 -13.57 19.35 -36.55
N ILE C 659 -12.27 19.12 -36.37
CA ILE C 659 -11.65 17.93 -36.94
C ILE C 659 -12.26 16.66 -36.32
N LEU C 660 -12.46 16.66 -35.01
CA LEU C 660 -13.02 15.49 -34.36
C LEU C 660 -14.44 15.20 -34.84
N CYS C 661 -15.25 16.24 -34.97
CA CYS C 661 -16.62 16.04 -35.48
C CYS C 661 -16.60 15.55 -36.92
N LEU C 662 -15.72 16.12 -37.75
CA LEU C 662 -15.67 15.69 -39.15
C LEU C 662 -15.28 14.23 -39.25
N GLU C 663 -14.30 13.79 -38.45
CA GLU C 663 -13.91 12.39 -38.49
C GLU C 663 -14.99 11.49 -37.92
N LEU C 664 -15.75 11.97 -36.93
CA LEU C 664 -16.83 11.16 -36.37
C LEU C 664 -18.04 11.09 -37.29
N ARG C 665 -18.16 12.00 -38.26
CA ARG C 665 -19.25 11.96 -39.22
C ARG C 665 -19.08 10.85 -40.25
N ASN C 666 -18.09 9.99 -40.09
CA ASN C 666 -17.84 8.92 -41.04
C ASN C 666 -18.95 7.88 -40.99
N GLN C 667 -19.13 7.18 -42.12
CA GLN C 667 -20.17 6.16 -42.20
C GLN C 667 -19.84 4.97 -41.31
N SER C 668 -18.57 4.61 -41.19
CA SER C 668 -18.17 3.42 -40.45
C SER C 668 -18.20 3.60 -38.94
N CYS C 669 -18.49 4.80 -38.45
CA CYS C 669 -18.51 5.08 -37.02
C CYS C 669 -19.77 4.51 -36.39
N ARG C 670 -19.60 3.87 -35.22
CA ARG C 670 -20.70 3.26 -34.49
C ARG C 670 -20.73 3.73 -33.05
N ILE C 671 -20.44 5.01 -32.82
CA ILE C 671 -20.46 5.56 -31.47
C ILE C 671 -21.89 5.83 -31.05
N GLN C 672 -22.29 5.30 -29.91
CA GLN C 672 -23.63 5.54 -29.37
C GLN C 672 -23.66 6.63 -28.31
N LYS C 673 -22.68 6.67 -27.41
CA LYS C 673 -22.67 7.61 -26.30
C LYS C 673 -21.51 8.58 -26.44
N LEU C 674 -21.81 9.87 -26.28
CA LEU C 674 -20.81 10.93 -26.33
C LEU C 674 -20.90 11.71 -25.03
N THR C 675 -19.85 11.64 -24.22
CA THR C 675 -19.80 12.32 -22.93
C THR C 675 -18.86 13.51 -23.03
N PHE C 676 -19.40 14.71 -22.82
CA PHE C 676 -18.62 15.93 -22.85
C PHE C 676 -18.56 16.62 -21.49
N LYS C 677 -19.01 15.94 -20.44
CA LYS C 677 -18.97 16.53 -19.10
C LYS C 677 -17.53 16.71 -18.65
N SER C 678 -17.26 17.83 -17.99
CA SER C 678 -15.95 18.21 -17.47
C SER C 678 -14.93 18.46 -18.57
N ALA C 679 -15.37 18.84 -19.77
CA ALA C 679 -14.47 19.17 -20.87
C ALA C 679 -14.96 20.45 -21.54
N GLU C 680 -14.02 21.28 -21.97
CA GLU C 680 -14.38 22.50 -22.68
C GLU C 680 -14.58 22.21 -24.16
N VAL C 681 -15.82 22.33 -24.62
CA VAL C 681 -16.15 22.07 -26.01
C VAL C 681 -16.98 23.23 -26.55
N VAL C 682 -16.99 24.34 -25.82
CA VAL C 682 -17.83 25.48 -26.17
C VAL C 682 -17.43 26.06 -27.52
N SER C 683 -16.18 25.88 -27.92
CA SER C 683 -15.72 26.45 -29.18
C SER C 683 -16.39 25.78 -30.39
N GLY C 684 -16.51 24.45 -30.36
CA GLY C 684 -16.97 23.72 -31.53
C GLY C 684 -18.39 23.19 -31.44
N LEU C 685 -19.24 23.94 -30.74
CA LEU C 685 -20.63 23.50 -30.58
C LEU C 685 -21.36 23.47 -31.91
N LYS C 686 -21.01 24.38 -32.82
CA LYS C 686 -21.63 24.37 -34.14
C LYS C 686 -21.33 23.06 -34.88
N HIS C 687 -20.07 22.62 -34.82
CA HIS C 687 -19.71 21.35 -35.44
C HIS C 687 -20.39 20.19 -34.74
N LEU C 688 -20.57 20.28 -33.42
CA LEU C 688 -21.32 19.23 -32.72
C LEU C 688 -22.75 19.16 -33.22
N TRP C 689 -23.41 20.31 -33.39
CA TRP C 689 -24.78 20.32 -33.89
C TRP C 689 -24.84 19.74 -35.30
N LYS C 690 -23.88 20.09 -36.15
CA LYS C 690 -23.85 19.53 -37.50
C LYS C 690 -23.68 18.02 -37.46
N LEU C 691 -22.81 17.53 -36.57
CA LEU C 691 -22.63 16.09 -36.43
C LEU C 691 -23.89 15.40 -35.92
N LEU C 692 -24.71 16.10 -35.14
CA LEU C 692 -25.86 15.44 -34.50
C LEU C 692 -26.77 14.74 -35.50
N PHE C 693 -27.07 15.38 -36.64
CA PHE C 693 -27.98 14.81 -37.62
C PHE C 693 -27.25 14.24 -38.84
N SER C 694 -26.06 13.66 -38.63
CA SER C 694 -25.35 13.01 -39.71
C SER C 694 -25.06 11.55 -39.36
N ASN C 695 -24.93 11.26 -38.07
CA ASN C 695 -24.70 9.92 -37.57
C ASN C 695 -26.01 9.38 -37.01
N GLN C 696 -26.50 8.29 -37.58
CA GLN C 696 -27.75 7.69 -37.12
C GLN C 696 -27.57 6.73 -35.97
N ASN C 697 -26.33 6.38 -35.62
CA ASN C 697 -26.08 5.47 -34.51
C ASN C 697 -25.92 6.17 -33.19
N LEU C 698 -25.98 7.50 -33.17
CA LEU C 698 -25.75 8.28 -31.96
C LEU C 698 -27.06 8.44 -31.21
N LYS C 699 -27.13 7.84 -30.02
CA LYS C 699 -28.37 7.85 -29.24
C LYS C 699 -28.12 8.26 -27.78
N TYR C 700 -27.14 9.10 -27.52
CA TYR C 700 -26.85 9.55 -26.17
C TYR C 700 -25.98 10.79 -26.27
N LEU C 701 -26.19 11.73 -25.36
CA LEU C 701 -25.41 12.97 -25.37
C LEU C 701 -25.42 13.56 -23.97
N ASN C 702 -24.29 13.45 -23.29
CA ASN C 702 -24.11 14.07 -21.98
C ASN C 702 -23.36 15.38 -22.18
N LEU C 703 -24.06 16.49 -21.98
CA LEU C 703 -23.54 17.82 -22.28
C LEU C 703 -23.50 18.69 -21.03
N GLY C 704 -23.19 18.09 -19.88
CA GLY C 704 -23.24 18.83 -18.65
C GLY C 704 -22.10 19.80 -18.46
N ASN C 705 -22.34 20.78 -17.60
CA ASN C 705 -21.37 21.78 -17.14
C ASN C 705 -20.90 22.71 -18.25
N THR C 706 -21.47 22.64 -19.45
CA THR C 706 -21.08 23.52 -20.54
C THR C 706 -22.15 24.59 -20.72
N PRO C 707 -21.83 25.86 -20.55
CA PRO C 707 -22.85 26.91 -20.71
C PRO C 707 -23.42 26.93 -22.11
N MET C 708 -24.71 27.23 -22.20
CA MET C 708 -25.42 27.28 -23.47
C MET C 708 -26.05 28.65 -23.65
N LYS C 709 -26.08 29.11 -24.89
CA LYS C 709 -26.68 30.39 -25.25
C LYS C 709 -27.94 30.17 -26.06
N ASP C 710 -28.61 31.27 -26.39
CA ASP C 710 -29.87 31.17 -27.12
C ASP C 710 -29.67 30.56 -28.50
N ASP C 711 -28.67 31.03 -29.25
CA ASP C 711 -28.42 30.50 -30.58
C ASP C 711 -28.01 29.04 -30.53
N ASP C 712 -27.18 28.68 -29.54
CA ASP C 712 -26.78 27.28 -29.40
C ASP C 712 -27.99 26.40 -29.10
N MET C 713 -28.88 26.85 -28.22
CA MET C 713 -30.08 26.09 -27.92
C MET C 713 -30.97 25.97 -29.15
N LYS C 714 -31.08 27.04 -29.93
CA LYS C 714 -31.87 27.00 -31.16
C LYS C 714 -31.32 25.97 -32.13
N LEU C 715 -30.01 25.99 -32.36
CA LEU C 715 -29.41 25.05 -33.29
C LEU C 715 -29.54 23.62 -32.80
N ALA C 716 -29.37 23.40 -31.49
CA ALA C 716 -29.56 22.07 -30.94
C ALA C 716 -30.99 21.59 -31.13
N CYS C 717 -31.96 22.50 -30.94
CA CYS C 717 -33.36 22.13 -31.12
C CYS C 717 -33.65 21.75 -32.56
N GLU C 718 -33.12 22.52 -33.52
CA GLU C 718 -33.32 22.14 -34.92
C GLU C 718 -32.67 20.79 -35.24
N ALA C 719 -31.46 20.56 -34.72
CA ALA C 719 -30.80 19.29 -34.97
C ALA C 719 -31.60 18.13 -34.38
N LEU C 720 -32.16 18.32 -33.19
CA LEU C 720 -32.98 17.27 -32.59
C LEU C 720 -34.26 17.06 -33.38
N LYS C 721 -34.88 18.14 -33.87
CA LYS C 721 -36.11 18.02 -34.64
C LYS C 721 -35.89 17.40 -36.00
N HIS C 722 -34.66 17.43 -36.52
CA HIS C 722 -34.40 16.90 -37.85
C HIS C 722 -34.75 15.42 -37.92
N PRO C 723 -35.34 14.96 -39.01
CA PRO C 723 -35.70 13.53 -39.12
C PRO C 723 -34.51 12.60 -39.08
N LYS C 724 -33.31 13.08 -39.44
CA LYS C 724 -32.13 12.22 -39.44
C LYS C 724 -31.60 11.94 -38.04
N CYS C 725 -31.98 12.73 -37.04
CA CYS C 725 -31.47 12.54 -35.69
C CYS C 725 -32.00 11.27 -35.08
N SER C 726 -31.22 10.71 -34.15
CA SER C 726 -31.63 9.51 -33.43
C SER C 726 -31.29 9.60 -31.95
N VAL C 727 -31.15 10.80 -31.39
CA VAL C 727 -30.78 10.95 -30.00
C VAL C 727 -31.98 10.68 -29.13
N GLU C 728 -31.81 9.81 -28.12
CA GLU C 728 -32.87 9.46 -27.20
C GLU C 728 -32.70 10.04 -25.81
N THR C 729 -31.48 10.10 -25.30
CA THR C 729 -31.19 10.63 -23.98
C THR C 729 -30.50 11.97 -24.12
N LEU C 730 -30.93 12.96 -23.33
CA LEU C 730 -30.30 14.27 -23.35
C LEU C 730 -30.11 14.75 -21.92
N ARG C 731 -28.85 14.81 -21.48
CA ARG C 731 -28.51 15.34 -20.18
C ARG C 731 -28.00 16.77 -20.34
N LEU C 732 -28.60 17.69 -19.61
CA LEU C 732 -28.36 19.11 -19.80
C LEU C 732 -28.15 19.79 -18.45
N ASP C 733 -27.55 19.10 -17.51
CA ASP C 733 -27.43 19.60 -16.15
C ASP C 733 -26.28 20.60 -16.03
N SER C 734 -26.42 21.50 -15.06
CA SER C 734 -25.44 22.53 -14.70
C SER C 734 -25.23 23.57 -15.79
N CYS C 735 -25.94 23.46 -16.90
CA CYS C 735 -25.86 24.50 -17.93
C CYS C 735 -26.70 25.70 -17.53
N GLU C 736 -26.23 26.88 -17.91
CA GLU C 736 -26.93 28.13 -17.56
C GLU C 736 -28.08 28.34 -18.55
N LEU C 737 -29.15 27.59 -18.34
CA LEU C 737 -30.32 27.70 -19.20
C LEU C 737 -31.04 29.01 -18.93
N THR C 738 -31.15 29.84 -19.96
CA THR C 738 -31.86 31.11 -19.84
C THR C 738 -33.36 30.87 -19.92
N ILE C 739 -34.13 31.94 -19.73
CA ILE C 739 -35.58 31.84 -19.84
C ILE C 739 -35.99 31.52 -21.27
N ILE C 740 -35.27 32.06 -22.25
CA ILE C 740 -35.65 31.90 -23.65
C ILE C 740 -35.40 30.48 -24.13
N GLY C 741 -34.54 29.73 -23.45
CA GLY C 741 -34.32 28.34 -23.83
C GLY C 741 -35.48 27.43 -23.53
N TYR C 742 -36.34 27.79 -22.57
CA TYR C 742 -37.37 26.87 -22.12
C TYR C 742 -38.51 26.74 -23.12
N GLU C 743 -38.89 27.82 -23.80
CA GLU C 743 -39.88 27.69 -24.86
C GLU C 743 -39.36 26.85 -26.02
N MET C 744 -38.07 26.97 -26.33
CA MET C 744 -37.48 26.09 -27.33
C MET C 744 -37.54 24.63 -26.87
N ILE C 745 -37.25 24.39 -25.59
CA ILE C 745 -37.33 23.03 -25.06
C ILE C 745 -38.76 22.50 -25.18
N SER C 746 -39.74 23.33 -24.84
CA SER C 746 -41.13 22.91 -24.92
C SER C 746 -41.54 22.61 -26.35
N THR C 747 -41.11 23.46 -27.29
CA THR C 747 -41.44 23.23 -28.69
C THR C 747 -40.82 21.93 -29.19
N LEU C 748 -39.58 21.66 -28.78
CA LEU C 748 -38.96 20.39 -29.12
C LEU C 748 -39.74 19.21 -28.55
N LEU C 749 -40.19 19.35 -27.30
CA LEU C 749 -40.94 18.26 -26.67
C LEU C 749 -42.25 17.99 -27.39
N ILE C 750 -42.97 19.05 -27.77
CA ILE C 750 -44.26 18.85 -28.43
C ILE C 750 -44.13 18.50 -29.91
N SER C 751 -42.96 18.72 -30.50
CA SER C 751 -42.74 18.38 -31.90
C SER C 751 -42.45 16.88 -32.02
N THR C 752 -42.04 16.45 -33.21
CA THR C 752 -41.71 15.05 -33.46
C THR C 752 -40.24 14.82 -33.15
N THR C 753 -39.98 13.95 -32.17
CA THR C 753 -38.61 13.67 -31.74
C THR C 753 -38.53 12.24 -31.24
N ARG C 754 -37.32 11.69 -31.27
CA ARG C 754 -37.05 10.39 -30.68
C ARG C 754 -36.61 10.50 -29.22
N LEU C 755 -36.60 11.70 -28.67
CA LEU C 755 -36.13 11.92 -27.31
C LEU C 755 -37.01 11.19 -26.31
N LYS C 756 -36.38 10.52 -25.35
CA LYS C 756 -37.08 9.77 -24.32
C LYS C 756 -36.73 10.20 -22.91
N CYS C 757 -35.46 10.49 -22.63
CA CYS C 757 -35.02 10.87 -21.29
C CYS C 757 -34.43 12.27 -21.34
N LEU C 758 -34.85 13.12 -20.41
CA LEU C 758 -34.38 14.50 -20.35
C LEU C 758 -33.94 14.82 -18.93
N SER C 759 -32.75 15.40 -18.80
CA SER C 759 -32.23 15.83 -17.50
C SER C 759 -32.07 17.34 -17.51
N LEU C 760 -32.66 18.00 -16.52
CA LEU C 760 -32.59 19.46 -16.36
C LEU C 760 -32.13 19.79 -14.95
N ALA C 761 -31.06 19.16 -14.52
CA ALA C 761 -30.61 19.26 -13.14
C ALA C 761 -29.75 20.50 -12.92
N LYS C 762 -29.68 20.94 -11.67
CA LYS C 762 -28.73 21.94 -11.20
C LYS C 762 -28.81 23.24 -12.00
N ASN C 763 -30.03 23.64 -12.35
CA ASN C 763 -30.23 24.97 -12.94
C ASN C 763 -31.62 25.45 -12.56
N ARG C 764 -31.70 26.69 -12.09
CA ARG C 764 -32.94 27.21 -11.55
C ARG C 764 -34.02 27.26 -12.62
N VAL C 765 -35.22 26.81 -12.26
CA VAL C 765 -36.36 26.79 -13.16
C VAL C 765 -37.32 27.89 -12.72
N GLY C 766 -37.56 28.86 -13.61
CA GLY C 766 -38.43 29.96 -13.29
C GLY C 766 -39.88 29.55 -13.25
N VAL C 767 -40.66 30.33 -12.49
CA VAL C 767 -42.10 30.07 -12.39
C VAL C 767 -42.78 30.25 -13.74
N LYS C 768 -42.38 31.30 -14.48
CA LYS C 768 -42.96 31.53 -15.80
C LYS C 768 -42.62 30.40 -16.75
N SER C 769 -41.36 29.94 -16.74
CA SER C 769 -40.96 28.81 -17.56
C SER C 769 -41.66 27.52 -17.13
N MET C 770 -42.07 27.43 -15.88
CA MET C 770 -42.78 26.25 -15.41
C MET C 770 -44.10 26.07 -16.13
N ILE C 771 -44.79 27.16 -16.47
CA ILE C 771 -46.06 27.04 -17.17
C ILE C 771 -45.83 26.52 -18.59
N SER C 772 -44.74 26.95 -19.23
CA SER C 772 -44.43 26.44 -20.57
C SER C 772 -44.07 24.97 -20.51
N LEU C 773 -43.27 24.57 -19.51
CA LEU C 773 -42.93 23.16 -19.37
C LEU C 773 -44.18 22.33 -19.10
N GLY C 774 -45.09 22.85 -18.28
CA GLY C 774 -46.33 22.13 -18.02
C GLY C 774 -47.21 22.01 -19.25
N ASN C 775 -47.29 23.07 -20.04
CA ASN C 775 -48.05 23.01 -21.28
C ASN C 775 -47.47 21.97 -22.23
N ALA C 776 -46.14 21.91 -22.30
CA ALA C 776 -45.52 20.87 -23.12
C ALA C 776 -45.80 19.47 -22.57
N LEU C 777 -45.73 19.31 -21.24
CA LEU C 777 -45.85 17.99 -20.65
C LEU C 777 -47.27 17.45 -20.65
N SER C 778 -48.27 18.32 -20.53
CA SER C 778 -49.66 17.88 -20.45
C SER C 778 -50.24 17.47 -21.80
N SER C 779 -49.59 17.83 -22.90
CA SER C 779 -50.13 17.52 -24.21
C SER C 779 -50.06 16.02 -24.49
N SER C 780 -50.92 15.58 -25.40
CA SER C 780 -50.95 14.18 -25.80
C SER C 780 -49.88 13.83 -26.82
N MET C 781 -49.21 14.82 -27.39
CA MET C 781 -48.15 14.60 -28.35
C MET C 781 -46.77 14.47 -27.69
N CYS C 782 -46.69 14.63 -26.38
CA CYS C 782 -45.41 14.53 -25.68
C CYS C 782 -45.20 13.09 -25.23
N LEU C 783 -44.20 12.44 -25.80
CA LEU C 783 -43.84 11.06 -25.45
C LEU C 783 -42.48 11.10 -24.76
N LEU C 784 -42.50 11.34 -23.46
CA LEU C 784 -41.29 11.39 -22.66
C LEU C 784 -41.42 10.41 -21.50
N GLN C 785 -40.40 9.61 -21.28
CA GLN C 785 -40.45 8.56 -20.27
C GLN C 785 -39.70 8.90 -18.99
N LYS C 786 -38.57 9.59 -19.09
CA LYS C 786 -37.76 9.91 -17.91
C LYS C 786 -37.51 11.41 -17.87
N LEU C 787 -37.82 12.03 -16.75
CA LEU C 787 -37.56 13.44 -16.54
C LEU C 787 -36.86 13.62 -15.20
N ILE C 788 -35.72 14.32 -15.20
CA ILE C 788 -34.94 14.51 -13.98
C ILE C 788 -34.89 16.00 -13.67
N LEU C 789 -35.26 16.36 -12.44
CA LEU C 789 -35.39 17.76 -12.05
C LEU C 789 -34.84 17.99 -10.64
N ASP C 790 -33.70 17.40 -10.32
CA ASP C 790 -33.17 17.60 -8.98
C ASP C 790 -32.27 18.83 -8.91
N ASN C 791 -32.04 19.29 -7.68
CA ASN C 791 -31.21 20.47 -7.41
C ASN C 791 -31.74 21.70 -8.15
N CYS C 792 -33.03 21.71 -8.44
CA CYS C 792 -33.67 22.83 -9.10
C CYS C 792 -34.26 23.79 -8.07
N GLY C 793 -34.67 24.96 -8.54
CA GLY C 793 -35.30 25.93 -7.67
C GLY C 793 -36.79 25.75 -7.58
N LEU C 794 -37.22 24.58 -7.11
CA LEU C 794 -38.64 24.24 -7.06
C LEU C 794 -39.23 24.63 -5.72
N THR C 795 -40.20 25.53 -5.76
CA THR C 795 -40.98 25.95 -4.61
C THR C 795 -42.22 25.09 -4.51
N PRO C 796 -42.95 25.15 -3.38
CA PRO C 796 -44.23 24.44 -3.31
C PRO C 796 -45.21 24.84 -4.41
N ALA C 797 -45.26 26.12 -4.76
CA ALA C 797 -46.14 26.56 -5.84
C ALA C 797 -45.74 25.95 -7.18
N SER C 798 -44.44 25.96 -7.49
CA SER C 798 -43.97 25.37 -8.73
C SER C 798 -44.22 23.87 -8.76
N CYS C 799 -44.03 23.20 -7.63
CA CYS C 799 -44.32 21.77 -7.56
C CYS C 799 -45.80 21.49 -7.80
N HIS C 800 -46.66 22.33 -7.23
CA HIS C 800 -48.10 22.18 -7.46
C HIS C 800 -48.44 22.36 -8.93
N LEU C 801 -47.83 23.37 -9.57
CA LEU C 801 -48.06 23.55 -11.00
C LEU C 801 -47.59 22.33 -11.79
N LEU C 802 -46.42 21.79 -11.44
CA LEU C 802 -45.87 20.66 -12.15
C LEU C 802 -46.78 19.44 -12.05
N VAL C 803 -47.24 19.12 -10.83
CA VAL C 803 -48.09 17.94 -10.67
C VAL C 803 -49.45 18.16 -11.32
N SER C 804 -49.98 19.39 -11.26
CA SER C 804 -51.25 19.67 -11.92
C SER C 804 -51.14 19.45 -13.42
N ALA C 805 -50.03 19.89 -14.02
CA ALA C 805 -49.83 19.60 -15.44
C ALA C 805 -49.65 18.12 -15.69
N LEU C 806 -48.92 17.42 -14.80
CA LEU C 806 -48.65 16.00 -14.97
C LEU C 806 -49.87 15.13 -14.74
N PHE C 807 -50.98 15.71 -14.24
CA PHE C 807 -52.17 14.92 -13.98
C PHE C 807 -52.65 14.18 -15.23
N SER C 808 -52.73 14.89 -16.35
CA SER C 808 -53.26 14.30 -17.57
C SER C 808 -52.25 13.47 -18.35
N ASN C 809 -50.97 13.56 -18.01
CA ASN C 809 -49.93 12.82 -18.73
C ASN C 809 -50.06 11.33 -18.45
N GLN C 810 -49.78 10.52 -19.48
CA GLN C 810 -49.87 9.06 -19.35
C GLN C 810 -48.71 8.36 -20.04
N ASN C 811 -47.57 9.04 -20.16
CA ASN C 811 -46.39 8.45 -20.76
C ASN C 811 -45.19 8.41 -19.83
N LEU C 812 -45.07 9.36 -18.90
CA LEU C 812 -43.92 9.42 -18.01
C LEU C 812 -43.91 8.23 -17.07
N THR C 813 -42.77 7.54 -16.99
CA THR C 813 -42.63 6.38 -16.11
C THR C 813 -41.60 6.54 -15.02
N HIS C 814 -40.60 7.41 -15.20
CA HIS C 814 -39.58 7.67 -14.19
C HIS C 814 -39.60 9.15 -13.85
N LEU C 815 -39.57 9.47 -12.56
CA LEU C 815 -39.59 10.86 -12.13
C LEU C 815 -38.69 11.01 -10.91
N CYS C 816 -37.84 12.04 -10.93
CA CYS C 816 -36.93 12.34 -9.84
C CYS C 816 -37.12 13.79 -9.42
N LEU C 817 -37.28 14.03 -8.13
CA LEU C 817 -37.52 15.37 -7.60
C LEU C 817 -36.60 15.63 -6.41
N SER C 818 -35.37 15.15 -6.47
CA SER C 818 -34.46 15.24 -5.35
C SER C 818 -34.08 16.69 -5.06
N ASN C 819 -33.69 16.94 -3.81
CA ASN C 819 -33.15 18.22 -3.37
C ASN C 819 -34.09 19.37 -3.73
N ASN C 820 -35.38 19.16 -3.49
CA ASN C 820 -36.39 20.18 -3.73
C ASN C 820 -37.27 20.31 -2.50
N SER C 821 -37.87 21.49 -2.35
CA SER C 821 -38.74 21.78 -1.21
C SER C 821 -40.16 21.34 -1.57
N LEU C 822 -40.61 20.26 -0.95
CA LEU C 822 -41.95 19.72 -1.16
C LEU C 822 -42.73 19.77 0.14
N GLY C 823 -43.97 20.25 0.07
CA GLY C 823 -44.83 20.33 1.23
C GLY C 823 -45.88 19.23 1.25
N THR C 824 -46.68 19.26 2.31
CA THR C 824 -47.76 18.29 2.45
C THR C 824 -48.78 18.42 1.32
N GLU C 825 -49.07 19.66 0.90
CA GLU C 825 -49.95 19.84 -0.25
C GLU C 825 -49.36 19.21 -1.51
N GLY C 826 -48.05 19.37 -1.70
CA GLY C 826 -47.40 18.75 -2.86
C GLY C 826 -47.48 17.24 -2.82
N VAL C 827 -47.23 16.65 -1.65
CA VAL C 827 -47.31 15.19 -1.54
C VAL C 827 -48.75 14.72 -1.75
N GLN C 828 -49.72 15.48 -1.25
CA GLN C 828 -51.12 15.12 -1.47
C GLN C 828 -51.48 15.16 -2.95
N GLN C 829 -51.03 16.20 -3.65
CA GLN C 829 -51.29 16.29 -5.09
C GLN C 829 -50.62 15.16 -5.84
N LEU C 830 -49.38 14.82 -5.46
CA LEU C 830 -48.69 13.70 -6.10
C LEU C 830 -49.42 12.39 -5.87
N CYS C 831 -49.92 12.17 -4.65
CA CYS C 831 -50.69 10.97 -4.37
C CYS C 831 -51.98 10.95 -5.18
N GLN C 832 -52.63 12.10 -5.32
CA GLN C 832 -53.84 12.16 -6.14
C GLN C 832 -53.52 11.81 -7.59
N PHE C 833 -52.40 12.30 -8.11
CA PHE C 833 -51.99 11.94 -9.47
C PHE C 833 -51.71 10.45 -9.58
N LEU C 834 -51.07 9.87 -8.57
CA LEU C 834 -50.81 8.44 -8.58
C LEU C 834 -52.08 7.61 -8.47
N ARG C 835 -53.14 8.18 -7.90
CA ARG C 835 -54.35 7.41 -7.63
C ARG C 835 -55.01 6.92 -8.92
N ASN C 836 -55.25 7.82 -9.87
CA ASN C 836 -56.11 7.50 -11.00
C ASN C 836 -55.45 6.45 -11.90
N PRO C 837 -56.24 5.71 -12.67
CA PRO C 837 -55.65 4.75 -13.61
C PRO C 837 -54.94 5.44 -14.76
N GLU C 838 -54.47 4.64 -15.72
CA GLU C 838 -53.69 5.11 -16.87
C GLU C 838 -52.65 6.17 -16.46
N CYS C 839 -51.91 5.85 -15.39
CA CYS C 839 -50.83 6.70 -14.91
C CYS C 839 -49.47 6.20 -15.40
N ALA C 840 -49.17 4.93 -15.13
CA ALA C 840 -47.96 4.27 -15.62
C ALA C 840 -46.69 4.99 -15.15
N LEU C 841 -46.59 5.13 -13.83
CA LEU C 841 -45.40 5.66 -13.18
C LEU C 841 -44.76 4.54 -12.37
N GLN C 842 -43.51 4.22 -12.67
CA GLN C 842 -42.84 3.07 -12.08
C GLN C 842 -41.86 3.44 -10.98
N ARG C 843 -40.96 4.38 -11.23
CA ARG C 843 -39.94 4.77 -10.28
C ARG C 843 -40.15 6.21 -9.86
N LEU C 844 -40.15 6.45 -8.55
CA LEU C 844 -40.31 7.79 -8.01
C LEU C 844 -39.20 8.03 -7.00
N ILE C 845 -38.48 9.13 -7.16
CA ILE C 845 -37.35 9.46 -6.31
C ILE C 845 -37.65 10.78 -5.60
N LEU C 846 -37.77 10.72 -4.28
CA LEU C 846 -37.91 11.89 -3.42
C LEU C 846 -36.79 11.79 -2.40
N ASN C 847 -35.66 12.44 -2.68
CA ASN C 847 -34.41 12.14 -2.00
C ASN C 847 -34.03 13.17 -0.94
N HIS C 848 -34.43 14.42 -1.09
CA HIS C 848 -34.13 15.42 -0.06
C HIS C 848 -35.30 16.35 0.18
N CYS C 849 -36.51 15.92 -0.13
CA CYS C 849 -37.71 16.72 0.15
C CYS C 849 -38.16 16.41 1.58
N ASN C 850 -38.20 17.44 2.43
CA ASN C 850 -38.65 17.23 3.79
C ASN C 850 -40.12 16.84 3.83
N ILE C 851 -40.42 15.65 4.36
CA ILE C 851 -41.76 15.08 4.36
C ILE C 851 -42.25 14.96 5.80
N VAL C 852 -43.48 15.41 6.04
CA VAL C 852 -44.10 15.46 7.36
C VAL C 852 -45.00 14.23 7.54
N ASP C 853 -45.29 13.87 8.79
CA ASP C 853 -45.92 12.60 9.11
C ASP C 853 -47.25 12.41 8.38
N ASP C 854 -48.00 13.49 8.16
CA ASP C 854 -49.26 13.38 7.45
C ASP C 854 -49.02 12.88 6.02
N ALA C 855 -47.99 13.41 5.37
CA ALA C 855 -47.66 12.98 4.02
C ALA C 855 -47.25 11.52 4.00
N TYR C 856 -46.58 11.04 5.05
CA TYR C 856 -46.35 9.61 5.17
C TYR C 856 -47.65 8.84 5.27
N GLY C 857 -48.66 9.42 5.92
CA GLY C 857 -49.97 8.78 5.94
C GLY C 857 -50.55 8.66 4.53
N PHE C 858 -50.45 9.73 3.75
CA PHE C 858 -50.92 9.66 2.37
C PHE C 858 -50.16 8.62 1.57
N LEU C 859 -48.84 8.58 1.73
CA LEU C 859 -48.02 7.63 0.99
C LEU C 859 -48.37 6.20 1.36
N ALA C 860 -48.57 5.93 2.65
CA ALA C 860 -48.95 4.59 3.07
C ALA C 860 -50.32 4.21 2.53
N MET C 861 -51.26 5.15 2.55
CA MET C 861 -52.59 4.87 2.00
C MET C 861 -52.50 4.52 0.52
N ARG C 862 -51.67 5.25 -0.23
CA ARG C 862 -51.52 4.94 -1.65
C ARG C 862 -50.82 3.60 -1.87
N LEU C 863 -49.79 3.31 -1.07
CA LEU C 863 -49.06 2.06 -1.24
C LEU C 863 -49.86 0.84 -0.78
N ALA C 864 -50.91 1.05 0.00
CA ALA C 864 -51.71 -0.08 0.47
C ALA C 864 -52.28 -0.88 -0.68
N ASN C 865 -52.82 -0.21 -1.70
CA ASN C 865 -53.37 -0.89 -2.88
C ASN C 865 -52.91 -0.10 -4.11
N ASN C 866 -51.78 -0.51 -4.68
CA ASN C 866 -51.19 0.20 -5.79
C ASN C 866 -50.52 -0.79 -6.74
N THR C 867 -50.56 -0.47 -8.03
CA THR C 867 -49.88 -1.25 -9.05
C THR C 867 -49.00 -0.32 -9.87
N LYS C 868 -48.15 -0.94 -10.70
CA LYS C 868 -47.31 -0.23 -11.65
C LYS C 868 -46.20 0.59 -11.00
N LEU C 869 -46.14 0.61 -9.67
CA LEU C 869 -45.08 1.30 -8.94
C LEU C 869 -44.21 0.27 -8.25
N THR C 870 -42.90 0.33 -8.50
CA THR C 870 -41.99 -0.71 -8.02
C THR C 870 -40.86 -0.19 -7.14
N HIS C 871 -40.27 0.95 -7.47
CA HIS C 871 -39.11 1.46 -6.74
C HIS C 871 -39.49 2.77 -6.06
N LEU C 872 -39.18 2.89 -4.77
CA LEU C 872 -39.44 4.12 -4.05
C LEU C 872 -38.21 4.46 -3.22
N SER C 873 -37.60 5.60 -3.51
CA SER C 873 -36.43 6.07 -2.78
C SER C 873 -36.86 7.19 -1.85
N LEU C 874 -36.59 7.02 -0.56
CA LEU C 874 -37.04 7.95 0.46
C LEU C 874 -35.89 8.35 1.37
N THR C 875 -34.68 8.42 0.83
CA THR C 875 -33.48 8.69 1.60
C THR C 875 -33.54 10.11 2.18
N MET C 876 -32.83 10.30 3.30
CA MET C 876 -32.55 11.63 3.86
C MET C 876 -33.84 12.39 4.14
N ASN C 877 -34.78 11.72 4.79
CA ASN C 877 -36.05 12.35 5.13
C ASN C 877 -36.36 12.15 6.60
N PRO C 878 -36.97 13.14 7.24
CA PRO C 878 -37.29 13.01 8.66
C PRO C 878 -38.47 12.08 8.91
N VAL C 879 -38.30 10.79 8.61
CA VAL C 879 -39.31 9.78 8.88
C VAL C 879 -38.94 9.04 10.15
N GLY C 880 -39.87 9.00 11.10
CA GLY C 880 -39.63 8.41 12.39
C GLY C 880 -40.20 7.02 12.53
N ASP C 881 -40.20 6.53 13.77
CA ASP C 881 -40.66 5.17 14.04
C ASP C 881 -42.14 5.00 13.71
N GLY C 882 -42.98 5.99 14.03
CA GLY C 882 -44.40 5.85 13.75
C GLY C 882 -44.70 5.78 12.26
N ALA C 883 -44.08 6.66 11.48
CA ALA C 883 -44.26 6.59 10.03
C ALA C 883 -43.68 5.31 9.47
N MET C 884 -42.61 4.80 10.09
CA MET C 884 -42.09 3.50 9.66
C MET C 884 -43.11 2.39 9.91
N LYS C 885 -43.78 2.43 11.06
CA LYS C 885 -44.85 1.46 11.32
C LYS C 885 -45.94 1.56 10.27
N LEU C 886 -46.33 2.79 9.93
CA LEU C 886 -47.37 2.98 8.92
C LEU C 886 -46.94 2.39 7.59
N LEU C 887 -45.69 2.63 7.19
CA LEU C 887 -45.20 2.14 5.91
C LEU C 887 -45.15 0.62 5.89
N CYS C 888 -44.70 -0.01 6.97
CA CYS C 888 -44.68 -1.47 7.00
C CYS C 888 -46.08 -2.06 6.99
N GLU C 889 -47.02 -1.41 7.67
CA GLU C 889 -48.40 -1.89 7.63
C GLU C 889 -48.96 -1.80 6.23
N ALA C 890 -48.65 -0.72 5.51
CA ALA C 890 -49.07 -0.63 4.11
C ALA C 890 -48.41 -1.71 3.26
N LEU C 891 -47.13 -2.00 3.52
CA LEU C 891 -46.41 -2.96 2.70
C LEU C 891 -46.85 -4.39 2.96
N LYS C 892 -47.35 -4.68 4.16
CA LYS C 892 -47.74 -6.05 4.48
C LYS C 892 -48.91 -6.55 3.64
N GLU C 893 -49.68 -5.64 3.04
CA GLU C 893 -50.87 -6.05 2.30
C GLU C 893 -50.46 -6.86 1.07
N PRO C 894 -51.18 -7.95 0.76
CA PRO C 894 -50.85 -8.74 -0.44
C PRO C 894 -51.01 -7.98 -1.74
N THR C 895 -51.81 -6.92 -1.76
CA THR C 895 -51.99 -6.11 -2.97
C THR C 895 -51.01 -4.94 -3.02
N CYS C 896 -49.73 -5.24 -2.83
CA CYS C 896 -48.66 -4.25 -2.92
C CYS C 896 -47.53 -4.83 -3.75
N TYR C 897 -47.10 -4.11 -4.78
CA TYR C 897 -46.10 -4.59 -5.72
C TYR C 897 -44.81 -3.78 -5.66
N LEU C 898 -44.54 -3.14 -4.52
CA LEU C 898 -43.27 -2.44 -4.36
C LEU C 898 -42.12 -3.44 -4.33
N GLN C 899 -41.01 -3.09 -4.97
CA GLN C 899 -39.87 -3.97 -5.08
C GLN C 899 -38.63 -3.48 -4.34
N GLU C 900 -38.36 -2.18 -4.37
CA GLU C 900 -37.15 -1.64 -3.76
C GLU C 900 -37.50 -0.44 -2.89
N LEU C 901 -36.96 -0.42 -1.68
CA LEU C 901 -37.17 0.66 -0.73
C LEU C 901 -35.82 1.11 -0.16
N GLU C 902 -35.55 2.41 -0.28
CA GLU C 902 -34.29 3.00 0.16
C GLU C 902 -34.59 3.95 1.32
N LEU C 903 -33.98 3.69 2.46
CA LEU C 903 -34.13 4.49 3.67
C LEU C 903 -32.77 4.75 4.30
N VAL C 904 -31.82 5.21 3.48
CA VAL C 904 -30.41 5.18 3.88
C VAL C 904 -30.17 6.06 5.09
N ASP C 905 -30.62 7.30 5.05
CA ASP C 905 -30.33 8.28 6.11
C ASP C 905 -31.59 8.74 6.80
N CYS C 906 -32.49 7.80 7.09
CA CYS C 906 -33.74 8.10 7.77
C CYS C 906 -33.57 7.89 9.26
N GLN C 907 -34.19 8.76 10.05
CA GLN C 907 -34.05 8.74 11.50
C GLN C 907 -34.84 7.56 12.05
N LEU C 908 -34.25 6.37 11.94
CA LEU C 908 -34.85 5.14 12.44
C LEU C 908 -34.05 4.62 13.62
N THR C 909 -34.73 4.00 14.57
CA THR C 909 -34.08 3.47 15.76
C THR C 909 -34.44 2.01 15.95
N GLN C 910 -34.07 1.44 17.10
CA GLN C 910 -34.37 0.04 17.38
C GLN C 910 -35.84 -0.18 17.73
N ASN C 911 -36.64 0.89 17.85
CA ASN C 911 -38.03 0.73 18.22
C ASN C 911 -38.87 0.12 17.11
N CYS C 912 -38.39 0.14 15.86
CA CYS C 912 -39.16 -0.36 14.73
C CYS C 912 -38.59 -1.65 14.15
N CYS C 913 -37.58 -2.24 14.79
CA CYS C 913 -36.91 -3.38 14.18
C CYS C 913 -37.77 -4.64 14.20
N GLU C 914 -38.53 -4.85 15.29
CA GLU C 914 -39.42 -6.01 15.32
C GLU C 914 -40.51 -5.89 14.25
N ASP C 915 -41.02 -4.67 14.06
CA ASP C 915 -42.01 -4.46 13.01
C ASP C 915 -41.39 -4.71 11.64
N LEU C 916 -40.16 -4.25 11.43
CA LEU C 916 -39.49 -4.50 10.16
C LEU C 916 -39.30 -5.99 9.92
N ALA C 917 -38.93 -6.74 10.97
CA ALA C 917 -38.79 -8.18 10.83
C ALA C 917 -40.12 -8.83 10.46
N CYS C 918 -41.20 -8.40 11.11
CA CYS C 918 -42.52 -8.93 10.77
C CYS C 918 -42.88 -8.64 9.32
N MET C 919 -42.60 -7.42 8.86
CA MET C 919 -42.91 -7.05 7.48
C MET C 919 -42.09 -7.87 6.50
N ILE C 920 -40.80 -8.10 6.82
CA ILE C 920 -39.95 -8.90 5.95
C ILE C 920 -40.50 -10.32 5.85
N THR C 921 -40.88 -10.90 6.99
CA THR C 921 -41.43 -12.25 6.97
C THR C 921 -42.73 -12.32 6.17
N THR C 922 -43.60 -11.34 6.35
CA THR C 922 -44.93 -11.41 5.75
C THR C 922 -44.91 -11.11 4.25
N THR C 923 -44.07 -10.17 3.82
CA THR C 923 -44.15 -9.68 2.45
C THR C 923 -43.74 -10.75 1.45
N LYS C 924 -44.10 -10.52 0.19
CA LYS C 924 -43.82 -11.46 -0.89
C LYS C 924 -43.38 -10.82 -2.19
N HIS C 925 -43.16 -9.50 -2.21
CA HIS C 925 -42.76 -8.83 -3.44
C HIS C 925 -41.51 -8.00 -3.24
N LEU C 926 -41.30 -7.49 -2.04
CA LEU C 926 -40.12 -6.69 -1.75
C LEU C 926 -38.86 -7.54 -1.82
N LYS C 927 -37.82 -7.00 -2.43
CA LYS C 927 -36.56 -7.72 -2.57
C LYS C 927 -35.33 -6.89 -2.26
N SER C 928 -35.42 -5.57 -2.17
CA SER C 928 -34.28 -4.72 -1.89
C SER C 928 -34.65 -3.71 -0.82
N LEU C 929 -33.89 -3.73 0.28
CA LEU C 929 -34.15 -2.84 1.40
C LEU C 929 -32.85 -2.20 1.85
N ASP C 930 -32.83 -0.88 1.96
CA ASP C 930 -31.63 -0.15 2.32
C ASP C 930 -31.82 0.54 3.67
N LEU C 931 -30.89 0.31 4.60
CA LEU C 931 -30.86 0.96 5.91
C LEU C 931 -29.43 1.41 6.15
N GLY C 932 -29.11 2.64 5.76
CA GLY C 932 -27.72 3.03 5.64
C GLY C 932 -27.12 3.88 6.73
N ASN C 933 -27.90 4.74 7.38
CA ASN C 933 -27.37 5.64 8.40
C ASN C 933 -28.31 5.72 9.58
N ASN C 934 -28.78 4.57 10.04
CA ASN C 934 -29.71 4.48 11.16
C ASN C 934 -29.02 3.80 12.33
N ALA C 935 -29.40 4.19 13.54
CA ALA C 935 -28.77 3.67 14.76
C ALA C 935 -29.54 2.47 15.31
N LEU C 936 -29.64 1.43 14.50
CA LEU C 936 -30.35 0.22 14.91
C LEU C 936 -29.63 -0.47 16.06
N GLY C 937 -28.31 -0.39 16.09
CA GLY C 937 -27.53 -0.97 17.15
C GLY C 937 -27.58 -2.49 17.15
N ASP C 938 -26.85 -3.06 18.11
CA ASP C 938 -26.80 -4.51 18.22
C ASP C 938 -28.16 -5.08 18.53
N LYS C 939 -28.93 -4.43 19.41
CA LYS C 939 -30.25 -4.92 19.75
C LYS C 939 -31.19 -4.88 18.54
N GLY C 940 -31.17 -3.79 17.77
CA GLY C 940 -32.01 -3.72 16.60
C GLY C 940 -31.66 -4.78 15.57
N VAL C 941 -30.37 -5.00 15.34
CA VAL C 941 -29.98 -6.00 14.35
C VAL C 941 -30.31 -7.40 14.84
N ILE C 942 -30.16 -7.66 16.15
CA ILE C 942 -30.52 -8.96 16.68
C ILE C 942 -32.01 -9.21 16.51
N THR C 943 -32.83 -8.20 16.77
CA THR C 943 -34.26 -8.34 16.56
C THR C 943 -34.59 -8.58 15.09
N LEU C 944 -33.90 -7.88 14.19
CA LEU C 944 -34.16 -8.05 12.76
C LEU C 944 -33.76 -9.46 12.29
N CYS C 945 -32.70 -10.01 12.88
CA CYS C 945 -32.22 -11.32 12.46
C CYS C 945 -33.25 -12.42 12.66
N GLU C 946 -34.16 -12.26 13.64
CA GLU C 946 -35.18 -13.27 13.86
C GLU C 946 -36.06 -13.45 12.64
N GLY C 947 -36.47 -12.33 12.03
CA GLY C 947 -37.23 -12.42 10.79
C GLY C 947 -36.36 -12.68 9.59
N LEU C 948 -35.10 -12.28 9.63
CA LEU C 948 -34.21 -12.48 8.49
C LEU C 948 -33.88 -13.95 8.30
N LYS C 949 -33.71 -14.70 9.39
CA LYS C 949 -33.22 -16.07 9.29
C LYS C 949 -34.28 -17.06 8.82
N GLN C 950 -35.56 -16.69 8.88
CA GLN C 950 -36.62 -17.64 8.55
C GLN C 950 -36.62 -18.02 7.08
N SER C 951 -36.07 -17.17 6.22
CA SER C 951 -35.96 -17.45 4.78
C SER C 951 -37.32 -17.75 4.16
N SER C 952 -38.36 -17.11 4.68
CA SER C 952 -39.71 -17.26 4.17
C SER C 952 -40.08 -16.17 3.17
N SER C 953 -39.15 -15.29 2.83
CA SER C 953 -39.40 -14.18 1.93
C SER C 953 -38.52 -14.29 0.70
N SER C 954 -38.62 -13.28 -0.16
CA SER C 954 -37.81 -13.19 -1.37
C SER C 954 -36.81 -12.04 -1.28
N LEU C 955 -36.33 -11.73 -0.08
CA LEU C 955 -35.35 -10.68 0.09
C LEU C 955 -34.01 -11.09 -0.50
N ARG C 956 -33.41 -10.20 -1.29
CA ARG C 956 -32.16 -10.47 -1.96
C ARG C 956 -31.08 -9.44 -1.72
N ARG C 957 -31.42 -8.18 -1.44
CA ARG C 957 -30.45 -7.12 -1.23
C ARG C 957 -30.77 -6.41 0.06
N LEU C 958 -29.83 -6.43 1.01
CA LEU C 958 -30.02 -5.82 2.31
C LEU C 958 -28.84 -4.90 2.60
N GLY C 959 -29.13 -3.64 2.88
CA GLY C 959 -28.09 -2.69 3.21
C GLY C 959 -28.00 -2.40 4.70
N LEU C 960 -26.90 -2.82 5.34
CA LEU C 960 -26.74 -2.67 6.78
C LEU C 960 -25.47 -1.90 7.13
N GLY C 961 -25.01 -1.03 6.24
CA GLY C 961 -23.81 -0.27 6.52
C GLY C 961 -24.07 0.84 7.52
N ALA C 962 -23.02 1.16 8.28
CA ALA C 962 -23.01 2.31 9.19
C ALA C 962 -24.19 2.29 10.15
N CYS C 963 -24.45 1.14 10.74
CA CYS C 963 -25.55 0.97 11.69
C CYS C 963 -25.08 0.85 13.12
N LYS C 964 -23.82 1.17 13.41
CA LYS C 964 -23.26 1.10 14.76
C LYS C 964 -23.39 -0.30 15.33
N LEU C 965 -22.75 -1.25 14.65
CA LEU C 965 -22.81 -2.66 15.02
C LEU C 965 -21.49 -3.07 15.64
N THR C 966 -21.54 -3.56 16.86
CA THR C 966 -20.36 -4.10 17.52
C THR C 966 -20.28 -5.59 17.27
N SER C 967 -19.41 -6.28 18.01
CA SER C 967 -19.26 -7.72 17.84
C SER C 967 -20.31 -8.52 18.60
N ASN C 968 -21.25 -7.87 19.27
CA ASN C 968 -22.28 -8.59 20.01
C ASN C 968 -23.32 -9.22 19.09
N CYS C 969 -23.65 -8.56 17.98
CA CYS C 969 -24.66 -9.05 17.06
C CYS C 969 -24.10 -10.00 16.01
N CYS C 970 -22.81 -10.31 16.08
CA CYS C 970 -22.20 -11.18 15.07
C CYS C 970 -22.77 -12.60 15.14
N GLU C 971 -23.09 -13.08 16.33
CA GLU C 971 -23.71 -14.41 16.43
C GLU C 971 -25.03 -14.46 15.68
N ALA C 972 -25.90 -13.48 15.94
CA ALA C 972 -27.20 -13.46 15.26
C ALA C 972 -27.04 -13.28 13.76
N LEU C 973 -26.11 -12.42 13.34
CA LEU C 973 -25.89 -12.22 11.91
C LEU C 973 -25.40 -13.50 11.24
N SER C 974 -24.46 -14.20 11.88
CA SER C 974 -23.96 -15.44 11.31
C SER C 974 -25.06 -16.48 11.24
N LEU C 975 -25.90 -16.57 12.28
CA LEU C 975 -27.01 -17.51 12.23
C LEU C 975 -27.98 -17.17 11.11
N ALA C 976 -28.27 -15.88 10.92
CA ALA C 976 -29.21 -15.48 9.89
C ALA C 976 -28.67 -15.79 8.50
N ILE C 977 -27.38 -15.54 8.26
CA ILE C 977 -26.84 -15.73 6.91
C ILE C 977 -26.32 -17.14 6.68
N SER C 978 -26.29 -18.00 7.70
CA SER C 978 -25.91 -19.38 7.46
C SER C 978 -27.02 -20.16 6.78
N CYS C 979 -28.27 -19.90 7.15
CA CYS C 979 -29.42 -20.58 6.56
C CYS C 979 -30.34 -19.52 5.96
N ASN C 980 -30.02 -19.11 4.73
CA ASN C 980 -30.82 -18.18 3.96
C ASN C 980 -30.37 -18.22 2.50
N PRO C 981 -30.83 -19.22 1.74
CA PRO C 981 -30.33 -19.37 0.36
C PRO C 981 -30.76 -18.27 -0.59
N HIS C 982 -31.64 -17.37 -0.17
CA HIS C 982 -32.14 -16.32 -1.06
C HIS C 982 -31.32 -15.05 -1.03
N LEU C 983 -30.51 -14.85 0.01
CA LEU C 983 -29.71 -13.63 0.12
C LEU C 983 -28.64 -13.60 -0.97
N ASN C 984 -28.43 -12.42 -1.54
CA ASN C 984 -27.50 -12.28 -2.65
C ASN C 984 -26.46 -11.20 -2.41
N SER C 985 -26.86 -10.11 -1.77
CA SER C 985 -25.96 -9.00 -1.50
C SER C 985 -26.09 -8.57 -0.05
N LEU C 986 -25.03 -7.94 0.47
CA LEU C 986 -25.03 -7.52 1.86
C LEU C 986 -23.98 -6.44 2.04
N ASN C 987 -24.32 -5.38 2.78
CA ASN C 987 -23.42 -4.28 3.06
C ASN C 987 -23.08 -4.27 4.54
N LEU C 988 -21.78 -4.14 4.85
CA LEU C 988 -21.35 -4.16 6.24
C LEU C 988 -20.26 -3.14 6.54
N VAL C 989 -20.10 -2.11 5.73
CA VAL C 989 -19.02 -1.17 5.92
C VAL C 989 -19.35 -0.21 7.06
N LYS C 990 -18.33 0.51 7.52
CA LYS C 990 -18.47 1.53 8.56
C LYS C 990 -19.05 0.96 9.85
N ASN C 991 -18.55 -0.21 10.25
CA ASN C 991 -18.97 -0.84 11.50
C ASN C 991 -17.74 -1.32 12.24
N ASP C 992 -17.85 -1.41 13.56
CA ASP C 992 -16.75 -1.80 14.43
C ASP C 992 -16.92 -3.28 14.75
N PHE C 993 -16.14 -4.13 14.09
CA PHE C 993 -16.16 -5.56 14.30
C PHE C 993 -14.82 -6.01 14.87
N SER C 994 -14.86 -6.85 15.88
CA SER C 994 -13.64 -7.38 16.48
C SER C 994 -13.21 -8.64 15.75
N THR C 995 -12.07 -9.21 16.16
CA THR C 995 -11.54 -10.39 15.48
C THR C 995 -12.45 -11.59 15.63
N SER C 996 -12.98 -11.82 16.82
CA SER C 996 -13.86 -12.97 17.03
C SER C 996 -15.15 -12.84 16.22
N GLY C 997 -15.75 -11.65 16.21
CA GLY C 997 -16.93 -11.44 15.41
C GLY C 997 -16.66 -11.62 13.93
N MET C 998 -15.53 -11.11 13.45
CA MET C 998 -15.19 -11.27 12.05
C MET C 998 -14.95 -12.74 11.71
N LEU C 999 -14.36 -13.49 12.63
CA LEU C 999 -14.16 -14.92 12.40
C LEU C 999 -15.49 -15.65 12.30
N LYS C 1000 -16.45 -15.31 13.17
CA LYS C 1000 -17.77 -15.92 13.08
C LYS C 1000 -18.45 -15.57 11.76
N LEU C 1001 -18.33 -14.31 11.33
CA LEU C 1001 -18.92 -13.92 10.05
C LEU C 1001 -18.27 -14.68 8.89
N CYS C 1002 -16.95 -14.84 8.94
CA CYS C 1002 -16.27 -15.60 7.88
C CYS C 1002 -16.72 -17.04 7.85
N SER C 1003 -16.85 -17.67 9.03
CA SER C 1003 -17.34 -19.04 9.08
C SER C 1003 -18.74 -19.14 8.49
N ALA C 1004 -19.59 -18.15 8.77
CA ALA C 1004 -20.91 -18.14 8.16
C ALA C 1004 -20.82 -18.01 6.65
N PHE C 1005 -19.92 -17.16 6.16
CA PHE C 1005 -19.73 -17.00 4.72
C PHE C 1005 -19.29 -18.30 4.07
N GLN C 1006 -18.48 -19.10 4.77
CA GLN C 1006 -17.99 -20.36 4.21
C GLN C 1006 -19.10 -21.37 3.98
N CYS C 1007 -20.27 -21.18 4.56
CA CYS C 1007 -21.32 -22.19 4.53
C CYS C 1007 -21.79 -22.44 3.10
N PRO C 1008 -21.92 -23.70 2.67
CA PRO C 1008 -22.37 -23.97 1.30
C PRO C 1008 -23.79 -23.52 1.01
N VAL C 1009 -24.64 -23.40 2.02
CA VAL C 1009 -26.03 -23.04 1.79
C VAL C 1009 -26.15 -21.63 1.25
N SER C 1010 -25.40 -20.69 1.83
CA SER C 1010 -25.49 -19.29 1.43
C SER C 1010 -24.97 -19.11 0.00
N ASN C 1011 -25.62 -18.20 -0.73
CA ASN C 1011 -25.28 -17.90 -2.11
C ASN C 1011 -24.98 -16.42 -2.29
N LEU C 1012 -24.22 -15.85 -1.36
CA LEU C 1012 -23.87 -14.44 -1.43
C LEU C 1012 -22.98 -14.18 -2.64
N GLY C 1013 -23.29 -13.11 -3.38
CA GLY C 1013 -22.52 -12.79 -4.56
C GLY C 1013 -21.72 -11.51 -4.41
N ILE C 1014 -22.22 -10.58 -3.61
CA ILE C 1014 -21.57 -9.30 -3.38
C ILE C 1014 -21.52 -9.05 -1.87
N ILE C 1015 -20.34 -8.72 -1.36
CA ILE C 1015 -20.16 -8.41 0.05
C ILE C 1015 -19.44 -7.08 0.16
N GLY C 1016 -19.96 -6.19 1.00
CA GLY C 1016 -19.33 -4.89 1.19
C GLY C 1016 -18.42 -4.86 2.39
N LEU C 1017 -17.10 -4.94 2.16
CA LEU C 1017 -16.13 -4.95 3.25
C LEU C 1017 -14.81 -4.39 2.74
N TRP C 1018 -14.12 -3.63 3.58
CA TRP C 1018 -12.76 -3.18 3.28
C TRP C 1018 -11.79 -4.11 3.99
N LYS C 1019 -11.37 -5.17 3.31
CA LYS C 1019 -10.58 -6.22 3.93
C LYS C 1019 -9.27 -5.72 4.51
N GLN C 1020 -8.86 -4.50 4.21
CA GLN C 1020 -7.62 -3.96 4.73
C GLN C 1020 -7.76 -3.36 6.13
N GLU C 1021 -8.95 -3.44 6.72
CA GLU C 1021 -9.18 -2.88 8.05
C GLU C 1021 -9.10 -3.92 9.16
N TYR C 1022 -8.65 -5.13 8.87
CA TYR C 1022 -8.66 -6.21 9.83
C TYR C 1022 -7.28 -6.84 9.93
N TYR C 1023 -7.11 -7.69 10.93
CA TYR C 1023 -5.81 -8.28 11.20
C TYR C 1023 -5.49 -9.38 10.19
N ALA C 1024 -4.31 -9.98 10.35
CA ALA C 1024 -3.83 -10.97 9.40
C ALA C 1024 -4.74 -12.20 9.37
N ARG C 1025 -5.21 -12.65 10.53
CA ARG C 1025 -6.04 -13.85 10.56
C ARG C 1025 -7.35 -13.63 9.80
N VAL C 1026 -7.99 -12.49 10.03
CA VAL C 1026 -9.23 -12.20 9.32
C VAL C 1026 -8.98 -12.03 7.83
N ARG C 1027 -7.86 -11.40 7.47
CA ARG C 1027 -7.54 -11.25 6.05
C ARG C 1027 -7.35 -12.61 5.39
N ARG C 1028 -6.65 -13.53 6.06
CA ARG C 1028 -6.46 -14.86 5.50
C ARG C 1028 -7.78 -15.60 5.36
N GLN C 1029 -8.68 -15.44 6.34
CA GLN C 1029 -9.99 -16.07 6.23
C GLN C 1029 -10.78 -15.53 5.05
N LEU C 1030 -10.74 -14.22 4.84
CA LEU C 1030 -11.43 -13.64 3.68
C LEU C 1030 -10.81 -14.12 2.36
N GLU C 1031 -9.49 -14.24 2.32
CA GLU C 1031 -8.85 -14.79 1.13
C GLU C 1031 -9.30 -16.21 0.88
N GLU C 1032 -9.44 -17.00 1.95
CA GLU C 1032 -9.94 -18.36 1.82
C GLU C 1032 -11.36 -18.37 1.27
N VAL C 1033 -12.21 -17.46 1.75
CA VAL C 1033 -13.57 -17.37 1.23
C VAL C 1033 -13.55 -17.11 -0.28
N GLU C 1034 -12.75 -16.13 -0.70
CA GLU C 1034 -12.69 -15.82 -2.12
C GLU C 1034 -12.10 -16.96 -2.94
N PHE C 1035 -11.17 -17.72 -2.34
CA PHE C 1035 -10.59 -18.87 -3.03
C PHE C 1035 -11.62 -19.98 -3.22
N VAL C 1036 -12.43 -20.25 -2.20
CA VAL C 1036 -13.43 -21.30 -2.31
C VAL C 1036 -14.53 -20.90 -3.28
N LYS C 1037 -15.01 -19.66 -3.18
CA LYS C 1037 -16.07 -19.19 -4.07
C LYS C 1037 -15.50 -18.19 -5.07
N PRO C 1038 -15.26 -18.60 -6.31
CA PRO C 1038 -14.54 -17.71 -7.25
C PRO C 1038 -15.37 -16.59 -7.82
N HIS C 1039 -16.69 -16.58 -7.61
CA HIS C 1039 -17.55 -15.56 -8.19
C HIS C 1039 -17.98 -14.50 -7.17
N VAL C 1040 -17.48 -14.56 -5.96
CA VAL C 1040 -17.87 -13.63 -4.90
C VAL C 1040 -17.02 -12.36 -5.03
N VAL C 1041 -17.67 -11.21 -4.99
CA VAL C 1041 -17.00 -9.92 -5.08
C VAL C 1041 -17.03 -9.28 -3.71
N ILE C 1042 -15.84 -9.14 -3.11
CA ILE C 1042 -15.71 -8.50 -1.80
C ILE C 1042 -15.02 -7.15 -1.99
N ASP C 1043 -15.82 -6.08 -2.12
CA ASP C 1043 -15.29 -4.76 -2.37
C ASP C 1043 -16.08 -3.75 -1.53
N GLY C 1044 -15.41 -2.65 -1.19
CA GLY C 1044 -16.04 -1.64 -0.36
C GLY C 1044 -17.00 -0.73 -1.09
N ASP C 1045 -16.93 -0.69 -2.42
CA ASP C 1045 -17.81 0.16 -3.22
C ASP C 1045 -19.09 -0.59 -3.52
N TRP C 1046 -19.90 -0.78 -2.47
CA TRP C 1046 -21.12 -1.58 -2.58
C TRP C 1046 -22.09 -0.99 -3.58
N TYR C 1047 -22.11 0.33 -3.73
CA TYR C 1047 -23.02 0.97 -4.67
C TYR C 1047 -22.49 0.97 -6.10
N ALA C 1048 -21.28 0.44 -6.32
CA ALA C 1048 -20.80 0.28 -7.69
C ALA C 1048 -21.58 -0.79 -8.43
N SER C 1049 -21.98 -1.86 -7.74
CA SER C 1049 -22.74 -2.93 -8.35
C SER C 1049 -24.14 -2.44 -8.70
N ASP C 1050 -24.55 -2.68 -9.95
CA ASP C 1050 -25.82 -2.17 -10.47
C ASP C 1050 -26.49 -3.27 -11.29
N GLU C 1051 -27.30 -4.09 -10.64
CA GLU C 1051 -28.01 -5.15 -11.35
C GLU C 1051 -29.05 -4.55 -12.29
N ASP C 1052 -30.01 -3.82 -11.74
CA ASP C 1052 -30.99 -3.09 -12.52
C ASP C 1052 -30.57 -1.63 -12.61
N ASP C 1053 -31.34 -0.86 -13.39
CA ASP C 1053 -31.00 0.53 -13.65
C ASP C 1053 -31.29 1.41 -12.43
N ARG C 1054 -30.55 1.20 -11.35
CA ARG C 1054 -30.82 1.94 -10.12
C ARG C 1054 -30.31 3.37 -10.20
N ASN C 1055 -29.21 3.62 -10.91
CA ASN C 1055 -28.59 4.94 -10.98
C ASN C 1055 -28.97 5.68 -12.24
N TRP C 1056 -30.20 5.49 -12.72
CA TRP C 1056 -30.62 6.13 -13.96
C TRP C 1056 -30.64 7.65 -13.84
N TRP C 1057 -30.83 8.17 -12.64
CA TRP C 1057 -30.97 9.60 -12.42
C TRP C 1057 -29.67 10.30 -12.07
N LYS C 1058 -28.56 9.56 -11.93
CA LYS C 1058 -27.30 10.15 -11.52
C LYS C 1058 -26.26 10.20 -12.63
N ASN C 1059 -26.49 9.50 -13.75
CA ASN C 1059 -25.54 9.49 -14.85
C ASN C 1059 -25.37 10.88 -15.45
N PHE D 110 -6.79 -13.29 33.42
CA PHE D 110 -6.31 -12.41 34.53
C PHE D 110 -6.21 -10.97 34.02
N LEU D 111 -5.92 -10.02 34.91
CA LEU D 111 -5.86 -8.60 34.53
C LEU D 111 -4.54 -8.48 35.30
N SEP D 112 -3.69 -9.49 35.19
CA SEP D 112 -2.44 -9.56 35.91
CB SEP D 112 -2.29 -10.92 36.57
OG SEP D 112 -0.98 -11.14 37.06
C SEP D 112 -1.39 -9.76 34.84
O SEP D 112 -1.71 -9.78 33.66
P SEP D 112 -0.73 -12.72 37.10
O1P SEP D 112 -1.93 -13.44 37.87
O2P SEP D 112 -0.68 -13.26 35.58
O3P SEP D 112 0.66 -13.04 37.83
N GLU D 113 -0.14 -9.90 35.25
CA GLU D 113 1.04 -9.74 34.40
C GLU D 113 0.89 -10.50 33.09
N SER D 114 1.16 -9.80 31.98
CA SER D 114 0.99 -10.35 30.64
C SER D 114 -0.44 -10.85 30.43
N ASP D 115 -1.40 -10.02 30.84
CA ASP D 115 -2.82 -10.36 30.75
C ASP D 115 -3.31 -10.06 29.34
N GLU D 116 -3.06 -11.01 28.44
CA GLU D 116 -3.47 -10.91 27.04
C GLU D 116 -2.95 -9.63 26.39
N LEU D 117 -1.62 -9.52 26.39
CA LEU D 117 -0.92 -8.37 25.84
C LEU D 117 -0.15 -8.79 24.59
N GLN D 118 -0.42 -8.10 23.47
CA GLN D 118 0.28 -8.34 22.20
C GLN D 118 0.16 -9.79 21.76
N ASP D 119 -0.99 -10.41 22.09
CA ASP D 119 -1.20 -11.79 21.68
C ASP D 119 -1.25 -11.95 20.16
N PRO D 120 -2.01 -11.16 19.41
CA PRO D 120 -1.98 -11.29 17.95
C PRO D 120 -0.77 -10.56 17.37
N GLN D 121 -0.65 -10.63 16.05
CA GLN D 121 0.45 -10.02 15.33
C GLN D 121 0.02 -9.78 13.88
N PRO D 122 0.05 -8.51 13.39
CA PRO D 122 -0.35 -8.21 12.01
C PRO D 122 0.82 -8.46 11.05
N VAL D 123 0.82 -9.62 10.39
CA VAL D 123 1.89 -9.96 9.45
C VAL D 123 1.84 -8.99 8.28
N TRP D 124 2.77 -8.04 8.26
CA TRP D 124 2.79 -7.04 7.20
C TRP D 124 3.21 -7.67 5.89
N ASP D 125 2.45 -7.39 4.84
CA ASP D 125 2.77 -7.91 3.52
C ASP D 125 3.92 -7.11 2.90
N ALA D 126 4.79 -7.81 2.15
CA ALA D 126 5.91 -7.18 1.46
C ALA D 126 5.46 -6.29 0.31
N GLU D 127 4.16 -6.27 0.03
CA GLU D 127 3.39 -5.47 -0.93
C GLU D 127 4.05 -5.30 -2.30
N PRO D 128 4.38 -6.38 -3.01
CA PRO D 128 4.63 -6.24 -4.45
C PRO D 128 3.33 -6.24 -5.25
N GLN D 129 2.89 -5.08 -5.73
CA GLN D 129 1.82 -5.00 -6.73
C GLN D 129 2.09 -3.92 -7.76
N PHE D 130 3.25 -3.97 -8.40
CA PHE D 130 3.53 -3.06 -9.51
C PHE D 130 3.89 -3.86 -10.76
N CYS D 131 3.23 -3.51 -11.87
CA CYS D 131 3.41 -4.26 -13.12
C CYS D 131 4.83 -4.13 -13.64
N GLN D 132 5.42 -2.94 -13.55
CA GLN D 132 6.81 -2.78 -14.01
C GLN D 132 7.74 -3.67 -13.22
N GLY D 133 7.57 -3.72 -11.90
CA GLY D 133 8.37 -4.63 -11.09
C GLY D 133 8.13 -6.08 -11.43
N PHE D 134 6.89 -6.44 -11.74
CA PHE D 134 6.60 -7.80 -12.16
C PHE D 134 7.35 -8.17 -13.42
N LEU D 135 7.35 -7.26 -14.40
CA LEU D 135 8.09 -7.52 -15.64
C LEU D 135 9.58 -7.63 -15.38
N ILE D 136 10.12 -6.75 -14.53
CA ILE D 136 11.55 -6.77 -14.24
C ILE D 136 11.93 -8.08 -13.57
N GLN D 137 11.12 -8.52 -12.60
CA GLN D 137 11.39 -9.79 -11.95
C GLN D 137 11.30 -10.96 -12.92
N GLY D 138 10.32 -10.94 -13.82
CA GLY D 138 10.22 -11.99 -14.81
C GLY D 138 11.45 -12.05 -15.71
N LEU D 139 11.93 -10.89 -16.16
CA LEU D 139 13.15 -10.86 -16.94
C LEU D 139 14.37 -11.28 -16.16
N TRP D 140 14.41 -11.00 -14.85
CA TRP D 140 15.54 -11.36 -14.02
C TRP D 140 15.63 -12.86 -13.76
N GLU D 141 14.49 -13.53 -13.57
CA GLU D 141 14.53 -14.97 -13.32
C GLU D 141 15.08 -15.76 -14.49
N LEU D 142 15.02 -15.20 -15.71
CA LEU D 142 15.59 -15.90 -16.87
C LEU D 142 17.10 -16.06 -16.72
N PHE D 143 17.78 -15.02 -16.24
CA PHE D 143 19.21 -15.14 -16.01
C PHE D 143 19.53 -16.24 -15.00
N MET D 144 18.75 -16.30 -13.91
CA MET D 144 19.00 -17.33 -12.90
C MET D 144 18.80 -18.72 -13.47
N ASP D 145 17.71 -18.93 -14.24
CA ASP D 145 17.48 -20.27 -14.76
C ASP D 145 18.50 -20.64 -15.83
N SER D 146 19.00 -19.66 -16.59
CA SER D 146 20.04 -19.97 -17.56
C SER D 146 21.37 -20.27 -16.87
N ARG D 147 21.65 -19.62 -15.75
CA ARG D 147 22.88 -19.89 -15.00
C ARG D 147 22.80 -21.21 -14.26
N GLN D 148 21.60 -21.66 -13.88
CA GLN D 148 21.48 -22.85 -13.05
C GLN D 148 22.02 -24.09 -13.76
N LYS D 149 21.74 -24.24 -15.05
CA LYS D 149 22.17 -25.42 -15.78
C LYS D 149 23.69 -25.46 -15.89
N ASN D 150 24.24 -26.67 -15.80
CA ASN D 150 25.68 -26.86 -15.90
C ASN D 150 25.99 -28.32 -16.25
N PRO D 177 1.82 -26.84 1.89
CA PRO D 177 0.50 -26.19 1.97
C PRO D 177 -0.34 -26.72 3.13
N ARG D 178 -1.66 -26.59 3.02
CA ARG D 178 -2.54 -27.16 4.03
C ARG D 178 -2.33 -28.66 4.11
N HIS D 179 -2.32 -29.20 5.33
CA HIS D 179 -1.85 -30.57 5.52
C HIS D 179 -2.93 -31.59 5.17
N ARG D 180 -3.98 -31.67 5.98
CA ARG D 180 -5.04 -32.65 5.71
C ARG D 180 -5.88 -31.73 6.56
N ASN D 181 -7.20 -31.69 6.38
CA ASN D 181 -8.07 -30.73 7.07
C ASN D 181 -9.06 -31.88 7.27
N SEP D 182 -8.88 -32.65 8.34
CA SEP D 182 -9.82 -33.71 8.67
CB SEP D 182 -9.12 -34.85 9.41
OG SEP D 182 -8.50 -34.39 10.60
C SEP D 182 -10.91 -33.12 9.57
O SEP D 182 -11.28 -31.96 9.41
P SEP D 182 -7.72 -35.59 11.30
O1P SEP D 182 -8.76 -36.63 11.96
O2P SEP D 182 -6.76 -35.01 12.46
O3P SEP D 182 -6.82 -36.36 10.22
N LEU D 183 -11.39 -33.92 10.52
CA LEU D 183 -12.46 -33.48 11.41
C LEU D 183 -12.07 -32.57 12.59
N SER D 184 -11.46 -31.43 12.28
CA SER D 184 -11.07 -30.48 13.31
C SER D 184 -11.42 -29.07 12.85
N ASP D 185 -12.05 -28.30 13.74
CA ASP D 185 -12.47 -26.95 13.42
C ASP D 185 -11.27 -26.04 13.16
N SER D 186 -11.40 -25.19 12.14
CA SER D 186 -10.33 -24.26 11.78
C SER D 186 -10.69 -22.80 12.05
N ALA D 187 -11.85 -22.52 12.64
CA ALA D 187 -12.24 -21.15 12.93
C ALA D 187 -11.65 -20.62 14.22
N ASP D 188 -10.98 -21.46 15.00
CA ASP D 188 -10.36 -21.03 16.25
C ASP D 188 -8.94 -20.53 15.96
N PRO D 189 -8.61 -19.29 16.32
CA PRO D 189 -7.25 -18.80 16.07
C PRO D 189 -6.22 -19.58 16.87
N PHE D 190 -5.05 -19.79 16.27
CA PHE D 190 -3.99 -20.54 16.92
C PHE D 190 -3.32 -19.71 18.00
N ALA D 220 -4.25 -14.41 -12.40
CA ALA D 220 -5.03 -13.33 -11.82
C ALA D 220 -4.27 -12.66 -10.68
N ASP D 221 -3.43 -11.70 -11.02
CA ASP D 221 -2.63 -10.96 -10.04
C ASP D 221 -3.13 -9.53 -9.94
N LYS D 222 -3.25 -9.04 -8.72
CA LYS D 222 -3.75 -7.69 -8.48
C LYS D 222 -2.58 -6.73 -8.34
N PHE D 223 -2.62 -5.63 -9.10
CA PHE D 223 -1.58 -4.62 -9.07
C PHE D 223 -2.12 -3.30 -8.57
N LEU D 224 -1.42 -2.71 -7.61
CA LEU D 224 -1.79 -1.42 -7.08
C LEU D 224 -1.45 -0.31 -8.07
N LYS D 225 -2.32 0.68 -8.14
CA LYS D 225 -2.05 1.82 -9.00
C LYS D 225 -0.86 2.60 -8.47
N PRO D 226 0.03 3.07 -9.33
CA PRO D 226 1.19 3.82 -8.87
C PRO D 226 0.85 5.27 -8.55
N LEU D 227 1.76 5.92 -7.83
CA LEU D 227 1.63 7.33 -7.48
C LEU D 227 2.28 8.15 -8.59
N SER D 228 1.51 8.45 -9.63
CA SER D 228 2.06 9.10 -10.82
C SER D 228 2.66 10.45 -10.46
N TRP D 229 3.88 10.68 -10.94
CA TRP D 229 4.64 11.90 -10.67
C TRP D 229 4.76 12.22 -9.20
N GLY D 230 4.53 11.22 -8.34
CA GLY D 230 4.54 11.48 -6.91
C GLY D 230 3.44 12.40 -6.43
N SER D 231 2.40 12.61 -7.23
CA SER D 231 1.32 13.52 -6.86
C SER D 231 -0.01 12.82 -6.68
N GLU D 232 -0.48 12.09 -7.69
CA GLU D 232 -1.82 11.54 -7.67
C GLU D 232 -1.80 10.07 -8.07
N VAL D 233 -2.94 9.41 -7.93
CA VAL D 233 -3.04 7.98 -8.20
C VAL D 233 -3.87 7.68 -9.44
N LEU D 234 -4.68 8.61 -9.93
CA LEU D 234 -5.40 8.48 -11.21
C LEU D 234 -6.32 7.25 -11.19
N GLU D 235 -7.33 7.33 -10.33
CA GLU D 235 -8.38 6.32 -10.28
C GLU D 235 -9.75 6.99 -10.29
N SER D 236 -10.80 6.21 -10.09
CA SER D 236 -12.17 6.71 -10.10
C SER D 236 -12.75 6.67 -8.70
N SER D 237 -13.54 7.70 -8.38
CA SER D 237 -14.12 7.84 -7.06
C SER D 237 -15.24 6.82 -6.84
N CYS D 238 -15.50 6.54 -5.57
CA CYS D 238 -16.55 5.59 -5.19
C CYS D 238 -17.94 6.21 -5.39
N ASN D 239 -18.93 5.34 -5.52
CA ASN D 239 -20.30 5.77 -5.69
C ASN D 239 -20.92 6.14 -4.34
N GLN D 240 -21.97 6.96 -4.41
CA GLN D 240 -22.67 7.39 -3.22
C GLN D 240 -24.15 7.01 -3.31
N PRO D 241 -24.78 6.70 -2.18
CA PRO D 241 -26.21 6.34 -2.23
C PRO D 241 -27.09 7.45 -2.75
N SER D 242 -26.71 8.71 -2.56
CA SER D 242 -27.51 9.84 -3.01
C SER D 242 -26.61 10.92 -3.59
N THR D 243 -27.21 11.75 -4.43
CA THR D 243 -26.50 12.90 -4.96
C THR D 243 -26.33 13.96 -3.87
N ALA D 244 -25.46 14.92 -4.15
CA ALA D 244 -25.12 15.95 -3.18
C ALA D 244 -25.27 17.34 -3.80
N LEU D 245 -25.64 18.30 -2.96
CA LEU D 245 -25.72 19.69 -3.36
C LEU D 245 -24.32 20.23 -3.61
N TRP D 246 -24.26 21.43 -4.21
CA TRP D 246 -22.95 22.04 -4.47
C TRP D 246 -22.18 22.24 -3.18
N GLN D 247 -22.84 22.82 -2.17
CA GLN D 247 -22.21 22.98 -0.87
C GLN D 247 -21.91 21.62 -0.24
N LEU D 248 -22.82 20.65 -0.42
CA LEU D 248 -22.60 19.32 0.14
C LEU D 248 -21.35 18.68 -0.45
N GLU D 249 -21.14 18.85 -1.75
CA GLU D 249 -19.98 18.27 -2.42
C GLU D 249 -18.69 19.04 -2.14
N ARG D 250 -18.80 20.28 -1.63
CA ARG D 250 -17.60 21.05 -1.33
C ARG D 250 -16.74 20.34 -0.28
N PHE D 251 -17.37 19.67 0.67
CA PHE D 251 -16.66 18.89 1.67
C PHE D 251 -16.90 17.40 1.43
N THR D 252 -15.82 16.64 1.40
CA THR D 252 -15.88 15.20 1.21
C THR D 252 -15.25 14.50 2.41
N VAL D 253 -15.57 13.22 2.56
CA VAL D 253 -15.03 12.44 3.66
C VAL D 253 -14.37 11.18 3.11
N PRO D 254 -13.31 10.69 3.71
CA PRO D 254 -12.62 9.51 3.17
C PRO D 254 -13.44 8.26 3.38
N GLN D 255 -13.01 7.18 2.71
CA GLN D 255 -13.62 5.88 2.89
C GLN D 255 -12.63 4.76 3.13
N ALA D 256 -11.39 4.88 2.68
CA ALA D 256 -10.39 3.85 2.93
C ALA D 256 -8.99 4.44 2.72
N LEU D 257 -8.00 3.71 3.21
CA LEU D 257 -6.60 4.07 3.05
C LEU D 257 -5.87 2.90 2.41
N GLN D 258 -5.10 3.19 1.36
CA GLN D 258 -4.36 2.16 0.63
C GLN D 258 -2.87 2.46 0.69
N LYS D 259 -2.10 1.56 1.28
CA LYS D 259 -0.66 1.78 1.41
C LYS D 259 0.02 1.66 0.06
N VAL D 260 0.95 2.57 -0.22
CA VAL D 260 1.59 2.60 -1.54
C VAL D 260 3.10 2.50 -1.45
N ARG D 261 3.68 2.91 -0.32
CA ARG D 261 5.13 2.94 -0.20
C ARG D 261 5.53 2.81 1.26
N VAL D 262 6.79 2.42 1.47
CA VAL D 262 7.38 2.35 2.80
C VAL D 262 8.78 2.93 2.73
N LEU D 263 9.05 3.91 3.58
CA LEU D 263 10.37 4.56 3.65
C LEU D 263 11.13 3.98 4.84
N LYS D 264 12.35 3.51 4.60
CA LYS D 264 13.10 2.76 5.60
C LYS D 264 14.11 3.68 6.28
N HIS D 265 13.66 4.34 7.35
CA HIS D 265 14.59 4.95 8.29
C HIS D 265 15.29 3.87 9.08
N GLN D 266 16.52 4.13 9.48
CA GLN D 266 17.31 3.13 10.17
C GLN D 266 17.20 3.21 11.69
N GLU D 267 16.43 4.15 12.22
CA GLU D 267 16.31 4.33 13.67
C GLU D 267 14.86 4.63 14.02
N LEU D 268 14.58 4.62 15.33
CA LEU D 268 13.23 4.87 15.80
C LEU D 268 12.76 6.25 15.37
N LEU D 269 11.56 6.31 14.78
CA LEU D 269 11.03 7.55 14.24
C LEU D 269 10.39 8.39 15.32
N LEU D 270 10.54 9.70 15.22
CA LEU D 270 9.93 10.64 16.15
C LEU D 270 8.95 11.60 15.48
N VAL D 271 9.34 12.23 14.37
CA VAL D 271 8.46 13.19 13.71
C VAL D 271 8.50 12.94 12.20
N VAL D 272 7.41 13.31 11.52
CA VAL D 272 7.33 13.27 10.07
C VAL D 272 6.67 14.54 9.58
N ALA D 273 7.03 14.97 8.37
CA ALA D 273 6.42 16.13 7.72
C ALA D 273 6.39 15.89 6.23
N VAL D 274 5.46 16.56 5.53
CA VAL D 274 5.25 16.22 4.13
C VAL D 274 5.49 17.38 3.18
N SER D 275 4.68 18.42 3.24
CA SER D 275 4.76 19.54 2.29
C SER D 275 4.60 19.06 0.85
N SER D 276 3.40 18.58 0.54
CA SER D 276 3.10 18.06 -0.79
C SER D 276 3.25 19.09 -1.90
N PHE D 277 3.52 20.36 -1.57
CA PHE D 277 3.78 21.34 -2.61
C PHE D 277 5.05 20.99 -3.38
N THR D 278 6.09 20.54 -2.69
CA THR D 278 7.35 20.18 -3.31
C THR D 278 7.57 18.68 -3.38
N ARG D 279 6.60 17.87 -2.96
CA ARG D 279 6.68 16.41 -3.04
C ARG D 279 7.89 15.87 -2.30
N HIS D 280 8.00 16.26 -1.02
CA HIS D 280 9.09 15.80 -0.17
C HIS D 280 8.51 15.13 1.07
N VAL D 281 9.36 14.42 1.79
CA VAL D 281 9.01 13.84 3.08
C VAL D 281 10.21 13.97 3.99
N PHE D 282 9.99 14.52 5.18
CA PHE D 282 11.05 14.70 6.17
C PHE D 282 10.77 13.76 7.34
N THR D 283 11.72 12.88 7.64
CA THR D 283 11.61 12.00 8.79
C THR D 283 12.70 12.35 9.80
N CYS D 284 12.30 12.64 11.03
CA CYS D 284 13.21 13.08 12.07
C CYS D 284 13.26 12.05 13.19
N SER D 285 14.46 11.58 13.48
CA SER D 285 14.76 10.69 14.59
C SER D 285 15.74 11.39 15.53
N GLN D 286 16.24 10.65 16.51
CA GLN D 286 17.09 11.28 17.52
C GLN D 286 18.50 11.55 17.01
N SER D 287 18.88 11.07 15.84
CA SER D 287 20.23 11.26 15.33
C SER D 287 20.31 12.19 14.13
N GLY D 288 19.24 12.34 13.37
CA GLY D 288 19.28 13.21 12.22
C GLY D 288 17.96 13.19 11.48
N ILE D 289 17.93 13.97 10.39
CA ILE D 289 16.73 14.15 9.59
C ILE D 289 17.01 13.66 8.17
N LYS D 290 16.15 12.79 7.66
CA LYS D 290 16.28 12.25 6.32
C LYS D 290 15.22 12.85 5.41
N VAL D 291 15.63 13.25 4.21
CA VAL D 291 14.74 13.88 3.24
C VAL D 291 14.55 12.94 2.07
N TRP D 292 13.29 12.61 1.77
CA TRP D 292 12.95 11.71 0.67
C TRP D 292 12.09 12.46 -0.33
N ASN D 293 12.14 11.98 -1.58
CA ASN D 293 11.29 12.50 -2.64
C ASN D 293 10.27 11.43 -3.02
N LEU D 294 9.07 11.88 -3.36
CA LEU D 294 7.97 10.96 -3.65
C LEU D 294 7.90 10.54 -5.10
N VAL D 295 8.76 11.07 -5.97
CA VAL D 295 8.71 10.71 -7.39
C VAL D 295 9.48 9.44 -7.72
N ASN D 296 10.10 8.81 -6.73
CA ASN D 296 10.86 7.57 -6.95
C ASN D 296 9.90 6.40 -6.89
N GLN D 297 9.57 5.83 -8.05
CA GLN D 297 8.60 4.74 -8.14
C GLN D 297 9.27 3.45 -7.69
N VAL D 298 9.07 3.11 -6.42
CA VAL D 298 9.63 1.89 -5.84
C VAL D 298 8.74 1.45 -4.70
N ALA D 299 8.62 0.13 -4.52
CA ALA D 299 7.75 -0.40 -3.48
C ALA D 299 8.23 0.03 -2.10
N GLU D 300 9.53 -0.05 -1.85
CA GLU D 300 10.12 0.43 -0.61
C GLU D 300 11.37 1.23 -0.93
N ASP D 301 11.59 2.30 -0.19
CA ASP D 301 12.69 3.22 -0.43
C ASP D 301 13.67 3.15 0.73
N ARG D 302 14.97 3.15 0.42
CA ARG D 302 15.96 3.09 1.47
C ARG D 302 17.17 3.99 1.19
N ASP D 303 17.01 5.03 0.37
CA ASP D 303 18.08 5.97 0.12
C ASP D 303 17.54 7.39 -0.03
N PRO D 304 17.69 8.22 1.00
CA PRO D 304 17.09 9.55 0.97
C PRO D 304 17.83 10.49 0.04
N GLU D 305 17.17 11.59 -0.29
CA GLU D 305 17.80 12.64 -1.08
C GLU D 305 18.89 13.35 -0.29
N SER D 306 18.76 13.42 1.03
CA SER D 306 19.75 14.05 1.88
C SER D 306 19.58 13.53 3.30
N HIS D 307 20.65 13.63 4.09
CA HIS D 307 20.66 13.13 5.45
C HIS D 307 21.38 14.17 6.32
N LEU D 308 20.60 15.09 6.90
CA LEU D 308 21.15 16.15 7.73
C LEU D 308 21.43 15.62 9.13
N LYS D 309 22.59 15.96 9.66
CA LYS D 309 23.00 15.53 10.99
C LYS D 309 23.53 16.73 11.76
N CYS D 310 23.52 16.62 13.09
CA CYS D 310 24.07 17.67 13.94
C CYS D 310 24.85 17.11 15.12
N SER D 311 25.15 15.80 15.11
CA SER D 311 25.82 15.18 16.25
C SER D 311 27.28 15.61 16.37
N VAL D 312 27.96 15.83 15.24
CA VAL D 312 29.37 16.18 15.27
C VAL D 312 29.60 17.57 15.87
N GLN D 313 28.56 18.38 15.96
CA GLN D 313 28.72 19.74 16.48
C GLN D 313 29.17 19.73 17.93
N ASP D 314 28.57 18.85 18.74
CA ASP D 314 28.84 18.77 20.18
C ASP D 314 29.23 17.33 20.53
N ASN D 315 29.30 17.07 21.84
CA ASN D 315 29.67 15.73 22.31
C ASN D 315 28.54 14.74 22.09
N LYS D 316 27.39 14.99 22.72
CA LYS D 316 26.25 14.09 22.62
C LYS D 316 24.97 14.92 22.61
N VAL D 317 24.35 15.05 21.44
CA VAL D 317 23.15 15.85 21.29
C VAL D 317 22.03 14.96 20.76
N TYR D 318 20.83 15.22 21.24
CA TYR D 318 19.64 14.48 20.82
C TYR D 318 18.72 15.40 20.05
N LEU D 319 17.90 14.82 19.18
CA LEU D 319 16.88 15.55 18.45
C LEU D 319 15.51 15.11 18.94
N ARG D 320 14.63 16.08 19.16
CA ARG D 320 13.28 15.79 19.64
C ARG D 320 12.21 16.11 18.61
N THR D 321 12.18 17.35 18.09
CA THR D 321 11.09 17.75 17.21
C THR D 321 11.65 18.46 15.98
N CYS D 322 10.86 18.40 14.91
CA CYS D 322 11.12 19.16 13.70
C CYS D 322 9.81 19.76 13.21
N LEU D 323 9.92 20.91 12.56
CA LEU D 323 8.75 21.64 12.07
C LEU D 323 9.01 22.10 10.65
N LEU D 324 7.97 22.09 9.83
CA LEU D 324 8.04 22.53 8.44
C LEU D 324 7.11 23.72 8.26
N SER D 325 7.62 24.79 7.65
CA SER D 325 6.85 26.01 7.50
C SER D 325 5.69 25.79 6.52
N SER D 326 4.73 26.73 6.56
CA SER D 326 3.55 26.61 5.72
C SER D 326 3.90 26.73 4.24
N ASN D 327 4.79 27.65 3.89
CA ASN D 327 5.14 27.87 2.50
C ASN D 327 6.25 26.94 2.02
N SER D 328 6.70 26.01 2.86
CA SER D 328 7.66 24.98 2.47
C SER D 328 9.00 25.56 2.05
N ARG D 329 9.45 26.60 2.76
CA ARG D 329 10.73 27.22 2.47
C ARG D 329 11.71 27.17 3.63
N THR D 330 11.30 26.74 4.81
CA THR D 330 12.16 26.76 5.99
C THR D 330 11.88 25.52 6.83
N LEU D 331 12.93 24.96 7.42
CA LEU D 331 12.78 23.82 8.31
C LEU D 331 13.39 24.15 9.67
N PHE D 332 12.69 23.79 10.74
CA PHE D 332 13.16 24.03 12.10
C PHE D 332 13.39 22.70 12.79
N ALA D 333 14.38 22.65 13.67
CA ALA D 333 14.64 21.45 14.44
C ALA D 333 15.13 21.81 15.82
N GLY D 334 14.69 21.04 16.81
CA GLY D 334 15.10 21.28 18.19
C GLY D 334 15.24 19.97 18.94
N GLY D 335 16.12 19.99 19.92
CA GLY D 335 16.47 18.80 20.67
C GLY D 335 16.88 19.10 22.09
N TYR D 336 17.68 18.22 22.67
CA TYR D 336 17.98 18.26 24.10
C TYR D 336 19.23 19.09 24.38
N ASN D 337 20.37 18.67 23.85
CA ASN D 337 21.66 19.25 24.22
C ASN D 337 22.16 20.27 23.22
N LEU D 338 21.34 20.67 22.25
CA LEU D 338 21.78 21.61 21.24
C LEU D 338 21.93 23.01 21.86
N PRO D 339 22.80 23.84 21.28
CA PRO D 339 22.90 25.24 21.70
C PRO D 339 21.88 26.16 21.06
N GLY D 340 20.87 25.62 20.37
CA GLY D 340 19.88 26.47 19.74
C GLY D 340 18.89 25.63 18.96
N VAL D 341 18.02 26.33 18.24
CA VAL D 341 17.02 25.71 17.37
C VAL D 341 17.55 25.83 15.95
N ILE D 342 17.97 24.71 15.37
CA ILE D 342 18.60 24.75 14.06
C ILE D 342 17.56 25.10 13.00
N VAL D 343 17.97 25.93 12.04
CA VAL D 343 17.11 26.36 10.95
C VAL D 343 17.80 26.03 9.64
N TRP D 344 17.09 25.37 8.73
CA TRP D 344 17.60 25.02 7.42
C TRP D 344 16.79 25.73 6.33
N ASP D 345 17.48 26.14 5.27
CA ASP D 345 16.85 26.79 4.14
C ASP D 345 16.59 25.76 3.05
N LEU D 346 15.37 25.73 2.53
CA LEU D 346 14.96 24.73 1.54
C LEU D 346 14.84 25.27 0.13
N ALA D 347 14.68 26.58 -0.05
CA ALA D 347 14.48 27.16 -1.37
C ALA D 347 15.78 27.52 -2.06
N ALA D 348 16.91 27.28 -1.42
CA ALA D 348 18.21 27.59 -2.00
C ALA D 348 18.67 26.47 -2.93
N PRO D 349 19.60 26.77 -3.84
CA PRO D 349 20.17 25.69 -4.66
C PRO D 349 20.85 24.61 -3.85
N SER D 350 21.35 24.93 -2.65
CA SER D 350 21.97 23.96 -1.77
C SER D 350 21.21 23.91 -0.45
N LEU D 351 21.14 22.73 0.14
CA LEU D 351 20.45 22.52 1.42
C LEU D 351 21.46 22.80 2.53
N TYR D 352 21.29 23.92 3.21
CA TYR D 352 22.25 24.34 4.22
C TYR D 352 21.55 25.02 5.39
N GLU D 353 22.27 25.02 6.51
CA GLU D 353 21.81 25.66 7.74
C GLU D 353 22.00 27.17 7.66
N LYS D 354 21.03 27.92 8.18
CA LYS D 354 21.00 29.37 8.03
C LYS D 354 21.18 30.11 9.34
N CYS D 355 20.43 29.77 10.38
CA CYS D 355 20.45 30.49 11.64
C CYS D 355 20.68 29.52 12.79
N GLN D 356 20.59 30.03 14.02
CA GLN D 356 20.79 29.18 15.19
C GLN D 356 19.70 29.31 16.24
N LEU D 357 19.12 30.50 16.43
CA LEU D 357 18.05 30.71 17.40
C LEU D 357 18.44 30.22 18.80
N PRO D 358 19.27 30.97 19.52
CA PRO D 358 19.89 30.43 20.74
C PRO D 358 18.90 30.06 21.82
N CYS D 359 19.12 28.89 22.43
CA CYS D 359 18.42 28.45 23.64
C CYS D 359 19.39 27.53 24.38
N GLU D 360 20.13 28.10 25.33
CA GLU D 360 21.34 27.46 25.84
C GLU D 360 21.06 26.20 26.64
N GLY D 361 20.34 26.30 27.75
CA GLY D 361 20.22 25.17 28.65
C GLY D 361 18.84 24.58 28.78
N LEU D 362 18.13 24.44 27.67
CA LEU D 362 16.75 24.01 27.69
C LEU D 362 16.52 22.92 26.63
N SER D 363 15.47 22.12 26.86
CA SER D 363 15.04 21.09 25.93
C SER D 363 13.78 21.56 25.21
N CYS D 364 13.76 21.43 23.88
CA CYS D 364 12.73 22.08 23.09
C CYS D 364 11.38 21.39 23.19
N GLN D 365 11.29 20.16 22.68
CA GLN D 365 10.10 19.30 22.80
C GLN D 365 8.82 19.88 22.20
N ALA D 366 8.87 21.08 21.63
CA ALA D 366 7.70 21.67 20.97
C ALA D 366 8.13 22.89 20.18
N LEU D 367 7.56 23.06 18.99
CA LEU D 367 7.91 24.15 18.11
C LEU D 367 6.66 24.70 17.43
N ALA D 368 6.73 25.97 17.01
CA ALA D 368 5.64 26.59 16.27
C ALA D 368 6.17 27.77 15.50
N ASN D 369 5.51 28.06 14.38
CA ASN D 369 5.86 29.17 13.51
C ASN D 369 4.63 30.04 13.33
N THR D 370 4.85 31.34 13.14
CA THR D 370 3.76 32.30 13.02
C THR D 370 3.94 33.09 11.75
N LYS D 371 2.82 33.42 11.10
CA LYS D 371 2.86 34.02 9.77
C LYS D 371 3.42 35.44 9.77
N GLU D 372 3.61 36.06 10.93
CA GLU D 372 4.24 37.36 11.00
C GLU D 372 5.76 37.28 11.05
N ASN D 373 6.34 36.20 10.53
CA ASN D 373 7.80 36.04 10.44
C ASN D 373 8.43 35.89 11.83
N MET D 374 7.79 35.12 12.70
CA MET D 374 8.30 34.86 14.03
C MET D 374 8.25 33.38 14.33
N ALA D 375 9.16 32.92 15.16
CA ALA D 375 9.19 31.53 15.59
C ALA D 375 9.03 31.46 17.09
N LEU D 376 8.60 30.31 17.60
CA LEU D 376 8.44 30.18 19.03
C LEU D 376 8.55 28.72 19.42
N ALA D 377 8.90 28.49 20.69
CA ALA D 377 9.08 27.15 21.18
C ALA D 377 8.67 27.10 22.65
N GLY D 378 8.33 25.90 23.11
CA GLY D 378 7.97 25.72 24.50
C GLY D 378 8.79 24.61 25.14
N PHE D 379 9.63 24.98 26.10
CA PHE D 379 10.64 24.06 26.62
C PHE D 379 10.07 23.22 27.76
N THR D 380 10.89 22.28 28.24
CA THR D 380 10.43 21.33 29.25
C THR D 380 10.09 22.04 30.56
N ASP D 381 10.92 22.99 30.99
CA ASP D 381 10.71 23.68 32.25
C ASP D 381 9.53 24.63 32.24
N GLY D 382 8.74 24.64 31.18
CA GLY D 382 7.58 25.51 31.07
C GLY D 382 7.84 26.82 30.36
N THR D 383 9.10 27.14 30.08
CA THR D 383 9.41 28.38 29.39
C THR D 383 8.94 28.33 27.94
N VAL D 384 8.30 29.39 27.49
CA VAL D 384 7.92 29.56 26.10
C VAL D 384 8.67 30.79 25.59
N ARG D 385 9.51 30.59 24.58
CA ARG D 385 10.35 31.65 24.05
C ARG D 385 9.92 32.00 22.63
N ILE D 386 10.01 33.29 22.30
CA ILE D 386 9.66 33.78 20.97
C ILE D 386 10.88 34.46 20.37
N TRP D 387 11.22 34.09 19.14
CA TRP D 387 12.32 34.67 18.39
C TRP D 387 11.81 35.36 17.14
N ASP D 388 12.54 36.41 16.74
CA ASP D 388 12.36 37.06 15.46
C ASP D 388 13.24 36.36 14.44
N LEU D 389 12.67 35.99 13.30
CA LEU D 389 13.39 35.14 12.36
C LEU D 389 14.46 35.90 11.58
N ARG D 390 14.20 37.16 11.25
CA ARG D 390 15.10 37.91 10.38
C ARG D 390 16.32 38.46 11.11
N THR D 391 16.35 38.42 12.44
CA THR D 391 17.47 38.94 13.20
C THR D 391 17.93 38.04 14.34
N GLN D 392 17.11 37.07 14.77
CA GLN D 392 17.50 36.02 15.71
C GLN D 392 17.75 36.55 17.11
N GLU D 393 16.91 37.45 17.62
CA GLU D 393 17.00 37.91 18.99
C GLU D 393 15.73 37.50 19.73
N ILE D 394 15.86 37.25 21.03
CA ILE D 394 14.72 36.85 21.83
C ILE D 394 13.78 38.05 21.98
N VAL D 395 12.51 37.85 21.65
CA VAL D 395 11.51 38.91 21.73
C VAL D 395 10.72 38.84 23.03
N ARG D 396 10.25 37.66 23.41
CA ARG D 396 9.48 37.53 24.63
C ARG D 396 9.74 36.17 25.28
N ASN D 397 9.62 36.15 26.60
CA ASN D 397 9.74 34.95 27.41
C ASN D 397 8.51 34.85 28.30
N LEU D 398 7.90 33.67 28.33
CA LEU D 398 6.77 33.39 29.21
C LEU D 398 7.13 32.18 30.06
N LYS D 399 6.65 32.16 31.30
CA LYS D 399 6.98 31.09 32.24
C LYS D 399 5.72 30.42 32.76
N GLY D 400 5.74 29.10 32.80
CA GLY D 400 4.68 28.33 33.41
C GLY D 400 5.26 27.19 34.22
N PRO D 401 4.38 26.34 34.76
CA PRO D 401 4.88 25.20 35.55
C PRO D 401 5.62 24.20 34.67
N THR D 402 6.37 23.33 35.34
CA THR D 402 7.16 22.34 34.63
C THR D 402 6.26 21.34 33.90
N ASN D 403 6.75 20.85 32.77
CA ASN D 403 6.05 19.85 31.96
C ASN D 403 4.64 20.33 31.59
N SER D 404 4.51 21.62 31.33
CA SER D 404 3.22 22.20 31.01
C SER D 404 3.16 22.82 29.62
N ALA D 405 4.20 22.65 28.81
CA ALA D 405 4.23 23.20 27.46
C ALA D 405 4.58 22.13 26.43
N ARG D 406 4.19 20.89 26.68
CA ARG D 406 4.48 19.83 25.71
C ARG D 406 3.66 19.97 24.44
N ASN D 407 2.60 20.77 24.47
CA ASN D 407 1.84 21.09 23.27
C ASN D 407 1.75 22.59 23.10
N LEU D 408 1.59 23.04 21.85
CA LEU D 408 1.59 24.47 21.55
C LEU D 408 0.79 24.70 20.30
N VAL D 409 -0.20 25.59 20.37
CA VAL D 409 -1.01 25.96 19.21
C VAL D 409 -1.02 27.48 19.12
N VAL D 410 -0.83 28.00 17.93
CA VAL D 410 -0.82 29.45 17.70
C VAL D 410 -2.05 29.80 16.89
N LYS D 411 -2.71 30.88 17.28
CA LYS D 411 -3.88 31.41 16.61
C LYS D 411 -3.61 32.87 16.25
N ASP D 412 -4.67 33.59 15.88
CA ASP D 412 -4.54 34.96 15.43
C ASP D 412 -3.74 35.81 16.41
N ASP D 413 -4.09 35.74 17.70
CA ASP D 413 -3.36 36.52 18.70
C ASP D 413 -3.16 35.79 20.02
N ASN D 414 -3.39 34.48 20.07
CA ASN D 414 -3.33 33.74 21.32
C ASN D 414 -2.47 32.50 21.16
N ILE D 415 -1.87 32.07 22.26
CA ILE D 415 -1.12 30.82 22.33
C ILE D 415 -1.85 29.89 23.26
N TRP D 416 -2.27 28.73 22.75
CA TRP D 416 -2.92 27.71 23.54
C TRP D 416 -1.90 26.66 23.93
N THR D 417 -1.79 26.41 25.24
CA THR D 417 -0.75 25.55 25.77
C THR D 417 -1.36 24.48 26.66
N GLY D 418 -0.92 23.24 26.46
CA GLY D 418 -1.34 22.13 27.29
C GLY D 418 -0.22 21.14 27.53
N GLY D 419 -0.18 20.56 28.71
CA GLY D 419 0.88 19.65 29.09
C GLY D 419 0.39 18.60 30.06
N LEU D 420 1.31 18.08 30.86
CA LEU D 420 1.01 16.96 31.75
C LEU D 420 0.39 17.39 33.07
N ASP D 421 0.16 18.69 33.28
CA ASP D 421 -0.53 19.16 34.47
C ASP D 421 -2.04 19.22 34.27
N ALA D 422 -2.54 18.75 33.13
CA ALA D 422 -3.97 18.69 32.85
C ALA D 422 -4.63 20.07 32.90
N CYS D 423 -3.91 21.10 32.49
CA CYS D 423 -4.43 22.46 32.44
C CYS D 423 -4.23 23.02 31.05
N LEU D 424 -5.24 23.71 30.53
CA LEU D 424 -5.19 24.35 29.23
C LEU D 424 -5.14 25.86 29.44
N ARG D 425 -4.03 26.48 29.05
CA ARG D 425 -3.84 27.90 29.25
C ARG D 425 -3.85 28.64 27.93
N CYS D 426 -4.24 29.92 27.98
CA CYS D 426 -4.30 30.77 26.80
C CYS D 426 -3.52 32.05 27.09
N TRP D 427 -2.32 32.14 26.55
CA TRP D 427 -1.51 33.34 26.69
C TRP D 427 -1.87 34.34 25.60
N ASP D 428 -1.90 35.61 25.97
CA ASP D 428 -2.16 36.71 25.04
C ASP D 428 -0.86 37.45 24.79
N LEU D 429 -0.50 37.59 23.51
CA LEU D 429 0.80 38.14 23.17
C LEU D 429 0.94 39.61 23.56
N ARG D 430 -0.12 40.41 23.36
CA ARG D 430 -0.06 41.82 23.72
C ARG D 430 0.31 42.04 25.18
N MET D 431 -0.41 41.43 26.11
CA MET D 431 -0.14 41.64 27.53
C MET D 431 0.78 40.59 28.14
N ALA D 432 1.08 39.50 27.43
CA ALA D 432 1.94 38.44 27.95
C ALA D 432 1.43 37.91 29.29
N LYS D 433 0.11 37.76 29.40
CA LYS D 433 -0.52 37.27 30.63
C LYS D 433 -1.56 36.21 30.30
N VAL D 434 -1.74 35.28 31.22
CA VAL D 434 -2.72 34.20 31.05
C VAL D 434 -4.12 34.79 31.08
N SER D 435 -4.95 34.38 30.12
CA SER D 435 -6.31 34.89 30.01
C SER D 435 -7.37 33.84 30.32
N LEU D 436 -7.01 32.56 30.37
CA LEU D 436 -7.99 31.52 30.59
C LEU D 436 -7.33 30.35 31.30
N GLU D 437 -8.14 29.58 32.02
CA GLU D 437 -7.67 28.38 32.70
C GLU D 437 -8.78 27.35 32.67
N HIS D 438 -8.40 26.08 32.52
CA HIS D 438 -9.38 24.99 32.52
C HIS D 438 -8.70 23.72 33.00
N LEU D 439 -9.45 22.91 33.73
CA LEU D 439 -8.96 21.65 34.26
C LEU D 439 -9.57 20.48 33.52
N PHE D 440 -8.83 19.37 33.48
CA PHE D 440 -9.26 18.16 32.82
C PHE D 440 -8.96 16.96 33.71
N GLN D 441 -9.59 15.83 33.39
CA GLN D 441 -9.48 14.64 34.22
C GLN D 441 -8.19 13.88 34.02
N SER D 442 -7.40 14.19 32.99
CA SER D 442 -6.16 13.47 32.74
C SER D 442 -5.23 14.38 31.95
N GLN D 443 -3.99 13.92 31.77
CA GLN D 443 -2.97 14.71 31.10
C GLN D 443 -3.32 14.93 29.64
N ILE D 444 -3.13 16.17 29.18
CA ILE D 444 -3.34 16.51 27.78
C ILE D 444 -2.13 16.02 26.98
N MET D 445 -2.36 15.08 26.07
CA MET D 445 -1.28 14.54 25.26
C MET D 445 -1.29 15.05 23.83
N SER D 446 -2.39 15.60 23.34
CA SER D 446 -2.34 16.15 21.98
C SER D 446 -3.30 17.31 21.85
N LEU D 447 -2.91 18.27 21.01
CA LEU D 447 -3.73 19.44 20.72
C LEU D 447 -3.80 19.65 19.22
N ALA D 448 -4.93 20.17 18.75
CA ALA D 448 -5.07 20.51 17.34
C ALA D 448 -6.13 21.59 17.19
N HIS D 449 -6.09 22.31 16.08
CA HIS D 449 -7.04 23.38 15.80
C HIS D 449 -7.58 23.23 14.38
N SER D 450 -8.91 23.33 14.24
CA SER D 450 -9.52 23.19 12.94
C SER D 450 -9.16 24.38 12.06
N PRO D 451 -8.96 24.17 10.76
CA PRO D 451 -8.55 25.27 9.88
C PRO D 451 -9.69 26.19 9.46
N THR D 452 -10.94 25.77 9.60
CA THR D 452 -12.07 26.57 9.14
C THR D 452 -13.00 27.00 10.25
N GLU D 453 -13.32 26.13 11.19
CA GLU D 453 -14.24 26.45 12.27
C GLU D 453 -13.44 26.97 13.47
N ASP D 454 -14.10 27.08 14.62
CA ASP D 454 -13.51 27.61 15.84
C ASP D 454 -13.39 26.53 16.91
N TRP D 455 -13.01 25.33 16.51
CA TRP D 455 -12.96 24.18 17.40
C TRP D 455 -11.52 23.82 17.72
N LEU D 456 -11.25 23.55 18.99
CA LEU D 456 -9.97 23.09 19.48
C LEU D 456 -10.15 21.65 19.93
N LEU D 457 -9.34 20.75 19.39
CA LEU D 457 -9.45 19.32 19.66
C LEU D 457 -8.35 18.91 20.63
N LEU D 458 -8.74 18.24 21.70
CA LEU D 458 -7.82 17.79 22.74
C LEU D 458 -7.88 16.27 22.85
N GLY D 459 -6.71 15.64 22.78
CA GLY D 459 -6.61 14.21 23.00
C GLY D 459 -5.95 13.93 24.33
N LEU D 460 -6.71 13.34 25.26
CA LEU D 460 -6.25 13.13 26.61
C LEU D 460 -5.53 11.80 26.76
N ALA D 461 -4.87 11.62 27.91
CA ALA D 461 -4.08 10.42 28.13
C ALA D 461 -4.94 9.20 28.42
N ASN D 462 -6.16 9.37 28.88
CA ASN D 462 -7.02 8.25 29.23
C ASN D 462 -7.90 7.81 28.07
N GLY D 463 -7.73 8.39 26.89
CA GLY D 463 -8.45 7.96 25.71
C GLY D 463 -9.59 8.85 25.27
N GLN D 464 -9.73 10.03 25.86
CA GLN D 464 -10.86 10.90 25.54
C GLN D 464 -10.50 11.90 24.46
N HIS D 465 -11.47 12.14 23.58
CA HIS D 465 -11.42 13.21 22.59
C HIS D 465 -12.38 14.30 23.04
N CYS D 466 -11.86 15.51 23.24
CA CYS D 466 -12.66 16.62 23.74
C CYS D 466 -12.64 17.76 22.74
N LEU D 467 -13.79 18.38 22.54
CA LEU D 467 -13.93 19.53 21.66
C LEU D 467 -14.22 20.75 22.52
N PHE D 468 -13.49 21.84 22.26
CA PHE D 468 -13.62 23.08 23.01
C PHE D 468 -13.84 24.21 22.03
N ASN D 469 -14.66 25.18 22.41
CA ASN D 469 -14.90 26.33 21.54
C ASN D 469 -13.88 27.42 21.86
N SER D 470 -13.00 27.70 20.91
CA SER D 470 -11.93 28.66 21.11
C SER D 470 -12.43 30.10 21.21
N ARG D 471 -13.65 30.38 20.75
CA ARG D 471 -14.19 31.74 20.77
C ARG D 471 -15.15 31.95 21.95
N LYS D 472 -16.21 31.15 22.01
CA LYS D 472 -17.18 31.31 23.09
C LYS D 472 -16.60 30.89 24.44
N ARG D 473 -15.77 29.85 24.44
CA ARG D 473 -15.14 29.35 25.66
C ARG D 473 -16.18 28.99 26.72
N ASP D 474 -17.30 28.42 26.26
CA ASP D 474 -18.39 28.08 27.18
C ASP D 474 -18.05 26.83 27.99
N GLN D 475 -17.88 25.69 27.32
CA GLN D 475 -17.54 24.45 27.99
C GLN D 475 -17.00 23.45 26.97
N VAL D 476 -16.32 22.45 27.49
CA VAL D 476 -15.79 21.36 26.68
C VAL D 476 -16.89 20.33 26.48
N LEU D 477 -16.68 19.42 25.53
CA LEU D 477 -17.62 18.33 25.31
C LEU D 477 -16.89 17.15 24.73
N THR D 478 -17.03 15.99 25.36
CA THR D 478 -16.33 14.78 24.93
C THR D 478 -17.12 14.11 23.82
N VAL D 479 -16.46 13.82 22.71
CA VAL D 479 -17.12 13.21 21.56
C VAL D 479 -16.88 11.71 21.50
N ASP D 480 -15.63 11.28 21.36
CA ASP D 480 -15.30 9.89 21.18
C ASP D 480 -14.30 9.44 22.23
N THR D 481 -14.40 8.18 22.62
CA THR D 481 -13.54 7.62 23.66
C THR D 481 -12.73 6.48 23.05
N LYS D 482 -11.49 6.77 22.67
CA LYS D 482 -10.60 5.71 22.21
C LYS D 482 -10.19 4.84 23.38
N ASP D 483 -9.68 3.65 23.05
CA ASP D 483 -9.27 2.68 24.05
C ASP D 483 -7.80 2.85 24.47
N ASN D 484 -7.07 3.73 23.81
CA ASN D 484 -5.64 3.85 24.03
C ASN D 484 -5.26 5.32 24.15
N THR D 485 -4.09 5.55 24.74
CA THR D 485 -3.59 6.91 24.89
C THR D 485 -3.34 7.54 23.51
N ILE D 486 -3.81 8.77 23.35
CA ILE D 486 -3.68 9.47 22.06
C ILE D 486 -2.34 10.19 22.04
N LEU D 487 -1.57 9.98 20.97
CA LEU D 487 -0.30 10.67 20.79
C LEU D 487 -0.34 11.73 19.70
N GLY D 488 -1.11 11.52 18.64
CA GLY D 488 -1.17 12.45 17.54
C GLY D 488 -2.59 12.80 17.17
N LEU D 489 -2.76 14.01 16.64
CA LEU D 489 -4.07 14.51 16.25
C LEU D 489 -3.88 15.56 15.17
N LYS D 490 -4.72 15.52 14.14
CA LYS D 490 -4.66 16.51 13.10
C LYS D 490 -6.00 16.61 12.39
N PHE D 491 -6.31 17.79 11.90
CA PHE D 491 -7.56 18.05 11.18
C PHE D 491 -7.32 17.94 9.68
N SER D 492 -8.41 17.65 8.96
CA SER D 492 -8.35 17.67 7.51
C SER D 492 -8.28 19.12 7.02
N PRO D 493 -7.78 19.34 5.80
CA PRO D 493 -7.72 20.71 5.28
C PRO D 493 -9.06 21.42 5.24
N ASN D 494 -10.15 20.70 5.01
CA ASN D 494 -11.48 21.30 5.01
C ASN D 494 -12.15 21.26 6.38
N GLY D 495 -11.50 20.67 7.37
CA GLY D 495 -12.05 20.65 8.72
C GLY D 495 -13.34 19.86 8.87
N LYS D 496 -13.44 18.71 8.22
CA LYS D 496 -14.62 17.87 8.32
C LYS D 496 -14.35 16.50 8.92
N TRP D 497 -13.09 16.15 9.14
CA TRP D 497 -12.74 14.89 9.76
C TRP D 497 -11.35 15.02 10.36
N TRP D 498 -11.03 14.10 11.27
CA TRP D 498 -9.72 14.11 11.90
C TRP D 498 -9.21 12.68 12.04
N ALA D 499 -7.89 12.56 12.18
CA ALA D 499 -7.23 11.28 12.34
C ALA D 499 -6.52 11.24 13.68
N SER D 500 -6.43 10.04 14.26
CA SER D 500 -5.84 9.85 15.58
C SER D 500 -4.95 8.62 15.58
N VAL D 501 -3.83 8.73 16.29
CA VAL D 501 -2.89 7.64 16.48
C VAL D 501 -2.56 7.53 17.95
N GLY D 502 -2.13 6.35 18.36
CA GLY D 502 -1.83 6.12 19.76
C GLY D 502 -0.92 4.94 20.01
N MET D 503 -1.20 4.17 21.06
CA MET D 503 -0.40 3.00 21.40
C MET D 503 -1.10 1.70 21.05
N GLY D 504 -2.15 1.73 20.24
CA GLY D 504 -2.97 0.54 20.05
C GLY D 504 -3.05 0.00 18.65
N ASN D 505 -1.97 0.10 17.89
CA ASN D 505 -1.81 -0.51 16.57
C ASN D 505 -2.77 0.02 15.52
N PHE D 506 -3.54 1.06 15.80
CA PHE D 506 -4.59 1.49 14.89
C PHE D 506 -4.50 2.97 14.57
N ILE D 507 -4.81 3.31 13.33
CA ILE D 507 -5.00 4.69 12.89
C ILE D 507 -6.49 4.89 12.69
N THR D 508 -7.07 5.82 13.45
CA THR D 508 -8.52 5.98 13.49
C THR D 508 -8.90 7.28 12.79
N VAL D 509 -10.07 7.29 12.16
CA VAL D 509 -10.62 8.46 11.49
C VAL D 509 -12.00 8.73 12.06
N HIS D 510 -12.29 9.99 12.36
CA HIS D 510 -13.57 10.40 12.92
C HIS D 510 -14.14 11.58 12.14
N SER D 511 -15.45 11.56 11.97
CA SER D 511 -16.14 12.66 11.30
C SER D 511 -16.30 13.84 12.25
N MET D 512 -16.58 15.01 11.68
CA MET D 512 -16.59 16.23 12.49
C MET D 512 -17.82 16.41 13.37
N PRO D 513 -19.04 16.46 12.84
CA PRO D 513 -20.16 16.96 13.65
C PRO D 513 -20.34 16.24 14.97
N THR D 514 -20.15 14.92 15.01
CA THR D 514 -20.36 14.14 16.21
C THR D 514 -19.17 13.30 16.64
N GLY D 515 -18.10 13.25 15.85
CA GLY D 515 -16.97 12.42 16.19
C GLY D 515 -17.17 10.94 15.97
N ALA D 516 -18.13 10.55 15.14
CA ALA D 516 -18.38 9.14 14.89
C ALA D 516 -17.22 8.51 14.14
N LYS D 517 -16.84 7.30 14.57
CA LYS D 517 -15.72 6.62 13.94
C LYS D 517 -16.11 6.13 12.55
N LEU D 518 -15.24 6.39 11.57
CA LEU D 518 -15.47 5.99 10.18
C LEU D 518 -14.81 4.67 9.84
N PHE D 519 -13.52 4.52 10.10
CA PHE D 519 -12.82 3.28 9.81
C PHE D 519 -11.51 3.24 10.57
N GLN D 520 -10.82 2.11 10.46
CA GLN D 520 -9.55 1.86 11.13
C GLN D 520 -8.59 1.18 10.16
N VAL D 521 -7.30 1.32 10.44
CA VAL D 521 -6.28 0.60 9.68
C VAL D 521 -5.23 0.09 10.66
N PRO D 522 -5.02 -1.23 10.75
CA PRO D 522 -4.06 -1.76 11.71
C PRO D 522 -2.63 -1.41 11.35
N GLU D 523 -1.78 -1.37 12.37
CA GLU D 523 -0.36 -1.07 12.22
C GLU D 523 0.44 -2.07 13.04
N VAL D 524 1.76 -2.01 12.91
CA VAL D 524 2.62 -3.02 13.53
C VAL D 524 2.93 -2.73 15.00
N GLY D 525 2.84 -1.47 15.44
CA GLY D 525 3.17 -1.14 16.80
C GLY D 525 2.71 0.25 17.20
N PRO D 526 3.22 0.75 18.32
CA PRO D 526 2.82 2.09 18.76
C PRO D 526 3.16 3.13 17.71
N VAL D 527 2.15 3.90 17.32
CA VAL D 527 2.29 4.93 16.30
C VAL D 527 2.53 6.25 17.02
N ARG D 528 3.68 6.87 16.75
CA ARG D 528 4.07 8.06 17.49
C ARG D 528 3.77 9.36 16.76
N CYS D 529 3.69 9.34 15.43
CA CYS D 529 3.49 10.58 14.69
C CYS D 529 2.86 10.26 13.34
N PHE D 530 2.24 11.27 12.76
CA PHE D 530 1.70 11.17 11.40
C PHE D 530 1.52 12.57 10.86
N ASP D 531 1.36 12.67 9.54
CA ASP D 531 1.16 13.95 8.89
C ASP D 531 0.32 13.78 7.64
N MET D 532 -0.26 14.89 7.18
CA MET D 532 -1.18 14.91 6.06
C MET D 532 -0.78 16.01 5.09
N THR D 533 -1.00 15.76 3.81
CA THR D 533 -0.72 16.75 2.77
C THR D 533 -1.76 17.87 2.81
N GLU D 534 -1.40 19.01 2.21
CA GLU D 534 -2.32 20.13 2.22
C GLU D 534 -3.51 19.92 1.29
N ASN D 535 -3.36 19.12 0.25
CA ASN D 535 -4.46 18.82 -0.67
C ASN D 535 -5.28 17.62 -0.24
N GLY D 536 -4.95 17.02 0.91
CA GLY D 536 -5.73 15.90 1.44
C GLY D 536 -5.71 14.68 0.57
N ARG D 537 -4.53 14.29 0.10
CA ARG D 537 -4.39 13.11 -0.76
C ARG D 537 -3.52 12.02 -0.17
N LEU D 538 -2.62 12.33 0.76
CA LEU D 538 -1.71 11.35 1.30
C LEU D 538 -1.63 11.47 2.81
N ILE D 539 -1.28 10.36 3.47
CA ILE D 539 -1.06 10.31 4.90
C ILE D 539 0.24 9.57 5.16
N ILE D 540 1.16 10.20 5.89
CA ILE D 540 2.42 9.58 6.25
C ILE D 540 2.34 9.19 7.72
N THR D 541 2.69 7.94 8.02
CA THR D 541 2.56 7.41 9.38
C THR D 541 3.81 6.62 9.74
N GLY D 542 4.50 7.02 10.79
CA GLY D 542 5.72 6.33 11.18
C GLY D 542 5.60 5.58 12.48
N SER D 543 5.66 4.25 12.44
CA SER D 543 5.38 3.47 13.64
C SER D 543 6.63 3.09 14.42
N ARG D 544 7.47 2.22 13.86
CA ARG D 544 8.66 1.77 14.58
C ARG D 544 9.93 2.41 14.06
N ASP D 545 10.28 2.14 12.80
CA ASP D 545 11.40 2.81 12.14
C ASP D 545 11.11 3.04 10.67
N CYS D 546 9.88 2.82 10.22
CA CYS D 546 9.50 2.98 8.82
C CYS D 546 8.32 3.92 8.72
N ALA D 547 8.36 4.80 7.73
CA ALA D 547 7.24 5.68 7.44
C ALA D 547 6.44 5.12 6.28
N SER D 548 5.16 4.85 6.52
CA SER D 548 4.27 4.29 5.53
C SER D 548 3.45 5.40 4.89
N VAL D 549 3.30 5.34 3.57
CA VAL D 549 2.52 6.31 2.81
C VAL D 549 1.19 5.67 2.44
N TYR D 550 0.11 6.37 2.74
CA TYR D 550 -1.24 5.90 2.47
C TYR D 550 -1.94 6.87 1.53
N HIS D 551 -2.60 6.33 0.52
CA HIS D 551 -3.43 7.10 -0.39
C HIS D 551 -4.87 7.04 0.12
N ILE D 552 -5.51 8.20 0.17
CA ILE D 552 -6.86 8.32 0.71
C ILE D 552 -7.86 8.15 -0.42
N LYS D 553 -8.75 7.16 -0.28
CA LYS D 553 -9.76 6.90 -1.28
C LYS D 553 -11.05 7.61 -0.90
N TYR D 554 -11.49 8.54 -1.73
CA TYR D 554 -12.72 9.26 -1.48
C TYR D 554 -13.89 8.57 -2.15
N SER E 26 29.43 23.58 -27.99
CA SER E 26 29.10 22.15 -27.98
C SER E 26 28.85 21.66 -26.56
N LEU E 27 28.82 22.58 -25.62
CA LEU E 27 28.62 22.25 -24.21
C LEU E 27 27.88 23.38 -23.52
N ARG E 28 26.88 23.03 -22.72
CA ARG E 28 26.11 24.00 -21.96
C ARG E 28 26.04 23.57 -20.51
N LEU E 29 26.23 24.51 -19.60
CA LEU E 29 26.21 24.25 -18.17
C LEU E 29 25.02 24.96 -17.52
N ARG E 30 24.46 24.31 -16.51
CA ARG E 30 23.29 24.84 -15.82
C ARG E 30 23.39 24.44 -14.35
N THR E 31 22.77 25.23 -13.48
CA THR E 31 22.73 24.89 -12.06
C THR E 31 21.41 24.20 -11.75
N ARG E 32 21.49 22.99 -11.21
CA ARG E 32 20.28 22.26 -10.87
C ARG E 32 20.04 22.34 -9.38
N PRO E 33 18.97 22.99 -8.93
CA PRO E 33 18.70 23.06 -7.49
C PRO E 33 18.44 21.69 -6.91
N TRP E 34 18.78 21.54 -5.63
CA TRP E 34 18.69 20.23 -4.98
C TRP E 34 17.26 19.73 -4.93
N TRP E 35 16.28 20.62 -4.82
CA TRP E 35 14.90 20.21 -4.66
C TRP E 35 14.28 19.70 -5.95
N PHE E 36 14.92 19.91 -7.09
CA PHE E 36 14.42 19.39 -8.34
C PHE E 36 14.87 17.95 -8.52
N PRO E 37 13.95 17.00 -8.65
CA PRO E 37 14.37 15.60 -8.77
C PRO E 37 15.13 15.34 -10.06
N ILE E 38 16.01 14.34 -10.01
CA ILE E 38 16.78 13.98 -11.19
C ILE E 38 15.92 13.26 -12.23
N GLN E 39 14.78 12.71 -11.82
CA GLN E 39 13.94 11.97 -12.75
C GLN E 39 13.27 12.85 -13.79
N GLU E 40 13.23 14.16 -13.57
CA GLU E 40 12.46 15.06 -14.43
C GLU E 40 13.35 15.89 -15.36
N VAL E 41 14.60 15.48 -15.54
CA VAL E 41 15.47 16.11 -16.53
C VAL E 41 15.55 15.30 -17.82
N SER E 42 14.63 14.35 -18.02
CA SER E 42 14.72 13.41 -19.12
C SER E 42 13.71 13.65 -20.23
N ASN E 43 12.59 14.30 -19.95
CA ASN E 43 11.55 14.55 -20.95
C ASN E 43 11.27 16.04 -21.02
N PRO E 44 12.18 16.83 -21.57
CA PRO E 44 11.97 18.27 -21.62
C PRO E 44 10.97 18.65 -22.68
N LEU E 45 10.46 19.87 -22.55
CA LEU E 45 9.59 20.49 -23.54
C LEU E 45 10.39 21.54 -24.29
N VAL E 46 10.41 21.45 -25.61
CA VAL E 46 11.23 22.31 -26.45
C VAL E 46 10.30 23.15 -27.32
N LEU E 47 10.57 24.45 -27.37
CA LEU E 47 9.79 25.33 -28.23
C LEU E 47 10.66 26.48 -28.71
N TYR E 48 10.14 27.22 -29.68
CA TYR E 48 10.88 28.27 -30.35
C TYR E 48 10.07 29.55 -30.40
N MET E 49 10.72 30.67 -30.08
CA MET E 49 10.11 31.99 -30.17
C MET E 49 11.06 32.95 -30.87
N GLU E 50 10.72 34.23 -30.83
CA GLU E 50 11.53 35.26 -31.45
C GLU E 50 12.56 35.79 -30.46
N ALA E 51 13.81 35.88 -30.92
CA ALA E 51 14.89 36.34 -30.04
C ALA E 51 14.67 37.78 -29.60
N TRP E 52 14.05 38.60 -30.45
CA TRP E 52 13.82 39.99 -30.11
C TRP E 52 12.87 40.11 -28.92
N VAL E 53 11.90 39.21 -28.82
CA VAL E 53 11.11 39.12 -27.58
C VAL E 53 11.95 38.52 -26.47
N ALA E 54 12.66 37.43 -26.75
CA ALA E 54 13.26 36.62 -25.69
C ALA E 54 14.33 37.37 -24.93
N GLU E 55 15.02 38.30 -25.57
CA GLU E 55 16.09 39.03 -24.88
C GLU E 55 15.53 39.82 -23.70
N ARG E 56 14.52 40.65 -23.95
CA ARG E 56 13.89 41.39 -22.86
C ARG E 56 13.02 40.49 -22.00
N VAL E 57 12.61 39.33 -22.52
CA VAL E 57 11.91 38.35 -21.69
C VAL E 57 12.82 37.87 -20.56
N ILE E 58 14.05 37.52 -20.92
CA ILE E 58 14.99 37.00 -19.93
C ILE E 58 15.52 38.13 -19.05
N GLY E 59 15.90 39.25 -19.67
CA GLY E 59 16.50 40.29 -18.86
C GLY E 59 17.95 39.96 -18.54
N THR E 60 18.39 40.39 -17.36
CA THR E 60 19.79 40.24 -17.02
C THR E 60 20.04 39.45 -15.74
N ASP E 61 19.26 39.67 -14.70
CA ASP E 61 19.57 39.12 -13.39
C ASP E 61 18.87 37.80 -13.11
N GLN E 62 19.19 37.19 -11.98
CA GLN E 62 18.75 35.84 -11.65
C GLN E 62 17.67 35.79 -10.59
N ALA E 63 17.37 36.90 -9.92
CA ALA E 63 16.51 36.86 -8.75
C ALA E 63 15.11 36.37 -9.09
N GLU E 64 14.38 37.12 -9.93
CA GLU E 64 13.01 36.72 -10.22
C GLU E 64 12.97 35.48 -11.11
N ILE E 65 14.05 35.21 -11.84
CA ILE E 65 14.11 33.96 -12.58
C ILE E 65 14.06 32.77 -11.63
N SER E 66 14.90 32.81 -10.58
CA SER E 66 14.88 31.74 -9.59
C SER E 66 13.56 31.71 -8.84
N GLU E 67 12.99 32.88 -8.55
CA GLU E 67 11.69 32.91 -7.87
C GLU E 67 10.60 32.28 -8.71
N ILE E 68 10.56 32.58 -9.99
CA ILE E 68 9.56 31.99 -10.88
C ILE E 68 9.79 30.49 -11.01
N GLU E 69 11.05 30.06 -11.08
CA GLU E 69 11.32 28.63 -11.12
C GLU E 69 10.82 27.93 -9.88
N TRP E 70 11.04 28.53 -8.70
CA TRP E 70 10.54 27.92 -7.47
C TRP E 70 9.01 27.89 -7.46
N MET E 71 8.36 28.97 -7.89
CA MET E 71 6.91 29.02 -7.87
C MET E 71 6.30 27.99 -8.79
N CYS E 72 6.85 27.83 -9.99
CA CYS E 72 6.30 26.89 -10.96
C CYS E 72 6.81 25.47 -10.77
N GLN E 73 7.82 25.26 -9.93
CA GLN E 73 8.45 23.95 -9.76
C GLN E 73 8.95 23.40 -11.10
N ALA E 74 9.45 24.29 -11.95
CA ALA E 74 9.95 23.93 -13.27
C ALA E 74 11.21 24.71 -13.57
N LEU E 75 12.07 24.12 -14.38
CA LEU E 75 13.33 24.73 -14.80
C LEU E 75 13.22 25.27 -16.21
N LEU E 76 13.81 26.44 -16.43
CA LEU E 76 13.73 27.15 -17.70
C LEU E 76 15.12 27.41 -18.24
N THR E 77 15.31 27.15 -19.53
CA THR E 77 16.59 27.39 -20.19
C THR E 77 16.35 28.05 -21.53
N VAL E 78 17.04 29.16 -21.79
CA VAL E 78 16.87 29.93 -23.01
C VAL E 78 18.23 30.03 -23.71
N ASP E 79 18.26 29.65 -24.98
CA ASP E 79 19.46 29.75 -25.81
C ASP E 79 19.15 30.57 -27.04
N SER E 80 20.15 31.28 -27.55
CA SER E 80 20.01 32.11 -28.73
C SER E 80 20.94 31.69 -29.86
N VAL E 81 21.67 30.58 -29.71
CA VAL E 81 22.62 30.15 -30.74
C VAL E 81 21.82 29.36 -31.77
N ASN E 82 21.23 30.06 -32.72
CA ASN E 82 20.35 29.50 -33.74
C ASN E 82 20.72 30.15 -35.06
N SER E 83 19.83 30.03 -36.06
CA SER E 83 20.05 30.58 -37.39
C SER E 83 20.33 32.08 -37.40
N GLY E 84 20.17 32.77 -36.27
CA GLY E 84 20.56 34.17 -36.17
C GLY E 84 19.54 35.03 -35.46
N ASN E 85 18.25 34.74 -35.65
CA ASN E 85 17.21 35.46 -34.93
C ASN E 85 16.14 34.43 -34.56
N LEU E 86 16.30 33.82 -33.39
CA LEU E 86 15.38 32.83 -32.87
C LEU E 86 15.71 32.60 -31.41
N ALA E 87 14.80 31.93 -30.71
CA ALA E 87 14.96 31.64 -29.29
C ALA E 87 14.56 30.20 -29.03
N GLU E 88 15.52 29.41 -28.57
CA GLU E 88 15.32 28.00 -28.22
C GLU E 88 15.04 27.93 -26.73
N ILE E 89 13.85 27.47 -26.35
CA ILE E 89 13.42 27.43 -24.96
C ILE E 89 13.16 25.99 -24.55
N THR E 90 13.77 25.58 -23.44
CA THR E 90 13.61 24.26 -22.88
C THR E 90 13.02 24.37 -21.49
N ILE E 91 11.98 23.58 -21.22
CA ILE E 91 11.28 23.60 -19.93
C ILE E 91 11.29 22.20 -19.37
N PHE E 92 11.72 22.07 -18.11
CA PHE E 92 11.79 20.78 -17.43
C PHE E 92 10.69 20.69 -16.38
N GLY E 93 10.39 19.47 -15.97
CA GLY E 93 9.46 19.21 -14.89
C GLY E 93 8.28 18.39 -15.35
N GLN E 94 7.37 18.15 -14.41
CA GLN E 94 6.18 17.37 -14.69
C GLN E 94 5.25 18.16 -15.61
N PRO E 95 4.34 17.46 -16.31
CA PRO E 95 3.53 18.15 -17.33
C PRO E 95 2.74 19.34 -16.83
N SER E 96 2.22 19.28 -15.59
CA SER E 96 1.50 20.44 -15.07
C SER E 96 2.41 21.65 -14.93
N ALA E 97 3.62 21.45 -14.40
CA ALA E 97 4.57 22.54 -14.27
C ALA E 97 4.98 23.08 -15.64
N GLN E 98 5.21 22.17 -16.59
CA GLN E 98 5.56 22.60 -17.94
C GLN E 98 4.46 23.46 -18.54
N THR E 99 3.20 23.04 -18.35
CA THR E 99 2.08 23.80 -18.86
C THR E 99 2.01 25.18 -18.21
N ARG E 100 2.21 25.24 -16.88
CA ARG E 100 2.15 26.53 -16.19
C ARG E 100 3.21 27.49 -16.71
N MET E 101 4.45 27.01 -16.84
CA MET E 101 5.51 27.88 -17.33
C MET E 101 5.26 28.30 -18.77
N LYS E 102 4.76 27.38 -19.60
CA LYS E 102 4.48 27.71 -20.99
C LYS E 102 3.42 28.80 -21.10
N ASN E 103 2.35 28.69 -20.31
CA ASN E 103 1.32 29.72 -20.33
C ASN E 103 1.86 31.05 -19.82
N ILE E 104 2.69 31.04 -18.78
CA ILE E 104 3.26 32.29 -18.28
C ILE E 104 4.07 32.96 -19.39
N LEU E 105 4.94 32.20 -20.04
CA LEU E 105 5.76 32.76 -21.11
C LEU E 105 4.91 33.29 -22.25
N LEU E 106 3.91 32.51 -22.67
CA LEU E 106 3.09 32.92 -23.81
C LEU E 106 2.31 34.18 -23.50
N ASN E 107 1.68 34.24 -22.32
CA ASN E 107 0.88 35.41 -21.96
C ASN E 107 1.75 36.66 -21.84
N MET E 108 2.91 36.53 -21.18
CA MET E 108 3.76 37.69 -21.02
C MET E 108 4.36 38.14 -22.36
N ALA E 109 4.70 37.19 -23.23
CA ALA E 109 5.19 37.56 -24.56
C ALA E 109 4.11 38.25 -25.38
N ALA E 110 2.87 37.77 -25.30
CA ALA E 110 1.77 38.41 -26.01
C ALA E 110 1.55 39.83 -25.50
N TRP E 111 1.62 40.01 -24.18
CA TRP E 111 1.47 41.35 -23.62
C TRP E 111 2.60 42.26 -24.07
N HIS E 112 3.83 41.74 -24.12
CA HIS E 112 4.96 42.53 -24.61
C HIS E 112 4.76 42.93 -26.07
N LYS E 113 4.32 42.00 -26.91
CA LYS E 113 4.20 42.31 -28.33
C LYS E 113 2.99 43.20 -28.61
N GLU E 114 1.99 43.18 -27.74
CA GLU E 114 0.81 44.02 -27.93
C GLU E 114 0.70 45.07 -26.84
#